data_9Q3B
# 
_entry.id   9Q3B 
# 
_audit_conform.dict_name       mmcif_pdbx.dic 
_audit_conform.dict_version    5.406 
_audit_conform.dict_location   http://mmcif.pdb.org/dictionaries/ascii/mmcif_pdbx.dic 
# 
loop_
_database_2.database_id 
_database_2.database_code 
_database_2.pdbx_database_accession 
_database_2.pdbx_DOI 
PDB   9Q3B         pdb_00009q3b 10.2210/pdb9q3b/pdb 
WWPDB D_1000298397 ?            ?                   
# 
_pdbx_audit_revision_history.ordinal             1 
_pdbx_audit_revision_history.data_content_type   'Structure model' 
_pdbx_audit_revision_history.major_revision      1 
_pdbx_audit_revision_history.minor_revision      0 
_pdbx_audit_revision_history.revision_date       2025-11-05 
_pdbx_audit_revision_history.part_number         ? 
# 
_pdbx_audit_revision_details.ordinal             1 
_pdbx_audit_revision_details.revision_ordinal    1 
_pdbx_audit_revision_details.data_content_type   'Structure model' 
_pdbx_audit_revision_details.provider            repository 
_pdbx_audit_revision_details.type                'Initial release' 
_pdbx_audit_revision_details.description         ? 
_pdbx_audit_revision_details.details             ? 
# 
_pdbx_database_status.status_code                     REL 
_pdbx_database_status.status_code_sf                  REL 
_pdbx_database_status.status_code_mr                  ? 
_pdbx_database_status.entry_id                        9Q3B 
_pdbx_database_status.recvd_initial_deposition_date   2025-08-18 
_pdbx_database_status.SG_entry                        N 
_pdbx_database_status.deposit_site                    RCSB 
_pdbx_database_status.process_site                    RCSB 
_pdbx_database_status.status_code_cs                  ? 
_pdbx_database_status.status_code_nmr_data            ? 
_pdbx_database_status.methods_development_category    ? 
_pdbx_database_status.pdb_format_compatible           Y 
# 
_pdbx_contact_author.id                 4 
_pdbx_contact_author.email              rs17@nyu.edu 
_pdbx_contact_author.name_first         Ruojie 
_pdbx_contact_author.name_last          Sha 
_pdbx_contact_author.name_mi            ? 
_pdbx_contact_author.role               'principal investigator/group leader' 
_pdbx_contact_author.identifier_ORCID   0000-0002-0807-734X 
# 
loop_
_audit_author.name 
_audit_author.pdbx_ordinal 
_audit_author.identifier_ORCID 
'Horvath, A.'   1 0009-0008-5770-8014 
'Woloszyn, K.'  2 0000-0003-1200-583X 
'Vecchioni, S.' 3 0000-0001-8243-650X 
'Ohayon, Y.P.'  4 0000-0001-7500-4282 
'Sha, R.'       5 0000-0002-0807-734X 
# 
_citation.abstract                  ? 
_citation.abstract_id_CAS           ? 
_citation.book_id_ISBN              ? 
_citation.book_publisher            ? 
_citation.book_publisher_city       ? 
_citation.book_title                ? 
_citation.coordinate_linkage        ? 
_citation.country                   ? 
_citation.database_id_Medline       ? 
_citation.details                   ? 
_citation.id                        primary 
_citation.journal_abbrev            'To Be Published' 
_citation.journal_id_ASTM           ? 
_citation.journal_id_CSD            0353 
_citation.journal_id_ISSN           ? 
_citation.journal_full              ? 
_citation.journal_issue             ? 
_citation.journal_volume            ? 
_citation.language                  ? 
_citation.page_first                ? 
_citation.page_last                 ? 
_citation.title                     'Blunted Tensegrity Triangles' 
_citation.year                      ? 
_citation.database_id_CSD           ? 
_citation.pdbx_database_id_DOI      ? 
_citation.pdbx_database_id_PubMed   ? 
_citation.pdbx_database_id_patent   ? 
_citation.unpublished_flag          ? 
# 
loop_
_citation_author.citation_id 
_citation_author.name 
_citation_author.ordinal 
_citation_author.identifier_ORCID 
primary 'Horvath, A.'   1 0009-0008-5770-8014 
primary 'Woloszyn, K.'  2 0000-0003-1200-583X 
primary 'Vecchioni, S.' 3 0000-0001-8243-650X 
primary 'Ohayon, Y.P.'  4 0000-0001-7500-4282 
primary 'Sha, R.'       5 0000-0002-0807-734X 
# 
loop_
_entity.id 
_entity.type 
_entity.src_method 
_entity.pdbx_description 
_entity.formula_weight 
_entity.pdbx_number_of_molecules 
_entity.pdbx_ec 
_entity.pdbx_mutation 
_entity.pdbx_fragment 
_entity.details 
1 polymer syn 
;DNA (5'-D(*GP*AP*CP*AP*GP*CP*CP*TP*GP*TP*CP*GP*GP*AP*CP*AP*TP*CP*AP*GP*A)-3')
;
6457.188 1 ? ? ? ? 
2 polymer syn 
;DNA (5'-D(P*CP*CP*GP*AP*CP*A)-3')
;
1778.208 1 ? ? ? ? 
3 polymer syn 
;DNA (5'-D(*TP*CP*TP*GP*AP*TP*GP*T)-3')
;
2432.614 1 ? ? ? ? 
4 polymer syn 
;DNA (5'-D(P*GP*GP*CP*TP*GP*TP*C)-3')
;
2129.409 1 ? ? ? ? 
# 
loop_
_entity_poly.entity_id 
_entity_poly.type 
_entity_poly.nstd_linkage 
_entity_poly.nstd_monomer 
_entity_poly.pdbx_seq_one_letter_code 
_entity_poly.pdbx_seq_one_letter_code_can 
_entity_poly.pdbx_strand_id 
_entity_poly.pdbx_target_identifier 
1 polydeoxyribonucleotide no no 
;(DG)(DA)(DC)(DA)(DG)(DC)(DC)(DT)(DG)(DT)(DC)(DG)(DG)(DA)(DC)(DA)(DT)(DC)(DA)(DG)
(DA)
;
GACAGCCTGTCGGACATCAGA A ? 
2 polydeoxyribonucleotide no no '(DC)(DC)(DG)(DA)(DC)(DA)'                                                              CCGACA B ? 
3 polydeoxyribonucleotide no no '(DT)(DC)(DT)(DG)(DA)(DT)(DG)(DT)'                                                      TCTGATGT C 
? 
4 polydeoxyribonucleotide no no '(DG)(DG)(DC)(DT)(DG)(DT)(DC)'                                                          GGCTGTC D 
? 
# 
loop_
_entity_poly_seq.entity_id 
_entity_poly_seq.num 
_entity_poly_seq.mon_id 
_entity_poly_seq.hetero 
1 1  DG n 
1 2  DA n 
1 3  DC n 
1 4  DA n 
1 5  DG n 
1 6  DC n 
1 7  DC n 
1 8  DT n 
1 9  DG n 
1 10 DT n 
1 11 DC n 
1 12 DG n 
1 13 DG n 
1 14 DA n 
1 15 DC n 
1 16 DA n 
1 17 DT n 
1 18 DC n 
1 19 DA n 
1 20 DG n 
1 21 DA n 
2 1  DC n 
2 2  DC n 
2 3  DG n 
2 4  DA n 
2 5  DC n 
2 6  DA n 
3 1  DT n 
3 2  DC n 
3 3  DT n 
3 4  DG n 
3 5  DA n 
3 6  DT n 
3 7  DG n 
3 8  DT n 
4 1  DG n 
4 2  DG n 
4 3  DC n 
4 4  DT n 
4 5  DG n 
4 6  DT n 
4 7  DC n 
# 
loop_
_pdbx_entity_src_syn.entity_id 
_pdbx_entity_src_syn.pdbx_src_id 
_pdbx_entity_src_syn.pdbx_alt_source_flag 
_pdbx_entity_src_syn.pdbx_beg_seq_num 
_pdbx_entity_src_syn.pdbx_end_seq_num 
_pdbx_entity_src_syn.organism_scientific 
_pdbx_entity_src_syn.organism_common_name 
_pdbx_entity_src_syn.ncbi_taxonomy_id 
_pdbx_entity_src_syn.details 
1 1 sample 1 21 'synthetic construct' ? 32630 ? 
2 1 sample 1 6  'synthetic construct' ? 32630 ? 
3 1 sample 1 8  'synthetic construct' ? 32630 ? 
4 1 sample 1 7  'synthetic construct' ? 32630 ? 
# 
loop_
_chem_comp.id 
_chem_comp.type 
_chem_comp.mon_nstd_flag 
_chem_comp.name 
_chem_comp.pdbx_synonyms 
_chem_comp.formula 
_chem_comp.formula_weight 
DA 'DNA linking' y "2'-DEOXYADENOSINE-5'-MONOPHOSPHATE" ? 'C10 H14 N5 O6 P' 331.222 
DC 'DNA linking' y "2'-DEOXYCYTIDINE-5'-MONOPHOSPHATE"  ? 'C9 H14 N3 O7 P'  307.197 
DG 'DNA linking' y "2'-DEOXYGUANOSINE-5'-MONOPHOSPHATE" ? 'C10 H14 N5 O7 P' 347.221 
DT 'DNA linking' y "THYMIDINE-5'-MONOPHOSPHATE"         ? 'C10 H15 N2 O8 P' 322.208 
# 
loop_
_pdbx_poly_seq_scheme.asym_id 
_pdbx_poly_seq_scheme.entity_id 
_pdbx_poly_seq_scheme.seq_id 
_pdbx_poly_seq_scheme.mon_id 
_pdbx_poly_seq_scheme.ndb_seq_num 
_pdbx_poly_seq_scheme.pdb_seq_num 
_pdbx_poly_seq_scheme.auth_seq_num 
_pdbx_poly_seq_scheme.pdb_mon_id 
_pdbx_poly_seq_scheme.auth_mon_id 
_pdbx_poly_seq_scheme.pdb_strand_id 
_pdbx_poly_seq_scheme.pdb_ins_code 
_pdbx_poly_seq_scheme.hetero 
A 1 1  DG 1  3  3  DG DG A . n 
A 1 2  DA 2  4  4  DA DA A . n 
A 1 3  DC 3  5  5  DC DC A . n 
A 1 4  DA 4  6  6  DA DA A . n 
A 1 5  DG 5  7  7  DG DG A . n 
A 1 6  DC 6  8  8  DC DC A . n 
A 1 7  DC 7  9  9  DC DC A . n 
A 1 8  DT 8  10 10 DT DT A . n 
A 1 9  DG 9  11 11 DG DG A . n 
A 1 10 DT 10 12 12 DT DT A . n 
A 1 11 DC 11 13 13 DC DC A . n 
A 1 12 DG 12 14 14 DG DG A . n 
A 1 13 DG 13 15 15 DG DG A . n 
A 1 14 DA 14 16 16 DA DA A . n 
A 1 15 DC 15 17 17 DC DC A . n 
A 1 16 DA 16 18 18 DA DA A . n 
A 1 17 DT 17 19 19 DT DT A . n 
A 1 18 DC 18 20 20 DC DC A . n 
A 1 19 DA 19 21 21 DA DA A . n 
A 1 20 DG 20 22 22 DG DG A . n 
A 1 21 DA 21 23 23 DA DA A . n 
B 2 1  DC 1  0  0  DC DC B . n 
B 2 2  DC 2  1  1  DC DC B . n 
B 2 3  DG 3  2  2  DG DG B . n 
B 2 4  DA 4  3  3  DA DA B . n 
B 2 5  DC 5  4  4  DC DC B . n 
B 2 6  DA 6  5  5  DA DA B . n 
C 3 1  DT 1  1  1  DT DT C . n 
C 3 2  DC 2  2  2  DC DC C . n 
C 3 3  DT 3  3  3  DT DT C . n 
C 3 4  DG 4  4  4  DG DG C . n 
C 3 5  DA 5  5  5  DA DA C . n 
C 3 6  DT 6  6  6  DT DT C . n 
C 3 7  DG 7  7  7  DG DG C . n 
C 3 8  DT 8  8  8  DT DT C . n 
D 4 1  DG 1  10 10 DG DG D . n 
D 4 2  DG 2  11 11 DG DG D . n 
D 4 3  DC 3  12 12 DC DC D . n 
D 4 4  DT 4  13 13 DT DT D . n 
D 4 5  DG 5  14 14 DG DG D . n 
D 4 6  DT 6  15 15 DT DT D . n 
D 4 7  DC 7  16 16 DC DC D . n 
# 
loop_
_software.citation_id 
_software.classification 
_software.compiler_name 
_software.compiler_version 
_software.contact_author 
_software.contact_author_email 
_software.date 
_software.description 
_software.dependencies 
_software.hardware 
_software.language 
_software.location 
_software.mods 
_software.name 
_software.os 
_software.os_version 
_software.type 
_software.version 
_software.pdbx_reference_DOI 
_software.pdbx_ordinal 
? refinement       ? ? ? ? ? ? ? ? ? ? ? PHENIX    ? ? ? 1.21.2_5419 ? 1 
? 'data reduction' ? ? ? ? ? ? ? ? ? ? ? autoPROC  ? ? ? .           ? 2 
? 'data scaling'   ? ? ? ? ? ? ? ? ? ? ? STARANISO ? ? ? .           ? 3 
? phasing          ? ? ? ? ? ? ? ? ? ? ? PHASER    ? ? ? .           ? 4 
# 
_cell.angle_alpha                  90.000 
_cell.angle_alpha_esd              ? 
_cell.angle_beta                   90.000 
_cell.angle_beta_esd               ? 
_cell.angle_gamma                  120.000 
_cell.angle_gamma_esd              ? 
_cell.entry_id                     9Q3B 
_cell.details                      ? 
_cell.formula_units_Z              ? 
_cell.length_a                     69.012 
_cell.length_a_esd                 ? 
_cell.length_b                     69.012 
_cell.length_b_esd                 ? 
_cell.length_c                     53.790 
_cell.length_c_esd                 ? 
_cell.volume                       221861.223 
_cell.volume_esd                   ? 
_cell.Z_PDB                        3 
_cell.reciprocal_angle_alpha       ? 
_cell.reciprocal_angle_beta        ? 
_cell.reciprocal_angle_gamma       ? 
_cell.reciprocal_angle_alpha_esd   ? 
_cell.reciprocal_angle_beta_esd    ? 
_cell.reciprocal_angle_gamma_esd   ? 
_cell.reciprocal_length_a          ? 
_cell.reciprocal_length_b          ? 
_cell.reciprocal_length_c          ? 
_cell.reciprocal_length_a_esd      ? 
_cell.reciprocal_length_b_esd      ? 
_cell.reciprocal_length_c_esd      ? 
_cell.pdbx_unique_axis             ? 
_cell.pdbx_esd_method              ? 
# 
_symmetry.entry_id                         9Q3B 
_symmetry.cell_setting                     ? 
_symmetry.Int_Tables_number                145 
_symmetry.space_group_name_Hall            'P 32' 
_symmetry.space_group_name_H-M             'P 32' 
_symmetry.pdbx_full_space_group_name_H-M   ? 
# 
_exptl.absorpt_coefficient_mu     ? 
_exptl.absorpt_correction_T_max   ? 
_exptl.absorpt_correction_T_min   ? 
_exptl.absorpt_correction_type    ? 
_exptl.absorpt_process_details    ? 
_exptl.entry_id                   9Q3B 
_exptl.crystals_number            1 
_exptl.details                    ? 
_exptl.method                     'X-RAY DIFFRACTION' 
_exptl.method_details             ? 
# 
_exptl_crystal.colour                       ? 
_exptl_crystal.density_diffrn               ? 
_exptl_crystal.density_Matthews             5.78 
_exptl_crystal.density_method               ? 
_exptl_crystal.density_percent_sol          78.72 
_exptl_crystal.description                  ? 
_exptl_crystal.F_000                        ? 
_exptl_crystal.id                           1 
_exptl_crystal.preparation                  ? 
_exptl_crystal.size_max                     ? 
_exptl_crystal.size_mid                     ? 
_exptl_crystal.size_min                     ? 
_exptl_crystal.size_rad                     ? 
_exptl_crystal.colour_lustre                ? 
_exptl_crystal.colour_modifier              ? 
_exptl_crystal.colour_primary               ? 
_exptl_crystal.density_meas                 ? 
_exptl_crystal.density_meas_esd             ? 
_exptl_crystal.density_meas_gt              ? 
_exptl_crystal.density_meas_lt              ? 
_exptl_crystal.density_meas_temp            ? 
_exptl_crystal.density_meas_temp_esd        ? 
_exptl_crystal.density_meas_temp_gt         ? 
_exptl_crystal.density_meas_temp_lt         ? 
_exptl_crystal.pdbx_crystal_image_url       ? 
_exptl_crystal.pdbx_crystal_image_format    ? 
_exptl_crystal.pdbx_mosaicity               ? 
_exptl_crystal.pdbx_mosaicity_esd           ? 
_exptl_crystal.pdbx_mosaic_method           ? 
_exptl_crystal.pdbx_mosaic_block_size       ? 
_exptl_crystal.pdbx_mosaic_block_size_esd   ? 
# 
_exptl_crystal_grow.apparatus       ? 
_exptl_crystal_grow.atmosphere      ? 
_exptl_crystal_grow.crystal_id      1 
_exptl_crystal_grow.details         ? 
_exptl_crystal_grow.method          'VAPOR DIFFUSION, HANGING DROP' 
_exptl_crystal_grow.method_ref      ? 
_exptl_crystal_grow.pH              ? 
_exptl_crystal_grow.pressure        ? 
_exptl_crystal_grow.pressure_esd    ? 
_exptl_crystal_grow.seeding         ? 
_exptl_crystal_grow.seeding_ref     ? 
_exptl_crystal_grow.temp_details    '338-293 at 0.4/hr' 
_exptl_crystal_grow.temp_esd        ? 
_exptl_crystal_grow.time            ? 
_exptl_crystal_grow.pdbx_details    '100 mM MOPS, 1.25 M magnesium sulfate' 
_exptl_crystal_grow.pdbx_pH_range   ? 
_exptl_crystal_grow.temp            293 
# 
_diffrn.ambient_environment              ? 
_diffrn.ambient_temp                     100 
_diffrn.ambient_temp_details             ? 
_diffrn.ambient_temp_esd                 ? 
_diffrn.crystal_id                       1 
_diffrn.crystal_support                  ? 
_diffrn.crystal_treatment                ? 
_diffrn.details                          ? 
_diffrn.id                               1 
_diffrn.ambient_pressure                 ? 
_diffrn.ambient_pressure_esd             ? 
_diffrn.ambient_pressure_gt              ? 
_diffrn.ambient_pressure_lt              ? 
_diffrn.ambient_temp_gt                  ? 
_diffrn.ambient_temp_lt                  ? 
_diffrn.pdbx_serial_crystal_experiment   N 
# 
_diffrn_detector.details                      ? 
_diffrn_detector.detector                     PIXEL 
_diffrn_detector.diffrn_id                    1 
_diffrn_detector.type                         'DECTRIS EIGER X 9M' 
_diffrn_detector.area_resol_mean              ? 
_diffrn_detector.dtime                        ? 
_diffrn_detector.pdbx_frames_total            ? 
_diffrn_detector.pdbx_collection_time_total   ? 
_diffrn_detector.pdbx_collection_date         2023-06-17 
_diffrn_detector.pdbx_frequency               ? 
_diffrn_detector.id                           ? 
_diffrn_detector.number_of_axes               ? 
# 
_diffrn_radiation.collimation                      ? 
_diffrn_radiation.diffrn_id                        1 
_diffrn_radiation.filter_edge                      ? 
_diffrn_radiation.inhomogeneity                    ? 
_diffrn_radiation.monochromator                    ? 
_diffrn_radiation.polarisn_norm                    ? 
_diffrn_radiation.polarisn_ratio                   ? 
_diffrn_radiation.probe                            ? 
_diffrn_radiation.type                             ? 
_diffrn_radiation.xray_symbol                      ? 
_diffrn_radiation.wavelength_id                    1 
_diffrn_radiation.pdbx_monochromatic_or_laue_m_l   M 
_diffrn_radiation.pdbx_wavelength_list             ? 
_diffrn_radiation.pdbx_wavelength                  ? 
_diffrn_radiation.pdbx_diffrn_protocol             'SINGLE WAVELENGTH' 
_diffrn_radiation.pdbx_analyzer                    ? 
_diffrn_radiation.pdbx_scattering_type             x-ray 
# 
_diffrn_radiation_wavelength.id           1 
_diffrn_radiation_wavelength.wavelength   0.92010 
_diffrn_radiation_wavelength.wt           1.0 
# 
_diffrn_source.current                     ? 
_diffrn_source.details                     ? 
_diffrn_source.diffrn_id                   1 
_diffrn_source.power                       ? 
_diffrn_source.size                        ? 
_diffrn_source.source                      SYNCHROTRON 
_diffrn_source.target                      ? 
_diffrn_source.type                        'APS BEAMLINE 17-ID' 
_diffrn_source.voltage                     ? 
_diffrn_source.take-off_angle              ? 
_diffrn_source.pdbx_wavelength_list        0.92010 
_diffrn_source.pdbx_wavelength             ? 
_diffrn_source.pdbx_synchrotron_beamline   17-ID 
_diffrn_source.pdbx_synchrotron_site       APS 
# 
_reflns.B_iso_Wilson_estimate                          44.20 
_reflns.entry_id                                       9Q3B 
_reflns.data_reduction_details                         ? 
_reflns.data_reduction_method                          ? 
_reflns.d_resolution_high                              3.545 
_reflns.d_resolution_low                               18.682 
_reflns.details                                        ? 
_reflns.limit_h_max                                    ? 
_reflns.limit_h_min                                    ? 
_reflns.limit_k_max                                    ? 
_reflns.limit_k_min                                    ? 
_reflns.limit_l_max                                    ? 
_reflns.limit_l_min                                    ? 
_reflns.number_all                                     ? 
_reflns.number_obs                                     1998 
_reflns.observed_criterion                             ? 
_reflns.observed_criterion_F_max                       ? 
_reflns.observed_criterion_F_min                       ? 
_reflns.observed_criterion_I_max                       ? 
_reflns.observed_criterion_I_min                       ? 
_reflns.observed_criterion_sigma_F                     ? 
_reflns.observed_criterion_sigma_I                     ? 
_reflns.percent_possible_obs                           84.4 
_reflns.R_free_details                                 ? 
_reflns.Rmerge_F_all                                   ? 
_reflns.Rmerge_F_obs                                   ? 
_reflns.Friedel_coverage                               ? 
_reflns.number_gt                                      ? 
_reflns.threshold_expression                           ? 
_reflns.pdbx_redundancy                                4.7 
_reflns.pdbx_netI_over_av_sigmaI                       ? 
_reflns.pdbx_netI_over_sigmaI                          5.4 
_reflns.pdbx_res_netI_over_av_sigmaI_2                 ? 
_reflns.pdbx_res_netI_over_sigmaI_2                    ? 
_reflns.pdbx_chi_squared                               ? 
_reflns.pdbx_scaling_rejects                           ? 
_reflns.pdbx_d_res_high_opt                            ? 
_reflns.pdbx_d_res_low_opt                             ? 
_reflns.pdbx_d_res_opt_method                          ? 
_reflns.phase_calculation_details                      ? 
_reflns.pdbx_Rrim_I_all                                ? 
_reflns.pdbx_Rpim_I_all                                ? 
_reflns.pdbx_d_opt                                     ? 
_reflns.pdbx_number_measured_all                       ? 
_reflns.pdbx_diffrn_id                                 1 
_reflns.pdbx_ordinal                                   1 
_reflns.pdbx_CC_half                                   0.998 
_reflns.pdbx_CC_star                                   ? 
_reflns.pdbx_R_split                                   ? 
_reflns.pdbx_Rmerge_I_obs                              ? 
_reflns.pdbx_Rmerge_I_all                              ? 
_reflns.pdbx_Rsym_value                                ? 
_reflns.pdbx_CC_split_method                           ? 
_reflns.pdbx_aniso_diffraction_limit_axis_1_ortho[1]   ? 
_reflns.pdbx_aniso_diffraction_limit_axis_1_ortho[2]   ? 
_reflns.pdbx_aniso_diffraction_limit_axis_1_ortho[3]   ? 
_reflns.pdbx_aniso_diffraction_limit_axis_2_ortho[1]   ? 
_reflns.pdbx_aniso_diffraction_limit_axis_2_ortho[2]   ? 
_reflns.pdbx_aniso_diffraction_limit_axis_2_ortho[3]   ? 
_reflns.pdbx_aniso_diffraction_limit_axis_3_ortho[1]   ? 
_reflns.pdbx_aniso_diffraction_limit_axis_3_ortho[2]   ? 
_reflns.pdbx_aniso_diffraction_limit_axis_3_ortho[3]   ? 
_reflns.pdbx_aniso_diffraction_limit_1                 ? 
_reflns.pdbx_aniso_diffraction_limit_2                 ? 
_reflns.pdbx_aniso_diffraction_limit_3                 ? 
_reflns.pdbx_aniso_B_tensor_eigenvector_1_ortho[1]     ? 
_reflns.pdbx_aniso_B_tensor_eigenvector_1_ortho[2]     ? 
_reflns.pdbx_aniso_B_tensor_eigenvector_1_ortho[3]     ? 
_reflns.pdbx_aniso_B_tensor_eigenvector_2_ortho[1]     ? 
_reflns.pdbx_aniso_B_tensor_eigenvector_2_ortho[2]     ? 
_reflns.pdbx_aniso_B_tensor_eigenvector_2_ortho[3]     ? 
_reflns.pdbx_aniso_B_tensor_eigenvector_3_ortho[1]     ? 
_reflns.pdbx_aniso_B_tensor_eigenvector_3_ortho[2]     ? 
_reflns.pdbx_aniso_B_tensor_eigenvector_3_ortho[3]     ? 
_reflns.pdbx_aniso_B_tensor_eigenvalue_1               ? 
_reflns.pdbx_aniso_B_tensor_eigenvalue_2               ? 
_reflns.pdbx_aniso_B_tensor_eigenvalue_3               ? 
_reflns.pdbx_orthogonalization_convention              ? 
_reflns.pdbx_percent_possible_ellipsoidal              ? 
_reflns.pdbx_percent_possible_spherical                ? 
_reflns.pdbx_percent_possible_ellipsoidal_anomalous    ? 
_reflns.pdbx_percent_possible_spherical_anomalous      ? 
_reflns.pdbx_redundancy_anomalous                      ? 
_reflns.pdbx_CC_half_anomalous                         ? 
_reflns.pdbx_absDiff_over_sigma_anomalous              ? 
_reflns.pdbx_percent_possible_anomalous                ? 
_reflns.pdbx_observed_signal_threshold                 ? 
_reflns.pdbx_signal_type                               ? 
_reflns.pdbx_signal_details                            ? 
_reflns.pdbx_signal_software_id                        ? 
# 
loop_
_reflns_shell.d_res_high 
_reflns_shell.d_res_low 
_reflns_shell.meanI_over_sigI_all 
_reflns_shell.meanI_over_sigI_obs 
_reflns_shell.number_measured_all 
_reflns_shell.number_measured_obs 
_reflns_shell.number_possible 
_reflns_shell.number_unique_all 
_reflns_shell.number_unique_obs 
_reflns_shell.percent_possible_obs 
_reflns_shell.Rmerge_F_all 
_reflns_shell.Rmerge_F_obs 
_reflns_shell.meanI_over_sigI_gt 
_reflns_shell.meanI_over_uI_all 
_reflns_shell.meanI_over_uI_gt 
_reflns_shell.number_measured_gt 
_reflns_shell.number_unique_gt 
_reflns_shell.percent_possible_gt 
_reflns_shell.Rmerge_F_gt 
_reflns_shell.Rmerge_I_gt 
_reflns_shell.pdbx_redundancy 
_reflns_shell.pdbx_chi_squared 
_reflns_shell.pdbx_netI_over_sigmaI_all 
_reflns_shell.pdbx_netI_over_sigmaI_obs 
_reflns_shell.pdbx_Rrim_I_all 
_reflns_shell.pdbx_Rpim_I_all 
_reflns_shell.pdbx_rejects 
_reflns_shell.pdbx_ordinal 
_reflns_shell.pdbx_diffrn_id 
_reflns_shell.pdbx_CC_half 
_reflns_shell.pdbx_CC_star 
_reflns_shell.pdbx_R_split 
_reflns_shell.percent_possible_all 
_reflns_shell.Rmerge_I_all 
_reflns_shell.Rmerge_I_obs 
_reflns_shell.pdbx_Rsym_value 
_reflns_shell.pdbx_percent_possible_ellipsoidal 
_reflns_shell.pdbx_percent_possible_spherical 
_reflns_shell.pdbx_percent_possible_ellipsoidal_anomalous 
_reflns_shell.pdbx_percent_possible_spherical_anomalous 
_reflns_shell.pdbx_redundancy_anomalous 
_reflns_shell.pdbx_CC_half_anomalous 
_reflns_shell.pdbx_absDiff_over_sigma_anomalous 
_reflns_shell.pdbx_percent_possible_anomalous 
3.545 4.104  ? ? ? ? ? ? 197 ? ? ? ? ? ? ? ? ? ? ? ? ? ? ? ? ? ? 1 1 0.242 ? ? ? ? ? ? ? ? ? ? ? ? ? ? 
8.866 18.682 ? ? ? ? ? ? 200 ? ? ? ? ? ? ? ? ? ? ? ? ? ? ? ? ? ? 2 1 0.998 ? ? ? ? ? ? ? ? ? ? ? ? ? ? 
# 
_refine.aniso_B[1][1]                            ? 
_refine.aniso_B[1][2]                            ? 
_refine.aniso_B[1][3]                            ? 
_refine.aniso_B[2][2]                            ? 
_refine.aniso_B[2][3]                            ? 
_refine.aniso_B[3][3]                            ? 
_refine.B_iso_max                                ? 
_refine.B_iso_mean                               208.15 
_refine.B_iso_min                                ? 
_refine.correlation_coeff_Fo_to_Fc               ? 
_refine.correlation_coeff_Fo_to_Fc_free          ? 
_refine.details                                  ? 
_refine.diff_density_max                         ? 
_refine.diff_density_max_esd                     ? 
_refine.diff_density_min                         ? 
_refine.diff_density_min_esd                     ? 
_refine.diff_density_rms                         ? 
_refine.diff_density_rms_esd                     ? 
_refine.entry_id                                 9Q3B 
_refine.pdbx_refine_id                           'X-RAY DIFFRACTION' 
_refine.ls_abs_structure_details                 ? 
_refine.ls_abs_structure_Flack                   ? 
_refine.ls_abs_structure_Flack_esd               ? 
_refine.ls_abs_structure_Rogers                  ? 
_refine.ls_abs_structure_Rogers_esd              ? 
_refine.ls_d_res_high                            3.55 
_refine.ls_d_res_low                             18.68 
_refine.ls_extinction_coef                       ? 
_refine.ls_extinction_coef_esd                   ? 
_refine.ls_extinction_expression                 ? 
_refine.ls_extinction_method                     ? 
_refine.ls_goodness_of_fit_all                   ? 
_refine.ls_goodness_of_fit_all_esd               ? 
_refine.ls_goodness_of_fit_obs                   ? 
_refine.ls_goodness_of_fit_obs_esd               ? 
_refine.ls_hydrogen_treatment                    ? 
_refine.ls_matrix_type                           ? 
_refine.ls_number_constraints                    ? 
_refine.ls_number_parameters                     ? 
_refine.ls_number_reflns_all                     ? 
_refine.ls_number_reflns_obs                     1998 
_refine.ls_number_reflns_R_free                  105 
_refine.ls_number_reflns_R_work                  1893 
_refine.ls_number_restraints                     ? 
_refine.ls_percent_reflns_obs                    57.65 
_refine.ls_percent_reflns_R_free                 5.26 
_refine.ls_R_factor_all                          ? 
_refine.ls_R_factor_obs                          0.2476 
_refine.ls_R_factor_R_free                       0.2938 
_refine.ls_R_factor_R_free_error                 ? 
_refine.ls_R_factor_R_free_error_details         ? 
_refine.ls_R_factor_R_work                       0.2453 
_refine.ls_R_Fsqd_factor_obs                     ? 
_refine.ls_R_I_factor_obs                        ? 
_refine.ls_redundancy_reflns_all                 ? 
_refine.ls_redundancy_reflns_obs                 ? 
_refine.ls_restrained_S_all                      ? 
_refine.ls_restrained_S_obs                      ? 
_refine.ls_shift_over_esd_max                    ? 
_refine.ls_shift_over_esd_mean                   ? 
_refine.ls_structure_factor_coef                 ? 
_refine.ls_weighting_details                     ? 
_refine.ls_weighting_scheme                      ? 
_refine.ls_wR_factor_all                         ? 
_refine.ls_wR_factor_obs                         ? 
_refine.ls_wR_factor_R_free                      ? 
_refine.ls_wR_factor_R_work                      ? 
_refine.occupancy_max                            ? 
_refine.occupancy_min                            ? 
_refine.solvent_model_details                    'FLAT BULK SOLVENT MODEL' 
_refine.solvent_model_param_bsol                 ? 
_refine.solvent_model_param_ksol                 ? 
_refine.correlation_coeff_I_to_Fcsqd_work        ? 
_refine.correlation_coeff_I_to_Fcsqd_free        ? 
_refine.pdbx_R_complete                          ? 
_refine.ls_R_factor_gt                           ? 
_refine.ls_goodness_of_fit_gt                    ? 
_refine.ls_goodness_of_fit_ref                   ? 
_refine.ls_shift_over_su_max                     ? 
_refine.ls_shift_over_su_max_lt                  ? 
_refine.ls_shift_over_su_mean                    ? 
_refine.ls_shift_over_su_mean_lt                 ? 
_refine.pdbx_ls_sigma_I                          ? 
_refine.pdbx_ls_sigma_F                          1.97 
_refine.pdbx_ls_sigma_Fsqd                       ? 
_refine.pdbx_data_cutoff_high_absF               ? 
_refine.pdbx_data_cutoff_high_rms_absF           ? 
_refine.pdbx_data_cutoff_low_absF                ? 
_refine.pdbx_isotropic_thermal_model             ? 
_refine.pdbx_ls_cross_valid_method               'FREE R-VALUE' 
_refine.pdbx_method_to_determine_struct          'MOLECULAR REPLACEMENT' 
_refine.pdbx_starting_model                      ? 
_refine.pdbx_stereochemistry_target_values       'GeoStd + Monomer Library + CDL v1.2' 
_refine.pdbx_R_Free_selection_details            ? 
_refine.pdbx_stereochem_target_val_spec_case     ? 
_refine.pdbx_overall_ESU_R                       ? 
_refine.pdbx_overall_ESU_R_Free                  ? 
_refine.pdbx_solvent_vdw_probe_radii             1.1000 
_refine.pdbx_solvent_ion_probe_radii             ? 
_refine.pdbx_solvent_shrinkage_radii             0.9000 
_refine.pdbx_real_space_R                        ? 
_refine.pdbx_density_correlation                 ? 
_refine.pdbx_pd_number_of_powder_patterns        ? 
_refine.pdbx_pd_number_of_points                 ? 
_refine.pdbx_pd_meas_number_of_points            ? 
_refine.pdbx_pd_proc_ls_prof_R_factor            ? 
_refine.pdbx_pd_proc_ls_prof_wR_factor           ? 
_refine.pdbx_pd_Marquardt_correlation_coeff      ? 
_refine.pdbx_pd_Fsqrd_R_factor                   ? 
_refine.pdbx_pd_ls_matrix_band_width             ? 
_refine.pdbx_overall_phase_error                 38.6312 
_refine.pdbx_overall_SU_R_free_Cruickshank_DPI   ? 
_refine.pdbx_overall_SU_R_free_Blow_DPI          ? 
_refine.pdbx_overall_SU_R_Blow_DPI               ? 
_refine.pdbx_TLS_residual_ADP_flag               ? 
_refine.pdbx_diffrn_id                           1 
_refine.overall_SU_B                             ? 
_refine.overall_SU_ML                            0.5486 
_refine.overall_SU_R_Cruickshank_DPI             ? 
_refine.overall_SU_R_free                        ? 
_refine.overall_FOM_free_R_set                   ? 
_refine.overall_FOM_work_R_set                   ? 
_refine.pdbx_average_fsc_overall                 ? 
_refine.pdbx_average_fsc_work                    ? 
_refine.pdbx_average_fsc_free                    ? 
# 
_refine_hist.pdbx_refine_id                   'X-RAY DIFFRACTION' 
_refine_hist.cycle_id                         LAST 
_refine_hist.details                          ? 
_refine_hist.d_res_high                       3.55 
_refine_hist.d_res_low                        18.68 
_refine_hist.number_atoms_solvent             0 
_refine_hist.number_atoms_total               855 
_refine_hist.number_reflns_all                ? 
_refine_hist.number_reflns_obs                ? 
_refine_hist.number_reflns_R_free             ? 
_refine_hist.number_reflns_R_work             ? 
_refine_hist.R_factor_all                     ? 
_refine_hist.R_factor_obs                     ? 
_refine_hist.R_factor_R_free                  ? 
_refine_hist.R_factor_R_work                  ? 
_refine_hist.pdbx_number_residues_total       ? 
_refine_hist.pdbx_B_iso_mean_ligand           ? 
_refine_hist.pdbx_B_iso_mean_solvent          ? 
_refine_hist.pdbx_number_atoms_protein        0 
_refine_hist.pdbx_number_atoms_nucleic_acid   855 
_refine_hist.pdbx_number_atoms_ligand         0 
_refine_hist.pdbx_number_atoms_lipid          ? 
_refine_hist.pdbx_number_atoms_carb           ? 
_refine_hist.pdbx_pseudo_atom_details         ? 
# 
loop_
_refine_ls_restr.pdbx_refine_id 
_refine_ls_restr.criterion 
_refine_ls_restr.dev_ideal 
_refine_ls_restr.dev_ideal_target 
_refine_ls_restr.number 
_refine_ls_restr.rejects 
_refine_ls_restr.type 
_refine_ls_restr.weight 
_refine_ls_restr.pdbx_Zscore 
_refine_ls_restr.pdbx_restraint_function 
'X-RAY DIFFRACTION' ? 0.0045  ? 956  ? f_bond_d           ? ? ? 
'X-RAY DIFFRACTION' ? 0.7254  ? 1467 ? f_angle_d          ? ? ? 
'X-RAY DIFFRACTION' ? 0.0345  ? 166  ? f_chiral_restr     ? ? ? 
'X-RAY DIFFRACTION' ? 0.0032  ? 42   ? f_plane_restr      ? ? ? 
'X-RAY DIFFRACTION' ? 37.4458 ? 442  ? f_dihedral_angle_d ? ? ? 
# 
_refine_ls_shell.pdbx_refine_id                      'X-RAY DIFFRACTION' 
_refine_ls_shell.d_res_high                          3.55 
_refine_ls_shell.d_res_low                           18.68 
_refine_ls_shell.number_reflns_all                   ? 
_refine_ls_shell.number_reflns_obs                   ? 
_refine_ls_shell.number_reflns_R_free                105 
_refine_ls_shell.number_reflns_R_work                1893 
_refine_ls_shell.percent_reflns_obs                  57.65 
_refine_ls_shell.percent_reflns_R_free               ? 
_refine_ls_shell.R_factor_all                        ? 
_refine_ls_shell.R_factor_obs                        ? 
_refine_ls_shell.R_factor_R_free_error               ? 
_refine_ls_shell.R_factor_R_work                     0.2453 
_refine_ls_shell.redundancy_reflns_all               ? 
_refine_ls_shell.redundancy_reflns_obs               ? 
_refine_ls_shell.wR_factor_all                       ? 
_refine_ls_shell.wR_factor_obs                       ? 
_refine_ls_shell.wR_factor_R_free                    ? 
_refine_ls_shell.wR_factor_R_work                    ? 
_refine_ls_shell.pdbx_R_complete                     ? 
_refine_ls_shell.correlation_coeff_Fo_to_Fc          ? 
_refine_ls_shell.correlation_coeff_Fo_to_Fc_free     ? 
_refine_ls_shell.correlation_coeff_I_to_Fcsqd_work   ? 
_refine_ls_shell.correlation_coeff_I_to_Fcsqd_free   ? 
_refine_ls_shell.pdbx_total_number_of_bins_used      ? 
_refine_ls_shell.pdbx_phase_error                    ? 
_refine_ls_shell.pdbx_fsc_work                       ? 
_refine_ls_shell.pdbx_fsc_free                       ? 
_refine_ls_shell.R_factor_R_free                     0.2938 
# 
_struct.entry_id                     9Q3B 
_struct.title                        
'[21-6B G|A] 21 bp DNA assembly that propagates via blunt-end stacking with G stacking on A at the interface' 
_struct.pdbx_model_details           ? 
_struct.pdbx_formula_weight          ? 
_struct.pdbx_formula_weight_method   ? 
_struct.pdbx_model_type_details      ? 
_struct.pdbx_CASP_flag               N 
# 
_struct_keywords.entry_id        9Q3B 
_struct_keywords.text            'dna, trigonal, tensegrity' 
_struct_keywords.pdbx_keywords   DNA 
# 
loop_
_struct_asym.id 
_struct_asym.pdbx_blank_PDB_chainid_flag 
_struct_asym.pdbx_modified 
_struct_asym.entity_id 
_struct_asym.details 
A N N 1 ? 
B N N 2 ? 
C N N 3 ? 
D N N 4 ? 
# 
loop_
_struct_ref.id 
_struct_ref.db_name 
_struct_ref.db_code 
_struct_ref.pdbx_db_accession 
_struct_ref.pdbx_db_isoform 
_struct_ref.entity_id 
_struct_ref.pdbx_seq_one_letter_code 
_struct_ref.pdbx_align_begin 
1 PDB 9Q3B 9Q3B ? 1 ? 1 
2 PDB 9Q3B 9Q3B ? 2 ? 1 
3 PDB 9Q3B 9Q3B ? 3 ? 1 
4 PDB 9Q3B 9Q3B ? 4 ? 1 
# 
loop_
_struct_ref_seq.align_id 
_struct_ref_seq.ref_id 
_struct_ref_seq.pdbx_PDB_id_code 
_struct_ref_seq.pdbx_strand_id 
_struct_ref_seq.seq_align_beg 
_struct_ref_seq.pdbx_seq_align_beg_ins_code 
_struct_ref_seq.seq_align_end 
_struct_ref_seq.pdbx_seq_align_end_ins_code 
_struct_ref_seq.pdbx_db_accession 
_struct_ref_seq.db_align_beg 
_struct_ref_seq.pdbx_db_align_beg_ins_code 
_struct_ref_seq.db_align_end 
_struct_ref_seq.pdbx_db_align_end_ins_code 
_struct_ref_seq.pdbx_auth_seq_align_beg 
_struct_ref_seq.pdbx_auth_seq_align_end 
1 1 9Q3B A 1 ? 21 ? 9Q3B 3  ? 23 ? 3  23 
2 2 9Q3B B 1 ? 6  ? 9Q3B 0  ? 5  ? 0  5  
3 3 9Q3B C 1 ? 8  ? 9Q3B 1  ? 8  ? 1  8  
4 4 9Q3B D 1 ? 7  ? 9Q3B 10 ? 16 ? 10 16 
# 
_pdbx_struct_assembly.id                   1 
_pdbx_struct_assembly.details              author_defined_assembly 
_pdbx_struct_assembly.method_details       ? 
_pdbx_struct_assembly.oligomeric_details   dodecameric 
_pdbx_struct_assembly.oligomeric_count     12 
# 
loop_
_pdbx_struct_assembly_gen.assembly_id 
_pdbx_struct_assembly_gen.oper_expression 
_pdbx_struct_assembly_gen.asym_id_list 
1 1 A,B,C,D 
1 2 A,B,C,D 
1 3 A,B,C,D 
# 
_pdbx_struct_assembly_auth_evidence.id                     1 
_pdbx_struct_assembly_auth_evidence.assembly_id            1 
_pdbx_struct_assembly_auth_evidence.experimental_support   'native gel electrophoresis' 
_pdbx_struct_assembly_auth_evidence.details                ? 
# 
loop_
_pdbx_struct_oper_list.id 
_pdbx_struct_oper_list.type 
_pdbx_struct_oper_list.name 
_pdbx_struct_oper_list.symmetry_operation 
_pdbx_struct_oper_list.matrix[1][1] 
_pdbx_struct_oper_list.matrix[1][2] 
_pdbx_struct_oper_list.matrix[1][3] 
_pdbx_struct_oper_list.vector[1] 
_pdbx_struct_oper_list.matrix[2][1] 
_pdbx_struct_oper_list.matrix[2][2] 
_pdbx_struct_oper_list.matrix[2][3] 
_pdbx_struct_oper_list.vector[2] 
_pdbx_struct_oper_list.matrix[3][1] 
_pdbx_struct_oper_list.matrix[3][2] 
_pdbx_struct_oper_list.matrix[3][3] 
_pdbx_struct_oper_list.vector[3] 
1 'identity operation'         1_555 x,y,z           1.0000000000  0.0000000000  0.0000000000  0.0000000000  0.0000000000  1.0000000000 0.0000000000  0.0000000000   0.0000000000  0.0000000000  1.0000000000  0.0000000000 
2 'crystal symmetry operation' 2_545 -y,x-y-1,z+2/3  -0.1654634164 -0.4214038664 -0.8916505141 17.2568966086 -0.7903973352 0.5973853263 -0.1356570102 -34.0925617713 0.5898253219  0.6823119179  -0.4319219100 6.8065424609 
3 'crystal symmetry operation' 3_655 -x+y+1,-x,z+1/3 -0.1654634164 -0.7903973352 0.5898253219  -2.7033821011 -0.4214038664 0.5973853263 0.6823119179  -23.0138920763 -0.8916505141 -0.1356570102 -0.4319219100 2.2427807926 
# 
loop_
_struct_conn.id 
_struct_conn.conn_type_id 
_struct_conn.pdbx_leaving_atom_flag 
_struct_conn.pdbx_PDB_id 
_struct_conn.ptnr1_label_asym_id 
_struct_conn.ptnr1_label_comp_id 
_struct_conn.ptnr1_label_seq_id 
_struct_conn.ptnr1_label_atom_id 
_struct_conn.pdbx_ptnr1_label_alt_id 
_struct_conn.pdbx_ptnr1_PDB_ins_code 
_struct_conn.pdbx_ptnr1_standard_comp_id 
_struct_conn.ptnr1_symmetry 
_struct_conn.ptnr2_label_asym_id 
_struct_conn.ptnr2_label_comp_id 
_struct_conn.ptnr2_label_seq_id 
_struct_conn.ptnr2_label_atom_id 
_struct_conn.pdbx_ptnr2_label_alt_id 
_struct_conn.pdbx_ptnr2_PDB_ins_code 
_struct_conn.ptnr1_auth_asym_id 
_struct_conn.ptnr1_auth_comp_id 
_struct_conn.ptnr1_auth_seq_id 
_struct_conn.ptnr2_auth_asym_id 
_struct_conn.ptnr2_auth_comp_id 
_struct_conn.ptnr2_auth_seq_id 
_struct_conn.ptnr2_symmetry 
_struct_conn.pdbx_ptnr3_label_atom_id 
_struct_conn.pdbx_ptnr3_label_seq_id 
_struct_conn.pdbx_ptnr3_label_comp_id 
_struct_conn.pdbx_ptnr3_label_asym_id 
_struct_conn.pdbx_ptnr3_label_alt_id 
_struct_conn.pdbx_ptnr3_PDB_ins_code 
_struct_conn.details 
_struct_conn.pdbx_dist_value 
_struct_conn.pdbx_value_order 
_struct_conn.pdbx_role 
hydrog1  hydrog ? ? A DG 1  N1 ? ? ? 1_555 D DC 7 N3 ? ? A DG 3  D DC 16 1_555 ? ? ? ? ? ? WATSON-CRICK ? ? ? 
hydrog2  hydrog ? ? A DG 1  N2 ? ? ? 1_555 D DC 7 O2 ? ? A DG 3  D DC 16 1_555 ? ? ? ? ? ? WATSON-CRICK ? ? ? 
hydrog3  hydrog ? ? A DG 1  O6 ? ? ? 1_555 D DC 7 N4 ? ? A DG 3  D DC 16 1_555 ? ? ? ? ? ? WATSON-CRICK ? ? ? 
hydrog4  hydrog ? ? A DA 2  N1 ? ? ? 1_555 D DT 6 N3 ? ? A DA 4  D DT 15 1_555 ? ? ? ? ? ? WATSON-CRICK ? ? ? 
hydrog5  hydrog ? ? A DA 2  N6 ? ? ? 1_555 D DT 6 O4 ? ? A DA 4  D DT 15 1_555 ? ? ? ? ? ? WATSON-CRICK ? ? ? 
hydrog6  hydrog ? ? A DC 3  N3 ? ? ? 1_555 D DG 5 N1 ? ? A DC 5  D DG 14 1_555 ? ? ? ? ? ? WATSON-CRICK ? ? ? 
hydrog7  hydrog ? ? A DC 3  N4 ? ? ? 1_555 D DG 5 O6 ? ? A DC 5  D DG 14 1_555 ? ? ? ? ? ? WATSON-CRICK ? ? ? 
hydrog8  hydrog ? ? A DC 3  O2 ? ? ? 1_555 D DG 5 N2 ? ? A DC 5  D DG 14 1_555 ? ? ? ? ? ? WATSON-CRICK ? ? ? 
hydrog9  hydrog ? ? A DA 4  N1 ? ? ? 1_555 D DT 4 N3 ? ? A DA 6  D DT 13 1_555 ? ? ? ? ? ? WATSON-CRICK ? ? ? 
hydrog10 hydrog ? ? A DA 4  N6 ? ? ? 1_555 D DT 4 O4 ? ? A DA 6  D DT 13 1_555 ? ? ? ? ? ? WATSON-CRICK ? ? ? 
hydrog11 hydrog ? ? A DG 5  N1 ? ? ? 1_555 D DC 3 N3 ? ? A DG 7  D DC 12 1_555 ? ? ? ? ? ? WATSON-CRICK ? ? ? 
hydrog12 hydrog ? ? A DG 5  N2 ? ? ? 1_555 D DC 3 O2 ? ? A DG 7  D DC 12 1_555 ? ? ? ? ? ? WATSON-CRICK ? ? ? 
hydrog13 hydrog ? ? A DG 5  O6 ? ? ? 1_555 D DC 3 N4 ? ? A DG 7  D DC 12 1_555 ? ? ? ? ? ? WATSON-CRICK ? ? ? 
hydrog14 hydrog ? ? A DC 6  N3 ? ? ? 1_555 D DG 2 N1 ? ? A DC 8  D DG 11 1_555 ? ? ? ? ? ? WATSON-CRICK ? ? ? 
hydrog15 hydrog ? ? A DC 6  N4 ? ? ? 1_555 D DG 2 O6 ? ? A DC 8  D DG 11 1_555 ? ? ? ? ? ? WATSON-CRICK ? ? ? 
hydrog16 hydrog ? ? A DC 6  O2 ? ? ? 1_555 D DG 2 N2 ? ? A DC 8  D DG 11 1_555 ? ? ? ? ? ? WATSON-CRICK ? ? ? 
hydrog17 hydrog ? ? A DC 7  N3 ? ? ? 1_555 D DG 1 N1 ? ? A DC 9  D DG 10 1_555 ? ? ? ? ? ? WATSON-CRICK ? ? ? 
hydrog18 hydrog ? ? A DC 7  N4 ? ? ? 1_555 D DG 1 O6 ? ? A DC 9  D DG 10 1_555 ? ? ? ? ? ? WATSON-CRICK ? ? ? 
hydrog19 hydrog ? ? A DC 7  O2 ? ? ? 1_555 D DG 1 N2 ? ? A DC 9  D DG 10 1_555 ? ? ? ? ? ? WATSON-CRICK ? ? ? 
hydrog20 hydrog ? ? A DT 8  N3 ? ? ? 1_555 B DA 6 N1 ? ? A DT 10 B DA 5  1_555 ? ? ? ? ? ? WATSON-CRICK ? ? ? 
hydrog21 hydrog ? ? A DT 8  O4 ? ? ? 1_555 B DA 6 N6 ? ? A DT 10 B DA 5  1_555 ? ? ? ? ? ? WATSON-CRICK ? ? ? 
hydrog22 hydrog ? ? A DG 9  N1 ? ? ? 1_555 B DC 5 N3 ? ? A DG 11 B DC 4  1_555 ? ? ? ? ? ? WATSON-CRICK ? ? ? 
hydrog23 hydrog ? ? A DG 9  N2 ? ? ? 1_555 B DC 5 O2 ? ? A DG 11 B DC 4  1_555 ? ? ? ? ? ? WATSON-CRICK ? ? ? 
hydrog24 hydrog ? ? A DG 9  O6 ? ? ? 1_555 B DC 5 N4 ? ? A DG 11 B DC 4  1_555 ? ? ? ? ? ? WATSON-CRICK ? ? ? 
hydrog25 hydrog ? ? A DT 10 N3 ? ? ? 1_555 B DA 4 N1 ? ? A DT 12 B DA 3  1_555 ? ? ? ? ? ? WATSON-CRICK ? ? ? 
hydrog26 hydrog ? ? A DT 10 O4 ? ? ? 1_555 B DA 4 N6 ? ? A DT 12 B DA 3  1_555 ? ? ? ? ? ? WATSON-CRICK ? ? ? 
hydrog27 hydrog ? ? A DC 11 N3 ? ? ? 1_555 B DG 3 N1 ? ? A DC 13 B DG 2  1_555 ? ? ? ? ? ? WATSON-CRICK ? ? ? 
hydrog28 hydrog ? ? A DC 11 N4 ? ? ? 1_555 B DG 3 O6 ? ? A DC 13 B DG 2  1_555 ? ? ? ? ? ? WATSON-CRICK ? ? ? 
hydrog29 hydrog ? ? A DC 11 O2 ? ? ? 1_555 B DG 3 N2 ? ? A DC 13 B DG 2  1_555 ? ? ? ? ? ? WATSON-CRICK ? ? ? 
hydrog30 hydrog ? ? A DG 12 N1 ? ? ? 1_555 B DC 2 N3 ? ? A DG 14 B DC 1  1_555 ? ? ? ? ? ? WATSON-CRICK ? ? ? 
hydrog31 hydrog ? ? A DG 12 N2 ? ? ? 1_555 B DC 2 O2 ? ? A DG 14 B DC 1  1_555 ? ? ? ? ? ? WATSON-CRICK ? ? ? 
hydrog32 hydrog ? ? A DG 12 O6 ? ? ? 1_555 B DC 2 N4 ? ? A DG 14 B DC 1  1_555 ? ? ? ? ? ? WATSON-CRICK ? ? ? 
hydrog33 hydrog ? ? A DG 13 N1 ? ? ? 1_555 B DC 1 N3 ? ? A DG 15 B DC 0  1_555 ? ? ? ? ? ? WATSON-CRICK ? ? ? 
hydrog34 hydrog ? ? A DG 13 N2 ? ? ? 1_555 B DC 1 O2 ? ? A DG 15 B DC 0  1_555 ? ? ? ? ? ? WATSON-CRICK ? ? ? 
hydrog35 hydrog ? ? A DG 13 O6 ? ? ? 1_555 B DC 1 N4 ? ? A DG 15 B DC 0  1_555 ? ? ? ? ? ? WATSON-CRICK ? ? ? 
hydrog36 hydrog ? ? A DA 14 N1 ? ? ? 1_555 C DT 8 N3 ? ? A DA 16 C DT 8  1_555 ? ? ? ? ? ? WATSON-CRICK ? ? ? 
hydrog37 hydrog ? ? A DA 14 N6 ? ? ? 1_555 C DT 8 O4 ? ? A DA 16 C DT 8  1_555 ? ? ? ? ? ? WATSON-CRICK ? ? ? 
hydrog38 hydrog ? ? A DC 15 N3 ? ? ? 1_555 C DG 7 N1 ? ? A DC 17 C DG 7  1_555 ? ? ? ? ? ? WATSON-CRICK ? ? ? 
hydrog39 hydrog ? ? A DC 15 N4 ? ? ? 1_555 C DG 7 O6 ? ? A DC 17 C DG 7  1_555 ? ? ? ? ? ? WATSON-CRICK ? ? ? 
hydrog40 hydrog ? ? A DC 15 O2 ? ? ? 1_555 C DG 7 N2 ? ? A DC 17 C DG 7  1_555 ? ? ? ? ? ? WATSON-CRICK ? ? ? 
hydrog41 hydrog ? ? A DA 16 N1 ? ? ? 1_555 C DT 6 N3 ? ? A DA 18 C DT 6  1_555 ? ? ? ? ? ? WATSON-CRICK ? ? ? 
hydrog42 hydrog ? ? A DA 16 N6 ? ? ? 1_555 C DT 6 O4 ? ? A DA 18 C DT 6  1_555 ? ? ? ? ? ? WATSON-CRICK ? ? ? 
hydrog43 hydrog ? ? A DT 17 N3 ? ? ? 1_555 C DA 5 N1 ? ? A DT 19 C DA 5  1_555 ? ? ? ? ? ? WATSON-CRICK ? ? ? 
hydrog44 hydrog ? ? A DT 17 O4 ? ? ? 1_555 C DA 5 N6 ? ? A DT 19 C DA 5  1_555 ? ? ? ? ? ? WATSON-CRICK ? ? ? 
hydrog45 hydrog ? ? A DC 18 N3 ? ? ? 1_555 C DG 4 N1 ? ? A DC 20 C DG 4  1_555 ? ? ? ? ? ? WATSON-CRICK ? ? ? 
hydrog46 hydrog ? ? A DC 18 N4 ? ? ? 1_555 C DG 4 O6 ? ? A DC 20 C DG 4  1_555 ? ? ? ? ? ? WATSON-CRICK ? ? ? 
hydrog47 hydrog ? ? A DC 18 O2 ? ? ? 1_555 C DG 4 N2 ? ? A DC 20 C DG 4  1_555 ? ? ? ? ? ? WATSON-CRICK ? ? ? 
hydrog48 hydrog ? ? A DA 19 N1 ? ? ? 1_555 C DT 3 N3 ? ? A DA 21 C DT 3  1_555 ? ? ? ? ? ? WATSON-CRICK ? ? ? 
hydrog49 hydrog ? ? A DA 19 N6 ? ? ? 1_555 C DT 3 O4 ? ? A DA 21 C DT 3  1_555 ? ? ? ? ? ? WATSON-CRICK ? ? ? 
hydrog50 hydrog ? ? A DG 20 N1 ? ? ? 1_555 C DC 2 N3 ? ? A DG 22 C DC 2  1_555 ? ? ? ? ? ? WATSON-CRICK ? ? ? 
hydrog51 hydrog ? ? A DG 20 N2 ? ? ? 1_555 C DC 2 O2 ? ? A DG 22 C DC 2  1_555 ? ? ? ? ? ? WATSON-CRICK ? ? ? 
hydrog52 hydrog ? ? A DG 20 O6 ? ? ? 1_555 C DC 2 N4 ? ? A DG 22 C DC 2  1_555 ? ? ? ? ? ? WATSON-CRICK ? ? ? 
hydrog53 hydrog ? ? A DA 21 N1 ? ? ? 1_555 C DT 1 N3 ? ? A DA 23 C DT 1  1_555 ? ? ? ? ? ? WATSON-CRICK ? ? ? 
hydrog54 hydrog ? ? A DA 21 N6 ? ? ? 1_555 C DT 1 O4 ? ? A DA 23 C DT 1  1_555 ? ? ? ? ? ? WATSON-CRICK ? ? ? 
# 
_struct_conn_type.id          hydrog 
_struct_conn_type.criteria    ? 
_struct_conn_type.reference   ? 
# 
_pdbx_entry_details.entry_id                   9Q3B 
_pdbx_entry_details.compound_details           ? 
_pdbx_entry_details.source_details             ? 
_pdbx_entry_details.nonpolymer_details         ? 
_pdbx_entry_details.sequence_details           ? 
_pdbx_entry_details.has_ligand_of_interest     ? 
_pdbx_entry_details.has_protein_modification   N 
# 
loop_
_pdbx_validate_rmsd_angle.id 
_pdbx_validate_rmsd_angle.PDB_model_num 
_pdbx_validate_rmsd_angle.auth_atom_id_1 
_pdbx_validate_rmsd_angle.auth_asym_id_1 
_pdbx_validate_rmsd_angle.auth_comp_id_1 
_pdbx_validate_rmsd_angle.auth_seq_id_1 
_pdbx_validate_rmsd_angle.PDB_ins_code_1 
_pdbx_validate_rmsd_angle.label_alt_id_1 
_pdbx_validate_rmsd_angle.auth_atom_id_2 
_pdbx_validate_rmsd_angle.auth_asym_id_2 
_pdbx_validate_rmsd_angle.auth_comp_id_2 
_pdbx_validate_rmsd_angle.auth_seq_id_2 
_pdbx_validate_rmsd_angle.PDB_ins_code_2 
_pdbx_validate_rmsd_angle.label_alt_id_2 
_pdbx_validate_rmsd_angle.auth_atom_id_3 
_pdbx_validate_rmsd_angle.auth_asym_id_3 
_pdbx_validate_rmsd_angle.auth_comp_id_3 
_pdbx_validate_rmsd_angle.auth_seq_id_3 
_pdbx_validate_rmsd_angle.PDB_ins_code_3 
_pdbx_validate_rmsd_angle.label_alt_id_3 
_pdbx_validate_rmsd_angle.angle_value 
_pdbx_validate_rmsd_angle.angle_target_value 
_pdbx_validate_rmsd_angle.angle_deviation 
_pdbx_validate_rmsd_angle.angle_standard_deviation 
_pdbx_validate_rmsd_angle.linker_flag 
1 1 "O4'" A DC 8 ? ? "C1'" A DC 8 ? ? N1 A DC 8 ? ? 111.05 108.30 2.75 0.30 N 
2 1 "O4'" B DC 0 ? ? "C1'" B DC 0 ? ? N1 B DC 0 ? ? 110.88 108.30 2.58 0.30 N 
3 1 "O4'" B DG 2 ? ? "C1'" B DG 2 ? ? N9 B DG 2 ? ? 110.33 108.30 2.03 0.30 N 
# 
loop_
_space_group_symop.id 
_space_group_symop.operation_xyz 
1 x,y,z         
2 -y,x-y,z+2/3  
3 -x+y,-x,z+1/3 
# 
loop_
_pdbx_refine_tls.id 
_pdbx_refine_tls.pdbx_refine_id 
_pdbx_refine_tls.details 
_pdbx_refine_tls.method 
_pdbx_refine_tls.origin_x 
_pdbx_refine_tls.origin_y 
_pdbx_refine_tls.origin_z 
_pdbx_refine_tls.T[1][1] 
_pdbx_refine_tls.T[1][1]_esd 
_pdbx_refine_tls.T[1][2] 
_pdbx_refine_tls.T[1][2]_esd 
_pdbx_refine_tls.T[1][3] 
_pdbx_refine_tls.T[1][3]_esd 
_pdbx_refine_tls.T[2][2] 
_pdbx_refine_tls.T[2][2]_esd 
_pdbx_refine_tls.T[2][3] 
_pdbx_refine_tls.T[2][3]_esd 
_pdbx_refine_tls.T[3][3] 
_pdbx_refine_tls.T[3][3]_esd 
_pdbx_refine_tls.L[1][1] 
_pdbx_refine_tls.L[1][1]_esd 
_pdbx_refine_tls.L[1][2] 
_pdbx_refine_tls.L[1][2]_esd 
_pdbx_refine_tls.L[1][3] 
_pdbx_refine_tls.L[1][3]_esd 
_pdbx_refine_tls.L[2][2] 
_pdbx_refine_tls.L[2][2]_esd 
_pdbx_refine_tls.L[2][3] 
_pdbx_refine_tls.L[2][3]_esd 
_pdbx_refine_tls.L[3][3] 
_pdbx_refine_tls.L[3][3]_esd 
_pdbx_refine_tls.S[1][1] 
_pdbx_refine_tls.S[1][1]_esd 
_pdbx_refine_tls.S[1][2] 
_pdbx_refine_tls.S[1][2]_esd 
_pdbx_refine_tls.S[1][3] 
_pdbx_refine_tls.S[1][3]_esd 
_pdbx_refine_tls.S[2][1] 
_pdbx_refine_tls.S[2][1]_esd 
_pdbx_refine_tls.S[2][2] 
_pdbx_refine_tls.S[2][2]_esd 
_pdbx_refine_tls.S[2][3] 
_pdbx_refine_tls.S[2][3]_esd 
_pdbx_refine_tls.S[3][1] 
_pdbx_refine_tls.S[3][1]_esd 
_pdbx_refine_tls.S[3][2] 
_pdbx_refine_tls.S[3][2]_esd 
_pdbx_refine_tls.S[3][3] 
_pdbx_refine_tls.S[3][3]_esd 
1 'X-RAY DIFFRACTION' ? refined -15.9363987236 -4.01260483048 -13.9676704132 2.50272332336 ? 0.467137335367 ? -0.684800644082 ? 2.65568539154 ? -0.90442113097  ? 1.09238140271 ? 0.82878112624  ? 0.512723278005  ? -0.419723902101 ? 0.328579034093 ? -0.320256540875 ? 0.182703101661 ? 1.658032323617 ? -0.19199516716 ? 0.04354516975  ? -1.2672436115   ? -2.00643241436 ? 2.930563349564 ? -3.69346427652 ? -2.11826248918  ? 3.056266739802  ? 
2 'X-RAY DIFFRACTION' ? refined 16.7185873429  1.3854898028   15.7520505541  2.52105222220 ? 0.45505757553  ? -0.800050783241 ? 3.59718537234 ? -1.141732769116 ? 1.80630503003 ? 13.30963126784 ? -3.172101339097 ? -0.18877022626  ? 2.78812423453  ? -2.62607747861  ? 3.54570817150  ? 0.007184143074 ? -0.74089394050 ? -2.72068141910 ? -1.733246545596 ? 0.45928365999  ? 0.07184327001  ? -1.15805253702 ? 2.407996800258  ? 0.04963257979   ? 
3 'X-RAY DIFFRACTION' ? refined -0.0327509355  0.0284248616   -0.3700420959  1.97267199920 ? 0.189413400278 ? -0.284511876316 ? 1.6451852639  ? -0.098076731874 ? 2.04215950508 ? 2.2806059638   ? -1.12659151336  ? -5.52638678745  ? 1.24401957008  ? 3.61096218333   ? 13.9011556161  ? 1.486613844704 ? -1.49966859232 ? 1.82387033733  ? 0.56867950397   ? -0.42796858859 ? 0.01190461722  ? 2.010622353023 ? -0.622722403544 ? -0.406369623207 ? 
4 'X-RAY DIFFRACTION' ? refined 1.2524030156   3.5010642466   1.0494250493   1.25424417549 ? -0.34997044361 ? -0.498896149179 ? 3.10998609247 ? -0.579972607094 ? 2.09905854874 ? -0.02001476821 ? 0.65396328572   ? -0.33200173358  ? 3.671889397384 ? -2.08838121114  ? 1.15960896905  ? 0.68353023300  ? 3.845969121081 ? 0.7865742816   ? 0.75602307432   ? 1.38796438831  ? -1.04096109231 ? 0.241615523086 ? 0.921172701093  ? 0.855954015904  ? 
# 
loop_
_pdbx_refine_tls_group.id 
_pdbx_refine_tls_group.pdbx_refine_id 
_pdbx_refine_tls_group.refine_tls_id 
_pdbx_refine_tls_group.beg_label_asym_id 
_pdbx_refine_tls_group.beg_label_seq_id 
_pdbx_refine_tls_group.beg_auth_asym_id 
_pdbx_refine_tls_group.beg_auth_seq_id 
_pdbx_refine_tls_group.beg_PDB_ins_code 
_pdbx_refine_tls_group.end_label_asym_id 
_pdbx_refine_tls_group.end_label_seq_id 
_pdbx_refine_tls_group.end_auth_asym_id 
_pdbx_refine_tls_group.end_auth_seq_id 
_pdbx_refine_tls_group.end_PDB_ins_code 
_pdbx_refine_tls_group.selection 
_pdbx_refine_tls_group.selection_details 
1 'X-RAY DIFFRACTION' 1 C ? C 1  ? C ? C 8  ? ? 
;(chain 'C' and resid 1 through 8)
;
2 'X-RAY DIFFRACTION' 2 D ? D 10 ? D ? D 16 ? ? 
;(chain 'D' and resid 10 through 16)
;
3 'X-RAY DIFFRACTION' 3 A ? A 3  ? A ? A 23 ? ? 
;(chain 'A' and resid 3 through 23)
;
4 'X-RAY DIFFRACTION' 4 B ? B 0  ? B ? B 5  ? ? 
;(chain 'B' and resid 0 through 5)
;
# 
loop_
_chem_comp_atom.comp_id 
_chem_comp_atom.atom_id 
_chem_comp_atom.type_symbol 
_chem_comp_atom.pdbx_aromatic_flag 
_chem_comp_atom.pdbx_stereo_config 
_chem_comp_atom.pdbx_ordinal 
DA OP3    O N N 1   
DA P      P N N 2   
DA OP1    O N N 3   
DA OP2    O N N 4   
DA "O5'"  O N N 5   
DA "C5'"  C N N 6   
DA "C4'"  C N R 7   
DA "O4'"  O N N 8   
DA "C3'"  C N S 9   
DA "O3'"  O N N 10  
DA "C2'"  C N N 11  
DA "C1'"  C N R 12  
DA N9     N Y N 13  
DA C8     C Y N 14  
DA N7     N Y N 15  
DA C5     C Y N 16  
DA C6     C Y N 17  
DA N6     N N N 18  
DA N1     N Y N 19  
DA C2     C Y N 20  
DA N3     N Y N 21  
DA C4     C Y N 22  
DA HOP3   H N N 23  
DA HOP2   H N N 24  
DA "H5'"  H N N 25  
DA "H5''" H N N 26  
DA "H4'"  H N N 27  
DA "H3'"  H N N 28  
DA "HO3'" H N N 29  
DA "H2'"  H N N 30  
DA "H2''" H N N 31  
DA "H1'"  H N N 32  
DA H8     H N N 33  
DA H61    H N N 34  
DA H62    H N N 35  
DA H2     H N N 36  
DC OP3    O N N 37  
DC P      P N N 38  
DC OP1    O N N 39  
DC OP2    O N N 40  
DC "O5'"  O N N 41  
DC "C5'"  C N N 42  
DC "C4'"  C N R 43  
DC "O4'"  O N N 44  
DC "C3'"  C N S 45  
DC "O3'"  O N N 46  
DC "C2'"  C N N 47  
DC "C1'"  C N R 48  
DC N1     N N N 49  
DC C2     C N N 50  
DC O2     O N N 51  
DC N3     N N N 52  
DC C4     C N N 53  
DC N4     N N N 54  
DC C5     C N N 55  
DC C6     C N N 56  
DC HOP3   H N N 57  
DC HOP2   H N N 58  
DC "H5'"  H N N 59  
DC "H5''" H N N 60  
DC "H4'"  H N N 61  
DC "H3'"  H N N 62  
DC "HO3'" H N N 63  
DC "H2'"  H N N 64  
DC "H2''" H N N 65  
DC "H1'"  H N N 66  
DC H41    H N N 67  
DC H42    H N N 68  
DC H5     H N N 69  
DC H6     H N N 70  
DG OP3    O N N 71  
DG P      P N N 72  
DG OP1    O N N 73  
DG OP2    O N N 74  
DG "O5'"  O N N 75  
DG "C5'"  C N N 76  
DG "C4'"  C N R 77  
DG "O4'"  O N N 78  
DG "C3'"  C N S 79  
DG "O3'"  O N N 80  
DG "C2'"  C N N 81  
DG "C1'"  C N R 82  
DG N9     N Y N 83  
DG C8     C Y N 84  
DG N7     N Y N 85  
DG C5     C Y N 86  
DG C6     C N N 87  
DG O6     O N N 88  
DG N1     N N N 89  
DG C2     C N N 90  
DG N2     N N N 91  
DG N3     N N N 92  
DG C4     C Y N 93  
DG HOP3   H N N 94  
DG HOP2   H N N 95  
DG "H5'"  H N N 96  
DG "H5''" H N N 97  
DG "H4'"  H N N 98  
DG "H3'"  H N N 99  
DG "HO3'" H N N 100 
DG "H2'"  H N N 101 
DG "H2''" H N N 102 
DG "H1'"  H N N 103 
DG H8     H N N 104 
DG H1     H N N 105 
DG H21    H N N 106 
DG H22    H N N 107 
DT OP3    O N N 108 
DT P      P N N 109 
DT OP1    O N N 110 
DT OP2    O N N 111 
DT "O5'"  O N N 112 
DT "C5'"  C N N 113 
DT "C4'"  C N R 114 
DT "O4'"  O N N 115 
DT "C3'"  C N S 116 
DT "O3'"  O N N 117 
DT "C2'"  C N N 118 
DT "C1'"  C N R 119 
DT N1     N N N 120 
DT C2     C N N 121 
DT O2     O N N 122 
DT N3     N N N 123 
DT C4     C N N 124 
DT O4     O N N 125 
DT C5     C N N 126 
DT C7     C N N 127 
DT C6     C N N 128 
DT HOP3   H N N 129 
DT HOP2   H N N 130 
DT "H5'"  H N N 131 
DT "H5''" H N N 132 
DT "H4'"  H N N 133 
DT "H3'"  H N N 134 
DT "HO3'" H N N 135 
DT "H2'"  H N N 136 
DT "H2''" H N N 137 
DT "H1'"  H N N 138 
DT H3     H N N 139 
DT H71    H N N 140 
DT H72    H N N 141 
DT H73    H N N 142 
DT H6     H N N 143 
# 
loop_
_chem_comp_bond.comp_id 
_chem_comp_bond.atom_id_1 
_chem_comp_bond.atom_id_2 
_chem_comp_bond.value_order 
_chem_comp_bond.pdbx_aromatic_flag 
_chem_comp_bond.pdbx_stereo_config 
_chem_comp_bond.pdbx_ordinal 
DA OP3   P      sing N N 1   
DA OP3   HOP3   sing N N 2   
DA P     OP1    doub N N 3   
DA P     OP2    sing N N 4   
DA P     "O5'"  sing N N 5   
DA OP2   HOP2   sing N N 6   
DA "O5'" "C5'"  sing N N 7   
DA "C5'" "C4'"  sing N N 8   
DA "C5'" "H5'"  sing N N 9   
DA "C5'" "H5''" sing N N 10  
DA "C4'" "O4'"  sing N N 11  
DA "C4'" "C3'"  sing N N 12  
DA "C4'" "H4'"  sing N N 13  
DA "O4'" "C1'"  sing N N 14  
DA "C3'" "O3'"  sing N N 15  
DA "C3'" "C2'"  sing N N 16  
DA "C3'" "H3'"  sing N N 17  
DA "O3'" "HO3'" sing N N 18  
DA "C2'" "C1'"  sing N N 19  
DA "C2'" "H2'"  sing N N 20  
DA "C2'" "H2''" sing N N 21  
DA "C1'" N9     sing N N 22  
DA "C1'" "H1'"  sing N N 23  
DA N9    C8     sing Y N 24  
DA N9    C4     sing Y N 25  
DA C8    N7     doub Y N 26  
DA C8    H8     sing N N 27  
DA N7    C5     sing Y N 28  
DA C5    C6     sing Y N 29  
DA C5    C4     doub Y N 30  
DA C6    N6     sing N N 31  
DA C6    N1     doub Y N 32  
DA N6    H61    sing N N 33  
DA N6    H62    sing N N 34  
DA N1    C2     sing Y N 35  
DA C2    N3     doub Y N 36  
DA C2    H2     sing N N 37  
DA N3    C4     sing Y N 38  
DC OP3   P      sing N N 39  
DC OP3   HOP3   sing N N 40  
DC P     OP1    doub N N 41  
DC P     OP2    sing N N 42  
DC P     "O5'"  sing N N 43  
DC OP2   HOP2   sing N N 44  
DC "O5'" "C5'"  sing N N 45  
DC "C5'" "C4'"  sing N N 46  
DC "C5'" "H5'"  sing N N 47  
DC "C5'" "H5''" sing N N 48  
DC "C4'" "O4'"  sing N N 49  
DC "C4'" "C3'"  sing N N 50  
DC "C4'" "H4'"  sing N N 51  
DC "O4'" "C1'"  sing N N 52  
DC "C3'" "O3'"  sing N N 53  
DC "C3'" "C2'"  sing N N 54  
DC "C3'" "H3'"  sing N N 55  
DC "O3'" "HO3'" sing N N 56  
DC "C2'" "C1'"  sing N N 57  
DC "C2'" "H2'"  sing N N 58  
DC "C2'" "H2''" sing N N 59  
DC "C1'" N1     sing N N 60  
DC "C1'" "H1'"  sing N N 61  
DC N1    C2     sing N N 62  
DC N1    C6     sing N N 63  
DC C2    O2     doub N N 64  
DC C2    N3     sing N N 65  
DC N3    C4     doub N N 66  
DC C4    N4     sing N N 67  
DC C4    C5     sing N N 68  
DC N4    H41    sing N N 69  
DC N4    H42    sing N N 70  
DC C5    C6     doub N N 71  
DC C5    H5     sing N N 72  
DC C6    H6     sing N N 73  
DG OP3   P      sing N N 74  
DG OP3   HOP3   sing N N 75  
DG P     OP1    doub N N 76  
DG P     OP2    sing N N 77  
DG P     "O5'"  sing N N 78  
DG OP2   HOP2   sing N N 79  
DG "O5'" "C5'"  sing N N 80  
DG "C5'" "C4'"  sing N N 81  
DG "C5'" "H5'"  sing N N 82  
DG "C5'" "H5''" sing N N 83  
DG "C4'" "O4'"  sing N N 84  
DG "C4'" "C3'"  sing N N 85  
DG "C4'" "H4'"  sing N N 86  
DG "O4'" "C1'"  sing N N 87  
DG "C3'" "O3'"  sing N N 88  
DG "C3'" "C2'"  sing N N 89  
DG "C3'" "H3'"  sing N N 90  
DG "O3'" "HO3'" sing N N 91  
DG "C2'" "C1'"  sing N N 92  
DG "C2'" "H2'"  sing N N 93  
DG "C2'" "H2''" sing N N 94  
DG "C1'" N9     sing N N 95  
DG "C1'" "H1'"  sing N N 96  
DG N9    C8     sing Y N 97  
DG N9    C4     sing Y N 98  
DG C8    N7     doub Y N 99  
DG C8    H8     sing N N 100 
DG N7    C5     sing Y N 101 
DG C5    C6     sing N N 102 
DG C5    C4     doub Y N 103 
DG C6    O6     doub N N 104 
DG C6    N1     sing N N 105 
DG N1    C2     sing N N 106 
DG N1    H1     sing N N 107 
DG C2    N2     sing N N 108 
DG C2    N3     doub N N 109 
DG N2    H21    sing N N 110 
DG N2    H22    sing N N 111 
DG N3    C4     sing N N 112 
DT OP3   P      sing N N 113 
DT OP3   HOP3   sing N N 114 
DT P     OP1    doub N N 115 
DT P     OP2    sing N N 116 
DT P     "O5'"  sing N N 117 
DT OP2   HOP2   sing N N 118 
DT "O5'" "C5'"  sing N N 119 
DT "C5'" "C4'"  sing N N 120 
DT "C5'" "H5'"  sing N N 121 
DT "C5'" "H5''" sing N N 122 
DT "C4'" "O4'"  sing N N 123 
DT "C4'" "C3'"  sing N N 124 
DT "C4'" "H4'"  sing N N 125 
DT "O4'" "C1'"  sing N N 126 
DT "C3'" "O3'"  sing N N 127 
DT "C3'" "C2'"  sing N N 128 
DT "C3'" "H3'"  sing N N 129 
DT "O3'" "HO3'" sing N N 130 
DT "C2'" "C1'"  sing N N 131 
DT "C2'" "H2'"  sing N N 132 
DT "C2'" "H2''" sing N N 133 
DT "C1'" N1     sing N N 134 
DT "C1'" "H1'"  sing N N 135 
DT N1    C2     sing N N 136 
DT N1    C6     sing N N 137 
DT C2    O2     doub N N 138 
DT C2    N3     sing N N 139 
DT N3    C4     sing N N 140 
DT N3    H3     sing N N 141 
DT C4    O4     doub N N 142 
DT C4    C5     sing N N 143 
DT C5    C7     sing N N 144 
DT C5    C6     doub N N 145 
DT C7    H71    sing N N 146 
DT C7    H72    sing N N 147 
DT C7    H73    sing N N 148 
DT C6    H6     sing N N 149 
# 
loop_
_ndb_struct_conf_na.entry_id 
_ndb_struct_conf_na.feature 
9Q3B 'double helix'        
9Q3B 'a-form double helix' 
9Q3B 'b-form double helix' 
# 
loop_
_ndb_struct_na_base_pair.model_number 
_ndb_struct_na_base_pair.i_label_asym_id 
_ndb_struct_na_base_pair.i_label_comp_id 
_ndb_struct_na_base_pair.i_label_seq_id 
_ndb_struct_na_base_pair.i_symmetry 
_ndb_struct_na_base_pair.j_label_asym_id 
_ndb_struct_na_base_pair.j_label_comp_id 
_ndb_struct_na_base_pair.j_label_seq_id 
_ndb_struct_na_base_pair.j_symmetry 
_ndb_struct_na_base_pair.shear 
_ndb_struct_na_base_pair.stretch 
_ndb_struct_na_base_pair.stagger 
_ndb_struct_na_base_pair.buckle 
_ndb_struct_na_base_pair.propeller 
_ndb_struct_na_base_pair.opening 
_ndb_struct_na_base_pair.pair_number 
_ndb_struct_na_base_pair.pair_name 
_ndb_struct_na_base_pair.i_auth_asym_id 
_ndb_struct_na_base_pair.i_auth_seq_id 
_ndb_struct_na_base_pair.i_PDB_ins_code 
_ndb_struct_na_base_pair.j_auth_asym_id 
_ndb_struct_na_base_pair.j_auth_seq_id 
_ndb_struct_na_base_pair.j_PDB_ins_code 
_ndb_struct_na_base_pair.hbond_type_28 
_ndb_struct_na_base_pair.hbond_type_12 
1 A DG 1  1_555 D DC 7 1_555 -0.188 -0.154 0.026  -1.124 -2.883 -1.691 1  A_DG3:DC16_D A 3  ? D 16 ? 19 1 
1 A DA 2  1_555 D DT 6 1_555 0.141  -0.043 -0.082 -3.253 -0.534 -6.191 2  A_DA4:DT15_D A 4  ? D 15 ? 20 1 
1 A DC 3  1_555 D DG 5 1_555 0.215  -0.134 0.072  -1.326 0.733  -0.517 3  A_DC5:DG14_D A 5  ? D 14 ? 19 1 
1 A DA 4  1_555 D DT 4 1_555 0.179  -0.048 -0.021 -2.055 -1.456 -5.512 4  A_DA6:DT13_D A 6  ? D 13 ? 20 1 
1 A DG 5  1_555 D DC 3 1_555 -0.181 -0.147 -0.142 -0.762 0.472  -0.297 5  A_DG7:DC12_D A 7  ? D 12 ? 19 1 
1 A DC 6  1_555 D DG 2 1_555 0.243  -0.133 -0.302 2.451  1.533  0.607  6  A_DC8:DG11_D A 8  ? D 11 ? 19 1 
1 A DC 7  1_555 D DG 1 1_555 0.207  -0.152 -0.098 -0.554 -0.714 -0.648 7  A_DC9:DG10_D A 9  ? D 10 ? 19 1 
1 A DT 8  1_555 B DA 6 1_555 0.233  -0.382 -0.104 -4.258 -8.066 -4.746 8  A_DT10:DA5_B A 10 ? B 5  ? 20 1 
1 A DG 9  1_555 B DC 5 1_555 -0.239 -0.139 -0.211 -4.667 -3.733 2.476  9  A_DG11:DC4_B A 11 ? B 4  ? 19 1 
1 A DT 10 1_555 B DA 4 1_555 -0.066 -0.096 0.100  1.313  -2.869 1.003  10 A_DT12:DA3_B A 12 ? B 3  ? 20 1 
1 A DC 11 1_555 B DG 3 1_555 0.179  -0.166 0.034  1.090  -4.026 -0.086 11 A_DC13:DG2_B A 13 ? B 2  ? 19 1 
1 A DG 12 1_555 B DC 2 1_555 -0.160 -0.137 0.017  0.051  -2.271 -1.266 12 A_DG14:DC1_B A 14 ? B 1  ? 19 1 
1 A DG 13 1_555 B DC 1 1_555 -0.207 -0.093 -0.196 -0.907 -0.341 -0.730 13 A_DG15:DC0_B A 15 ? B 0  ? 19 1 
1 A DA 14 1_555 C DT 8 1_555 0.019  -0.167 0.018  0.237  -1.397 2.025  14 A_DA16:DT8_C A 16 ? C 8  ? 20 1 
1 A DC 15 1_555 C DG 7 1_555 0.221  -0.136 0.109  1.656  -1.123 1.426  15 A_DC17:DG7_C A 17 ? C 7  ? 19 1 
1 A DA 16 1_555 C DT 6 1_555 0.120  -0.103 0.157  -1.172 -4.011 -1.104 16 A_DA18:DT6_C A 18 ? C 6  ? 20 1 
1 A DT 17 1_555 C DA 5 1_555 -0.048 -0.110 0.037  -0.912 -3.968 0.557  17 A_DT19:DA5_C A 19 ? C 5  ? 20 1 
1 A DC 18 1_555 C DG 4 1_555 0.213  -0.157 0.152  0.032  -4.969 -0.772 18 A_DC20:DG4_C A 20 ? C 4  ? 19 1 
1 A DA 19 1_555 C DT 3 1_555 0.151  -0.081 -0.140 -4.010 -2.856 -2.240 19 A_DA21:DT3_C A 21 ? C 3  ? 20 1 
1 A DG 20 1_555 C DC 2 1_555 -0.200 -0.149 -0.321 -3.596 -0.449 -0.969 20 A_DG22:DC2_C A 22 ? C 2  ? 19 1 
1 A DA 21 1_555 C DT 1 1_555 0.057  -0.148 -0.259 -2.017 -0.856 2.848  21 A_DA23:DT1_C A 23 ? C 1  ? 20 1 
# 
loop_
_ndb_struct_na_base_pair_step.model_number 
_ndb_struct_na_base_pair_step.i_label_asym_id_1 
_ndb_struct_na_base_pair_step.i_label_comp_id_1 
_ndb_struct_na_base_pair_step.i_label_seq_id_1 
_ndb_struct_na_base_pair_step.i_symmetry_1 
_ndb_struct_na_base_pair_step.j_label_asym_id_1 
_ndb_struct_na_base_pair_step.j_label_comp_id_1 
_ndb_struct_na_base_pair_step.j_label_seq_id_1 
_ndb_struct_na_base_pair_step.j_symmetry_1 
_ndb_struct_na_base_pair_step.i_label_asym_id_2 
_ndb_struct_na_base_pair_step.i_label_comp_id_2 
_ndb_struct_na_base_pair_step.i_label_seq_id_2 
_ndb_struct_na_base_pair_step.i_symmetry_2 
_ndb_struct_na_base_pair_step.j_label_asym_id_2 
_ndb_struct_na_base_pair_step.j_label_comp_id_2 
_ndb_struct_na_base_pair_step.j_label_seq_id_2 
_ndb_struct_na_base_pair_step.j_symmetry_2 
_ndb_struct_na_base_pair_step.shift 
_ndb_struct_na_base_pair_step.slide 
_ndb_struct_na_base_pair_step.rise 
_ndb_struct_na_base_pair_step.tilt 
_ndb_struct_na_base_pair_step.roll 
_ndb_struct_na_base_pair_step.twist 
_ndb_struct_na_base_pair_step.x_displacement 
_ndb_struct_na_base_pair_step.y_displacement 
_ndb_struct_na_base_pair_step.helical_rise 
_ndb_struct_na_base_pair_step.inclination 
_ndb_struct_na_base_pair_step.tip 
_ndb_struct_na_base_pair_step.helical_twist 
_ndb_struct_na_base_pair_step.step_number 
_ndb_struct_na_base_pair_step.step_name 
_ndb_struct_na_base_pair_step.i_auth_asym_id_1 
_ndb_struct_na_base_pair_step.i_auth_seq_id_1 
_ndb_struct_na_base_pair_step.i_PDB_ins_code_1 
_ndb_struct_na_base_pair_step.j_auth_asym_id_1 
_ndb_struct_na_base_pair_step.j_auth_seq_id_1 
_ndb_struct_na_base_pair_step.j_PDB_ins_code_1 
_ndb_struct_na_base_pair_step.i_auth_asym_id_2 
_ndb_struct_na_base_pair_step.i_auth_seq_id_2 
_ndb_struct_na_base_pair_step.i_PDB_ins_code_2 
_ndb_struct_na_base_pair_step.j_auth_asym_id_2 
_ndb_struct_na_base_pair_step.j_auth_seq_id_2 
_ndb_struct_na_base_pair_step.j_PDB_ins_code_2 
1 A DG 1  1_555 D DC 7 1_555 A DA 2  1_555 D DT 6 1_555 -0.338 -0.325 3.395 -1.263 0.426  38.315 -0.550 0.351  3.401 0.649  1.924  
38.337 1  AA_DG3DA4:DT15DC16_DD A 3  ? D 16 ? A 4  ? D 15 ? 
1 A DA 2  1_555 D DT 6 1_555 A DC 3  1_555 D DG 5 1_555 0.711  -0.443 3.406 -0.598 1.775  28.650 -1.307 -1.573 3.358 3.581  1.207  
28.710 2  AA_DA4DC5:DG14DT15_DD A 4  ? D 15 ? A 5  ? D 14 ? 
1 A DC 3  1_555 D DG 5 1_555 A DA 4  1_555 D DT 4 1_555 -0.857 0.414  3.387 -1.333 1.993  34.030 0.375  1.239  3.435 3.400  2.275  
34.112 3  AA_DC5DA6:DT13DG14_DD A 5  ? D 14 ? A 6  ? D 13 ? 
1 A DA 4  1_555 D DT 4 1_555 A DG 5  1_555 D DC 3 1_555 0.690  -0.524 3.500 -1.269 0.621  31.625 -1.083 -1.515 3.459 1.139  2.328  
31.656 4  AA_DA6DG7:DC12DT13_DD A 6  ? D 13 ? A 7  ? D 12 ? 
1 A DG 5  1_555 D DC 3 1_555 A DC 6  1_555 D DG 2 1_555 0.776  -0.512 3.256 0.181  1.801  32.903 -1.206 -1.338 3.228 3.177  -0.319 
32.951 5  AA_DG7DC8:DG11DC12_DD A 7  ? D 12 ? A 8  ? D 11 ? 
1 A DC 6  1_555 D DG 2 1_555 A DC 7  1_555 D DG 1 1_555 0.027  -1.029 3.547 -5.920 1.189  35.215 -1.863 -0.967 3.461 1.948  9.696  
35.713 6  AA_DC8DC9:DG10DG11_DD A 8  ? D 11 ? A 9  ? D 10 ? 
1 A DC 7  1_555 D DG 1 1_555 A DT 8  1_555 B DA 6 1_555 -0.866 -1.470 3.373 2.454  12.290 23.891 -6.034 2.433  2.258 27.405 -5.472 
26.936 7  AA_DC9DT10:DA5DG10_BD A 9  ? D 10 ? A 10 ? B 5  ? 
1 A DT 8  1_555 B DA 6 1_555 A DG 9  1_555 B DC 5 1_555 -0.197 1.011  3.245 -2.323 2.648  33.180 1.319  -0.045 3.320 4.621  4.054  
33.362 8  AA_DT10DG11:DC4DA5_BB A 10 ? B 5  ? A 11 ? B 4  ? 
1 A DG 9  1_555 B DC 5 1_555 A DT 10 1_555 B DA 4 1_555 0.004  -0.027 3.106 -1.759 3.288  31.873 -0.610 -0.308 3.083 5.963  3.190  
32.084 9  AA_DG11DT12:DA3DC4_BB A 11 ? B 4  ? A 12 ? B 3  ? 
1 A DT 10 1_555 B DA 4 1_555 A DC 11 1_555 B DG 3 1_555 0.199  0.597  3.077 2.655  2.260  44.084 0.593  -0.030 3.109 3.006  -3.531 
44.214 10 AA_DT12DC13:DG2DA3_BB A 12 ? B 3  ? A 13 ? B 2  ? 
1 A DC 11 1_555 B DG 3 1_555 A DG 12 1_555 B DC 2 1_555 0.000  0.191  3.077 0.332  6.649  26.592 -1.157 0.077  3.033 14.174 -0.708 
27.398 11 AA_DC13DG14:DC1DG2_BB A 13 ? B 2  ? A 14 ? B 1  ? 
1 A DG 12 1_555 B DC 2 1_555 A DG 13 1_555 B DC 1 1_555 0.047  0.235  3.248 -0.063 0.324  37.107 0.326  -0.082 3.250 0.509  0.098  
37.108 12 AA_DG14DG15:DC0DC1_BB A 14 ? B 1  ? A 15 ? B 0  ? 
1 A DG 13 1_555 B DC 1 1_555 A DA 14 1_555 C DT 8 1_555 -1.074 -0.161 3.249 -9.971 9.576  31.314 -1.848 0.189  3.247 16.756 17.447 
34.160 13 AA_DG15DA16:DT8DC0_CB A 15 ? B 0  ? A 16 ? C 8  ? 
1 A DA 14 1_555 C DT 8 1_555 A DC 15 1_555 C DG 7 1_555 -0.038 -1.527 3.341 -4.001 1.603  31.376 -3.097 -0.676 3.240 2.947  7.355  
31.663 14 AA_DA16DC17:DG7DT8_CC A 16 ? C 8  ? A 17 ? C 7  ? 
1 A DC 15 1_555 C DG 7 1_555 A DA 16 1_555 C DT 6 1_555 -0.685 -0.358 3.286 -3.640 -6.109 37.609 0.240  0.578  3.350 -9.374 5.585  
38.252 15 AA_DC17DA18:DT6DG7_CC A 17 ? C 7  ? A 18 ? C 6  ? 
1 A DA 16 1_555 C DT 6 1_555 A DT 17 1_555 C DA 5 1_555 0.023  -0.894 3.267 0.639  -2.417 32.700 -1.164 0.071  3.322 -4.285 -1.132 
32.793 16 AA_DA18DT19:DA5DT6_CC A 18 ? C 6  ? A 19 ? C 5  ? 
1 A DT 17 1_555 C DA 5 1_555 A DC 18 1_555 C DG 4 1_555 -0.208 0.726  3.249 -0.733 -0.382 37.948 1.164  0.227  3.245 -0.587 1.127  
37.957 17 AA_DT19DC20:DG4DA5_CC A 19 ? C 5  ? A 20 ? C 4  ? 
1 A DC 18 1_555 C DG 4 1_555 A DA 19 1_555 C DT 3 1_555 -0.549 0.747  3.371 -0.657 -2.199 37.361 1.461  0.767  3.332 -3.428 1.024  
37.429 18 AA_DC20DA21:DT3DG4_CC A 20 ? C 4  ? A 21 ? C 3  ? 
1 A DA 19 1_555 C DT 3 1_555 A DG 20 1_555 C DC 2 1_555 -0.407 0.499  3.357 -0.892 -0.144 30.789 0.968  0.587  3.365 -0.272 1.680  
30.802 19 AA_DA21DG22:DC2DT3_CC A 21 ? C 3  ? A 22 ? C 2  ? 
1 A DG 20 1_555 C DC 2 1_555 A DA 21 1_555 C DT 1 1_555 -0.077 -0.066 3.202 -1.881 0.387  35.264 -0.164 -0.145 3.201 0.639  3.101  
35.315 20 AA_DG22DA23:DT1DC2_CC A 22 ? C 2  ? A 23 ? C 1  ? 
# 
loop_
_pdbx_audit_support.funding_organization 
_pdbx_audit_support.country 
_pdbx_audit_support.grant_number 
_pdbx_audit_support.ordinal 
'Office of Naval Research (ONR)'                   'United States' N000141912596 1 
'Department of Energy (DOE, United States)'        'United States' DE-SC0007991  2 
'National Science Foundation (NSF, United States)' 'United States' CCF-2106790   3 
'National Science Foundation (NSF, United States)' 'United States' GCR-2317843   4 
# 
_pdbx_initial_refinement_model.id               1 
_pdbx_initial_refinement_model.entity_id_list   ? 
_pdbx_initial_refinement_model.type             'experimental model' 
_pdbx_initial_refinement_model.source_name      PDB 
_pdbx_initial_refinement_model.accession_code   8d93 
_pdbx_initial_refinement_model.details          ? 
# 
_space_group.name_H-M_alt     'P 32' 
_space_group.name_Hall        'P 32' 
_space_group.IT_number        145 
_space_group.crystal_system   trigonal 
_space_group.id               1 
# 
_atom_sites.entry_id                    9Q3B 
_atom_sites.Cartn_transf_matrix[1][1]   ? 
_atom_sites.Cartn_transf_matrix[1][2]   ? 
_atom_sites.Cartn_transf_matrix[1][3]   ? 
_atom_sites.Cartn_transf_matrix[2][1]   ? 
_atom_sites.Cartn_transf_matrix[2][2]   ? 
_atom_sites.Cartn_transf_matrix[2][3]   ? 
_atom_sites.Cartn_transf_matrix[3][1]   ? 
_atom_sites.Cartn_transf_matrix[3][2]   ? 
_atom_sites.Cartn_transf_matrix[3][3]   ? 
_atom_sites.Cartn_transf_vector[1]      ? 
_atom_sites.Cartn_transf_vector[2]      ? 
_atom_sites.Cartn_transf_vector[3]      ? 
_atom_sites.Cartn_transform_axes        ? 
_atom_sites.fract_transf_matrix[1][1]   -0.01464044 
_atom_sites.fract_transf_matrix[1][2]   -0.00712295 
_atom_sites.fract_transf_matrix[1][3]   -0.00385630 
_atom_sites.fract_transf_matrix[2][1]   -0.00577811 
_atom_sites.fract_transf_matrix[2][2]   0.00071673 
_atom_sites.fract_transf_matrix[2][3]   -0.01568629 
_atom_sites.fract_transf_matrix[3][1]   0.00877968 
_atom_sites.fract_transf_matrix[3][2]   -0.01590145 
_atom_sites.fract_transf_matrix[3][3]   -0.00396060 
_atom_sites.fract_transf_vector[1]      0.280391 
_atom_sites.fract_transf_vector[2]      -0.244345 
_atom_sites.fract_transf_vector[3]      0.221036 
_atom_sites.solution_primary            ? 
_atom_sites.solution_secondary          ? 
_atom_sites.solution_hydrogens          ? 
_atom_sites.special_details             ? 
# 
loop_
_atom_type.symbol 
_atom_type.scat_dispersion_real 
_atom_type.scat_dispersion_imag 
_atom_type.scat_Cromer_Mann_a1 
_atom_type.scat_Cromer_Mann_a2 
_atom_type.scat_Cromer_Mann_a3 
_atom_type.scat_Cromer_Mann_a4 
_atom_type.scat_Cromer_Mann_b1 
_atom_type.scat_Cromer_Mann_b2 
_atom_type.scat_Cromer_Mann_b3 
_atom_type.scat_Cromer_Mann_b4 
_atom_type.scat_Cromer_Mann_c 
_atom_type.scat_source 
_atom_type.scat_dispersion_source 
C ? ? 5.96793 ?       ? ? 14.89577 ?        ? ? 0.0 
;1-Gaussian fit: Grosse-Kunstleve RW, Sauter NK, Adams PD: Newsletter of the IUCr Commission on Crystallographic Computing 2004, 3, 22-31.
;
? 
N ? ? 6.96715 ?       ? ? 11.43723 ?        ? ? 0.0 
;1-Gaussian fit: Grosse-Kunstleve RW, Sauter NK, Adams PD: Newsletter of the IUCr Commission on Crystallographic Computing 2004, 3, 22-31.
;
? 
O ? ? 7.96527 ?       ? ? 9.05267  ?        ? ? 0.0 
;1-Gaussian fit: Grosse-Kunstleve RW, Sauter NK, Adams PD: Newsletter of the IUCr Commission on Crystallographic Computing 2004, 3, 22-31.
;
? 
P ? ? 9.51135 5.44231 ? ? 1.42069  35.72801 ? ? 0.0 
;2-Gaussian fit: Grosse-Kunstleve RW, Sauter NK, Adams PD: Newsletter of the IUCr Commission on Crystallographic Computing 2004, 3, 22-31.
;
? 
# 
loop_
_atom_site.group_PDB 
_atom_site.id 
_atom_site.type_symbol 
_atom_site.label_atom_id 
_atom_site.label_alt_id 
_atom_site.label_comp_id 
_atom_site.label_asym_id 
_atom_site.label_entity_id 
_atom_site.label_seq_id 
_atom_site.pdbx_PDB_ins_code 
_atom_site.Cartn_x 
_atom_site.Cartn_y 
_atom_site.Cartn_z 
_atom_site.occupancy 
_atom_site.B_iso_or_equiv 
_atom_site.pdbx_formal_charge 
_atom_site.auth_seq_id 
_atom_site.auth_comp_id 
_atom_site.auth_asym_id 
_atom_site.auth_atom_id 
_atom_site.pdbx_PDB_model_num 
ATOM 1   O "O5'" . DG A 1 1  ? 19.56636  9.22706   26.09642  1.000 298.79018 ? 3  DG A "O5'" 1 
ATOM 2   C "C5'" . DG A 1 1  ? 20.14866  10.45780  26.52119  1.000 306.16190 ? 3  DG A "C5'" 1 
ATOM 3   C "C4'" . DG A 1 1  ? 20.57188  11.31023  25.33374  1.000 304.93048 ? 3  DG A "C4'" 1 
ATOM 4   O "O4'" . DG A 1 1  ? 21.73755  10.72808  24.69604  1.000 309.25647 ? 3  DG A "O4'" 1 
ATOM 5   C "C3'" . DG A 1 1  ? 19.52765  11.47064  24.23868  1.000 293.30850 ? 3  DG A "C3'" 1 
ATOM 6   O "O3'" . DG A 1 1  ? 19.61922  12.77431  23.67694  1.000 293.97884 ? 3  DG A "O3'" 1 
ATOM 7   C "C2'" . DG A 1 1  ? 19.91236  10.38652  23.23131  1.000 289.65921 ? 3  DG A "C2'" 1 
ATOM 8   C "C1'" . DG A 1 1  ? 21.43188  10.32658  23.37278  1.000 300.42686 ? 3  DG A "C1'" 1 
ATOM 9   N N9    . DG A 1 1  ? 21.98270  8.98582   23.18201  1.000 301.57502 ? 3  DG A N9    1 
ATOM 10  C C8    . DG A 1 1  ? 21.70696  7.87308   23.93418  1.000 302.05033 ? 3  DG A C8    1 
ATOM 11  N N7    . DG A 1 1  ? 22.35200  6.80851   23.54933  1.000 303.97317 ? 3  DG A N7    1 
ATOM 12  C C5    . DG A 1 1  ? 23.11111  7.24388   22.47127  1.000 304.49031 ? 3  DG A C5    1 
ATOM 13  C C6    . DG A 1 1  ? 24.00911  6.52489   21.65156  1.000 306.49454 ? 3  DG A C6    1 
ATOM 14  O O6    . DG A 1 1  ? 24.31636  5.32816   21.72167  1.000 308.48018 ? 3  DG A O6    1 
ATOM 15  N N1    . DG A 1 1  ? 24.57432  7.33625   20.66656  1.000 306.51180 ? 3  DG A N1    1 
ATOM 16  C C2    . DG A 1 1  ? 24.30039  8.67403   20.50245  1.000 305.21688 ? 3  DG A C2    1 
ATOM 17  N N2    . DG A 1 1  ? 24.94279  9.29189   19.49623  1.000 306.08103 ? 3  DG A N2    1 
ATOM 18  N N3    . DG A 1 1  ? 23.45768  9.36195   21.26687  1.000 303.62040 ? 3  DG A N3    1 
ATOM 19  C C4    . DG A 1 1  ? 22.90069  8.58283   22.22837  1.000 303.12917 ? 3  DG A C4    1 
ATOM 20  P P     . DA A 1 2  ? 18.49278  13.30701  22.66317  1.000 283.73806 ? 4  DA A P     1 
ATOM 21  O OP1   . DA A 1 2  ? 18.32671  14.75711  22.90728  1.000 287.25168 ? 4  DA A OP1   1 
ATOM 22  O OP2   . DA A 1 2  ? 17.31845  12.41136  22.76246  1.000 275.11384 ? 4  DA A OP2   1 
ATOM 23  O "O5'" . DA A 1 2  ? 19.16095  13.10038  21.22677  1.000 281.56891 ? 4  DA A "O5'" 1 
ATOM 24  C "C5'" . DA A 1 2  ? 20.52009  13.47267  21.02275  1.000 290.29902 ? 4  DA A "C5'" 1 
ATOM 25  C "C4'" . DA A 1 2  ? 20.90765  13.32139  19.56456  1.000 286.42860 ? 4  DA A "C4'" 1 
ATOM 26  O "O4'" . DA A 1 2  ? 21.58825  12.05588  19.36151  1.000 287.08023 ? 4  DA A "O4'" 1 
ATOM 27  C "C3'" . DA A 1 2  ? 19.74147  13.34764  18.58916  1.000 275.18613 ? 4  DA A "C3'" 1 
ATOM 28  O "O3'" . DA A 1 2  ? 20.09799  14.09707  17.44196  1.000 274.89061 ? 4  DA A "O3'" 1 
ATOM 29  C "C2'" . DA A 1 2  ? 19.50595  11.86872  18.26499  1.000 268.97548 ? 4  DA A "C2'" 1 
ATOM 30  C "C1'" . DA A 1 2  ? 20.89846  11.26223  18.41502  1.000 276.94158 ? 4  DA A "C1'" 1 
ATOM 31  N N9    . DA A 1 2  ? 20.88461  9.88991   18.91893  1.000 276.45322 ? 4  DA A N9    1 
ATOM 32  C C8    . DA A 1 2  ? 20.18968  9.42852   20.00021  1.000 275.96392 ? 4  DA A C8    1 
ATOM 33  N N7    . DA A 1 2  ? 20.36940  8.15483   20.24434  1.000 276.52901 ? 4  DA A N7    1 
ATOM 34  C C5    . DA A 1 2  ? 21.24987  7.74600   19.25908  1.000 277.35979 ? 4  DA A C5    1 
ATOM 35  C C6    . DA A 1 2  ? 21.83204  6.49693   18.97299  1.000 278.70001 ? 4  DA A C6    1 
ATOM 36  N N6    . DA A 1 2  ? 21.58990  5.40094   19.69554  1.000 279.76040 ? 4  DA A N6    1 
ATOM 37  N N1    . DA A 1 2  ? 22.67089  6.41743   17.91825  1.000 279.36625 ? 4  DA A N1    1 
ATOM 38  C C2    . DA A 1 2  ? 22.90693  7.52487   17.19903  1.000 278.79251 ? 4  DA A C2    1 
ATOM 39  N N3    . DA A 1 2  ? 22.41628  8.75904   17.37194  1.000 277.93331 ? 4  DA A N3    1 
ATOM 40  C C4    . DA A 1 2  ? 21.58589  8.79988   18.43069  1.000 277.19304 ? 4  DA A C4    1 
ATOM 41  P P     . DC A 1 3  ? 19.00639  14.41721  16.31046  1.000 265.02270 ? 5  DC A P     1 
ATOM 42  O OP1   . DC A 1 3  ? 19.28667  15.77412  15.78990  1.000 268.99799 ? 5  DC A OP1   1 
ATOM 43  O OP2   . DC A 1 3  ? 17.66977  14.10122  16.86344  1.000 258.60507 ? 5  DC A OP2   1 
ATOM 44  O "O5'" . DC A 1 3  ? 19.34115  13.34727  15.17568  1.000 259.70444 ? 5  DC A "O5'" 1 
ATOM 45  C "C5'" . DC A 1 3  ? 20.68754  12.91855  14.99236  1.000 265.78582 ? 5  DC A "C5'" 1 
ATOM 46  C "C4'" . DC A 1 3  ? 20.74352  11.71002  14.08319  1.000 259.54825 ? 5  DC A "C4'" 1 
ATOM 47  O "O4'" . DC A 1 3  ? 20.76532  10.48980  14.87590  1.000 260.09723 ? 5  DC A "O4'" 1 
ATOM 48  C "C3'" . DC A 1 3  ? 19.55191  11.57598  13.13166  1.000 248.73456 ? 5  DC A "C3'" 1 
ATOM 49  O "O3'" . DC A 1 3  ? 20.01264  11.24136  11.83800  1.000 245.68397 ? 5  DC A "O3'" 1 
ATOM 50  C "C2'" . DC A 1 3  ? 18.74848  10.43299  13.74738  1.000 244.08249 ? 5  DC A "C2'" 1 
ATOM 51  C "C1'" . DC A 1 3  ? 19.86747  9.57341   14.30251  1.000 250.79085 ? 5  DC A "C1'" 1 
ATOM 52  N N1    . DC A 1 3  ? 19.42178  8.60106   15.34127  1.000 250.77119 ? 5  DC A N1    1 
ATOM 53  C C2    . DC A 1 3  ? 19.86513  7.27381   15.27998  1.000 251.29824 ? 5  DC A C2    1 
ATOM 54  O O2    . DC A 1 3  ? 20.63038  6.93989   14.36676  1.000 251.57813 ? 5  DC A O2    1 
ATOM 55  N N3    . DC A 1 3  ? 19.44533  6.39626   16.22672  1.000 251.93258 ? 5  DC A N3    1 
ATOM 56  C C4    . DC A 1 3  ? 18.61915  6.80456   17.19251  1.000 251.63533 ? 5  DC A C4    1 
ATOM 57  N N4    . DC A 1 3  ? 18.22886  5.90903   18.10562  1.000 252.58848 ? 5  DC A N4    1 
ATOM 58  C C5    . DC A 1 3  ? 18.15434  8.15173   17.26615  1.000 250.78974 ? 5  DC A C5    1 
ATOM 59  C C6    . DC A 1 3  ? 18.57474  9.00598   16.32816  1.000 250.55352 ? 5  DC A C6    1 
ATOM 60  P P     . DA A 1 4  ? 19.43448  11.99804  10.54464  1.000 248.01459 ? 6  DA A P     1 
ATOM 61  O OP1   . DA A 1 4  ? 20.20423  13.25138  10.37697  1.000 253.71132 ? 6  DA A OP1   1 
ATOM 62  O OP2   . DA A 1 4  ? 17.96027  12.04995  10.66212  1.000 244.70358 ? 6  DA A OP2   1 
ATOM 63  O "O5'" . DA A 1 4  ? 19.79677  11.00520  9.34701   1.000 245.06367 ? 6  DA A "O5'" 1 
ATOM 64  C "C5'" . DA A 1 4  ? 21.10022  10.44770  9.27039   1.000 247.31329 ? 6  DA A "C5'" 1 
ATOM 65  C "C4'" . DA A 1 4  ? 21.03803  8.96287   8.96556   1.000 244.08881 ? 6  DA A "C4'" 1 
ATOM 66  O "O4'" . DA A 1 4  ? 20.67695  8.22203   10.16000  1.000 243.88331 ? 6  DA A "O4'" 1 
ATOM 67  C "C3'" . DA A 1 4  ? 20.03114  8.56658   7.88747   1.000 238.68839 ? 6  DA A "C3'" 1 
ATOM 68  O "O3'" . DA A 1 4  ? 20.67331  7.73775   6.93889   1.000 237.04470 ? 6  DA A "O3'" 1 
ATOM 69  C "C2'" . DA A 1 4  ? 18.94196  7.81263   8.66184   1.000 235.77955 ? 6  DA A "C2'" 1 
ATOM 70  C "C1'" . DA A 1 4  ? 19.72397  7.23952   9.83150   1.000 239.47596 ? 6  DA A "C1'" 1 
ATOM 71  N N9    . DA A 1 4  ? 18.90987  6.98969   11.01860  1.000 238.66024 ? 6  DA A N9    1 
ATOM 72  C C8    . DA A 1 4  ? 18.17019  7.90600   11.70747  1.000 239.42525 ? 6  DA A C8    1 
ATOM 73  N N7    . DA A 1 4  ? 17.54794  7.41145   12.74910  1.000 238.28194 ? 6  DA A N7    1 
ATOM 74  C C5    . DA A 1 4  ? 17.90537  6.07494   12.74697  1.000 237.09127 ? 6  DA A C5    1 
ATOM 75  C C6    . DA A 1 4  ? 17.57156  5.00589   13.59838  1.000 236.93592 ? 6  DA A C6    1 
ATOM 76  N N6    . DA A 1 4  ? 16.76752  5.14171   14.65488  1.000 237.19742 ? 6  DA A N6    1 
ATOM 77  N N1    . DA A 1 4  ? 18.09565  3.79171   13.32207  1.000 237.89125 ? 6  DA A N1    1 
ATOM 78  C C2    . DA A 1 4  ? 18.90198  3.66604   12.25872  1.000 237.66887 ? 6  DA A C2    1 
ATOM 79  N N3    . DA A 1 4  ? 19.28794  4.60038   11.38442  1.000 236.64251 ? 6  DA A N3    1 
ATOM 80  C C4    . DA A 1 4  ? 18.74901  5.79372   11.68892  1.000 237.24873 ? 6  DA A C4    1 
ATOM 81  P P     . DG A 1 5  ? 19.97511  7.39448   5.53460   1.000 236.80427 ? 7  DG A P     1 
ATOM 82  O OP1   . DG A 1 5  ? 20.83241  7.95713   4.46830   1.000 239.44709 ? 7  DG A OP1   1 
ATOM 83  O OP2   . DG A 1 5  ? 18.54736  7.77716   5.59814   1.000 233.77862 ? 7  DG A OP2   1 
ATOM 84  O "O5'" . DG A 1 5  ? 20.05206  5.80222   5.48058   1.000 232.48264 ? 7  DG A "O5'" 1 
ATOM 85  C "C5'" . DG A 1 5  ? 20.56862  5.08934   6.59869   1.000 234.79770 ? 7  DG A "C5'" 1 
ATOM 86  C "C4'" . DG A 1 5  ? 19.82448  3.78587   6.78680   1.000 230.69904 ? 7  DG A "C4'" 1 
ATOM 87  O "O4'" . DG A 1 5  ? 19.11514  3.80489   8.05244   1.000 231.93530 ? 7  DG A "O4'" 1 
ATOM 88  C "C3'" . DG A 1 5  ? 18.78155  3.48913   5.70890   1.000 224.54181 ? 7  DG A "C3'" 1 
ATOM 89  O "O3'" . DG A 1 5  ? 18.94178  2.16160   5.24886   1.000 221.04658 ? 7  DG A "O3'" 1 
ATOM 90  C "C2'" . DG A 1 5  ? 17.44545  3.68888   6.43021   1.000 223.46067 ? 7  DG A "C2'" 1 
ATOM 91  C "C1'" . DG A 1 5  ? 17.80697  3.32669   7.86049   1.000 227.37039 ? 7  DG A "C1'" 1 
ATOM 92  N N9    . DG A 1 5  ? 16.93904  3.94178   8.86236   1.000 228.58345 ? 7  DG A N9    1 
ATOM 93  C C8    . DG A 1 5  ? 16.56982  5.26255   8.94392   1.000 230.21382 ? 7  DG A C8    1 
ATOM 94  N N7    . DG A 1 5  ? 15.78607  5.52095   9.95435   1.000 230.70865 ? 7  DG A N7    1 
ATOM 95  C C5    . DG A 1 5  ? 15.63073  4.29349   10.58556  1.000 229.56223 ? 7  DG A C5    1 
ATOM 96  C C6    . DG A 1 5  ? 14.88789  3.95052   11.73935  1.000 229.67656 ? 7  DG A C6    1 
ATOM 97  O O6    . DG A 1 5  ? 14.20092  4.69168   12.45449  1.000 230.33256 ? 7  DG A O6    1 
ATOM 98  N N1    . DG A 1 5  ? 14.99900  2.59265   12.03929  1.000 229.24556 ? 7  DG A N1    1 
ATOM 99  C C2    . DG A 1 5  ? 15.73432  1.68661   11.31103  1.000 228.58692 ? 7  DG A C2    1 
ATOM 100 N N2    . DG A 1 5  ? 15.72573  0.41911   11.74724  1.000 228.94892 ? 7  DG A N2    1 
ATOM 101 N N3    . DG A 1 5  ? 16.43234  1.99824   10.22850  1.000 227.89661 ? 7  DG A N3    1 
ATOM 102 C C4    . DG A 1 5  ? 16.33449  3.31283   9.92549   1.000 228.49234 ? 7  DG A C4    1 
ATOM 103 P P     . DC A 1 6  ? 18.18590  1.65546   3.92521   1.000 214.85757 ? 8  DC A P     1 
ATOM 104 O OP1   . DC A 1 6  ? 19.20858  1.06351   3.03582   1.000 213.62341 ? 8  DC A OP1   1 
ATOM 105 O OP2   . DC A 1 6  ? 17.31796  2.74272   3.41923   1.000 213.59395 ? 8  DC A OP2   1 
ATOM 106 O "O5'" . DC A 1 6  ? 17.24588  0.49109   4.47484   1.000 211.66793 ? 8  DC A "O5'" 1 
ATOM 107 C "C5'" . DC A 1 6  ? 17.63209  -0.22100  5.64086   1.000 216.40414 ? 8  DC A "C5'" 1 
ATOM 108 C "C4'" . DC A 1 6  ? 16.41626  -0.70354  6.40478   1.000 215.86484 ? 8  DC A "C4'" 1 
ATOM 109 O "O4'" . DC A 1 6  ? 15.96043  0.32289   7.33464   1.000 218.83385 ? 8  DC A "O4'" 1 
ATOM 110 C "C3'" . DC A 1 6  ? 15.19791  -1.04893  5.53345   1.000 210.07344 ? 8  DC A "C3'" 1 
ATOM 111 O "O3'" . DC A 1 6  ? 14.67633  -2.31050  5.92567   1.000 210.02404 ? 8  DC A "O3'" 1 
ATOM 112 C "C2'" . DC A 1 6  ? 14.22049  0.07639   5.86124   1.000 210.46530 ? 8  DC A "C2'" 1 
ATOM 113 C "C1'" . DC A 1 6  ? 14.56005  0.29614   7.31662   1.000 215.99759 ? 8  DC A "C1'" 1 
ATOM 114 N N1    . DC A 1 6  ? 13.99436  1.54890   7.88563   1.000 217.54451 ? 8  DC A N1    1 
ATOM 115 C C2    . DC A 1 6  ? 13.22785  1.47222   9.05069   1.000 218.43842 ? 8  DC A C2    1 
ATOM 116 O O2    . DC A 1 6  ? 13.06997  0.36684   9.58445   1.000 218.52056 ? 8  DC A O2    1 
ATOM 117 N N3    . DC A 1 6  ? 12.68285  2.60375   9.55707   1.000 219.45304 ? 8  DC A N3    1 
ATOM 118 C C4    . DC A 1 6  ? 12.87986  3.77013   8.93858   1.000 220.17854 ? 8  DC A C4    1 
ATOM 119 N N4    . DC A 1 6  ? 12.32912  4.86245   9.47742   1.000 221.59182 ? 8  DC A N4    1 
ATOM 120 C C5    . DC A 1 6  ? 13.65389  3.86792   7.74111   1.000 219.82427 ? 8  DC A C5    1 
ATOM 121 C C6    . DC A 1 6  ? 14.18099  2.74028   7.24990   1.000 218.12899 ? 8  DC A C6    1 
ATOM 122 P P     . DC A 1 7  ? 13.47881  -3.00047  5.10279   1.000 206.37224 ? 9  DC A P     1 
ATOM 123 O OP1   . DC A 1 7  ? 14.05377  -3.49271  3.83271   1.000 202.54999 ? 9  DC A OP1   1 
ATOM 124 O OP2   . DC A 1 7  ? 12.30175  -2.10343  5.08080   1.000 204.81388 ? 9  DC A OP2   1 
ATOM 125 O "O5'" . DC A 1 7  ? 13.08131  -4.25123  6.01189   1.000 208.16086 ? 9  DC A "O5'" 1 
ATOM 126 C "C5'" . DC A 1 7  ? 13.31331  -4.20272  7.41646   1.000 213.69131 ? 9  DC A "C5'" 1 
ATOM 127 C "C4'" . DC A 1 7  ? 12.02340  -3.95246  8.17853   1.000 214.16357 ? 9  DC A "C4'" 1 
ATOM 128 O "O4'" . DC A 1 7  ? 11.85492  -2.53770  8.43662   1.000 214.46368 ? 9  DC A "O4'" 1 
ATOM 129 C "C3'" . DC A 1 7  ? 10.74397  -4.41225  7.46886   1.000 210.14601 ? 9  DC A "C3'" 1 
ATOM 130 O "O3'" . DC A 1 7  ? 10.10158  -5.40807  8.25438   1.000 213.02387 ? 9  DC A "O3'" 1 
ATOM 131 C "C2'" . DC A 1 7  ? 9.89581   -3.13266  7.36092   1.000 208.30776 ? 9  DC A "C2'" 1 
ATOM 132 C "C1'" . DC A 1 7  ? 10.47989  -2.26896  8.46416   1.000 212.59269 ? 9  DC A "C1'" 1 
ATOM 133 N N1    . DC A 1 7  ? 10.26825  -0.80668  8.26266   1.000 211.86853 ? 9  DC A N1    1 
ATOM 134 C C2    . DC A 1 7  ? 9.37414   -0.11731  9.09052   1.000 212.97924 ? 9  DC A C2    1 
ATOM 135 O O2    . DC A 1 7  ? 8.77598   -0.74121  9.97524   1.000 214.38986 ? 9  DC A O2    1 
ATOM 136 N N3    . DC A 1 7  ? 9.19318   1.21460   8.89829   1.000 212.85130 ? 9  DC A N3    1 
ATOM 137 C C4    . DC A 1 7  ? 9.86302   1.84406   7.93100   1.000 212.12230 ? 9  DC A C4    1 
ATOM 138 N N4    . DC A 1 7  ? 9.65598   3.15581   7.77334   1.000 213.10995 ? 9  DC A N4    1 
ATOM 139 C C5    . DC A 1 7  ? 10.77560  1.15567   7.07742   1.000 210.74538 ? 9  DC A C5    1 
ATOM 140 C C6    . DC A 1 7  ? 10.94558  -0.15540  7.27771   1.000 210.44399 ? 9  DC A C6    1 
ATOM 141 P P     . DT A 1 8  ? 8.87000   -6.25939  7.66942   1.000 200.62428 ? 10 DT A P     1 
ATOM 142 O OP1   . DT A 1 8  ? 9.30132   -7.67336  7.63689   1.000 202.93980 ? 10 DT A OP1   1 
ATOM 143 O OP2   . DT A 1 8  ? 8.37337   -5.62746  6.42562   1.000 195.36249 ? 10 DT A OP2   1 
ATOM 144 O "O5'" . DT A 1 8  ? 7.74922   -6.10035  8.79764   1.000 203.33445 ? 10 DT A "O5'" 1 
ATOM 145 C "C5'" . DT A 1 8  ? 7.59792   -4.85731  9.47638   1.000 203.53321 ? 10 DT A "C5'" 1 
ATOM 146 C "C4'" . DT A 1 8  ? 6.13549   -4.48099  9.56950   1.000 202.07667 ? 10 DT A "C4'" 1 
ATOM 147 O "O4'" . DT A 1 8  ? 6.00615   -3.02940  9.59166   1.000 200.43591 ? 10 DT A "O4'" 1 
ATOM 148 C "C3'" . DT A 1 8  ? 5.28825   -4.95194  8.38721   1.000 198.87686 ? 10 DT A "C3'" 1 
ATOM 149 O "O3'" . DT A 1 8  ? 3.98560   -5.28742  8.83196   1.000 200.08384 ? 10 DT A "O3'" 1 
ATOM 150 C "C2'" . DT A 1 8  ? 5.26340   -3.71614  7.50424   1.000 195.02300 ? 10 DT A "C2'" 1 
ATOM 151 C "C1'" . DT A 1 8  ? 5.12235   -2.64127  8.56579   1.000 196.83384 ? 10 DT A "C1'" 1 
ATOM 152 N N1    . DT A 1 8  ? 5.47194   -1.26747  8.09277   1.000 195.32925 ? 10 DT A N1    1 
ATOM 153 C C2    . DT A 1 8  ? 4.79680   -0.18790  8.61286   1.000 195.93743 ? 10 DT A C2    1 
ATOM 154 O O2    . DT A 1 8  ? 3.92899   -0.29091  9.45998   1.000 197.01523 ? 10 DT A O2    1 
ATOM 155 N N3    . DT A 1 8  ? 5.17888   1.02606   8.10842   1.000 195.69694 ? 10 DT A N3    1 
ATOM 156 C C4    . DT A 1 8  ? 6.14556   1.26429   7.15105   1.000 194.77580 ? 10 DT A C4    1 
ATOM 157 O O4    . DT A 1 8  ? 6.41912   2.39529   6.76033   1.000 195.57077 ? 10 DT A O4    1 
ATOM 158 C C5    . DT A 1 8  ? 6.81156   0.08836   6.64223   1.000 193.32725 ? 10 DT A C5    1 
ATOM 159 C C7    . DT A 1 8  ? 7.87480   0.21963   5.59679   1.000 191.81561 ? 10 DT A C7    1 
ATOM 160 C C6    . DT A 1 8  ? 6.44504   -1.10638  7.13003   1.000 193.80110 ? 10 DT A C6    1 
ATOM 161 P P     . DG A 1 9  ? 3.19524   -6.52081  8.17145   1.000 197.07914 ? 11 DG A P     1 
ATOM 162 O OP1   . DG A 1 9  ? 3.78620   -7.77424  8.68626   1.000 201.12837 ? 11 DG A OP1   1 
ATOM 163 O OP2   . DG A 1 9  ? 3.13982   -6.29476  6.71174   1.000 192.88466 ? 11 DG A OP2   1 
ATOM 164 O "O5'" . DG A 1 9  ? 1.70693   -6.36487  8.73381   1.000 198.07320 ? 11 DG A "O5'" 1 
ATOM 165 C "C5'" . DG A 1 9  ? 1.48829   -5.94714  10.07617  1.000 200.48015 ? 11 DG A "C5'" 1 
ATOM 166 C "C4'" . DG A 1 9  ? 0.41833   -4.86853  10.14231  1.000 198.37214 ? 11 DG A "C4'" 1 
ATOM 167 O "O4'" . DG A 1 9  ? 0.97054   -3.59756  9.70451   1.000 195.61607 ? 11 DG A "O4'" 1 
ATOM 168 C "C3'" . DG A 1 9  ? -0.80474  -5.10576  9.26166   1.000 196.94640 ? 11 DG A "C3'" 1 
ATOM 169 O "O3'" . DG A 1 9  ? -1.94351  -4.55409  9.89398   1.000 197.66505 ? 11 DG A "O3'" 1 
ATOM 170 C "C2'" . DG A 1 9  ? -0.44760  -4.32864  7.99888   1.000 193.03420 ? 11 DG A "C2'" 1 
ATOM 171 C "C1'" . DG A 1 9  ? 0.22158   -3.11038  8.60702   1.000 192.70459 ? 11 DG A "C1'" 1 
ATOM 172 N N9    . DG A 1 9  ? 1.13531   -2.40481  7.71376   1.000 190.19234 ? 11 DG A N9    1 
ATOM 173 C C8    . DG A 1 9  ? 2.12855   -2.94568  6.93811   1.000 188.93508 ? 11 DG A C8    1 
ATOM 174 N N7    . DG A 1 9  ? 2.80369   -2.05341  6.26325   1.000 186.78224 ? 11 DG A N7    1 
ATOM 175 C C5    . DG A 1 9  ? 2.22247   -0.84508  6.62465   1.000 187.33613 ? 11 DG A C5    1 
ATOM 176 C C6    . DG A 1 9  ? 2.52670   0.47621   6.21681   1.000 186.98444 ? 11 DG A C6    1 
ATOM 177 O O6    . DG A 1 9  ? 3.40394   0.85438   5.42775   1.000 185.75472 ? 11 DG A O6    1 
ATOM 178 N N1    . DG A 1 9  ? 1.68700   1.40992   6.82720   1.000 188.85542 ? 11 DG A N1    1 
ATOM 179 C C2    . DG A 1 9  ? 0.68472   1.09494   7.71547   1.000 190.24784 ? 11 DG A C2    1 
ATOM 180 N N2    . DG A 1 9  ? -0.02677  2.11702   8.20703   1.000 192.42089 ? 11 DG A N2    1 
ATOM 181 N N3    . DG A 1 9  ? 0.39540   -0.13405  8.10078   1.000 190.23032 ? 11 DG A N3    1 
ATOM 182 C C4    . DG A 1 9  ? 1.19899   -1.04818  7.51915   1.000 189.15087 ? 11 DG A C4    1 
ATOM 183 P P     . DT A 1 10 ? -3.41943  -5.05400  9.50961   1.000 190.47977 ? 12 DT A P     1 
ATOM 184 O OP1   . DT A 1 10 ? -3.68181  -6.28575  10.28708  1.000 194.80673 ? 12 DT A OP1   1 
ATOM 185 O OP2   . DT A 1 10 ? -3.53287  -5.07974  8.03287   1.000 188.04224 ? 12 DT A OP2   1 
ATOM 186 O "O5'" . DT A 1 10 ? -4.35903  -3.88675  10.07169  1.000 190.13935 ? 12 DT A "O5'" 1 
ATOM 187 C "C5'" . DT A 1 10 ? -3.85513  -2.55422  10.17509  1.000 188.47333 ? 12 DT A "C5'" 1 
ATOM 188 C "C4'" . DT A 1 10 ? -4.36106  -1.69393  9.02991   1.000 186.80843 ? 12 DT A "C4'" 1 
ATOM 189 O "O4'" . DT A 1 10 ? -3.24663  -1.24708  8.23064   1.000 184.34593 ? 12 DT A "O4'" 1 
ATOM 190 C "C3'" . DT A 1 10 ? -5.31456  -2.40435  8.06323   1.000 186.84247 ? 12 DT A "C3'" 1 
ATOM 191 O "O3'" . DT A 1 10 ? -6.67206  -1.90335  8.23582   1.000 188.72237 ? 12 DT A "O3'" 1 
ATOM 192 C "C2'" . DT A 1 10 ? -4.71531  -2.16115  6.66116   1.000 183.92791 ? 12 DT A "C2'" 1 
ATOM 193 C "C1'" . DT A 1 10 ? -3.69085  -1.05817  6.91385   1.000 182.85699 ? 12 DT A "C1'" 1 
ATOM 194 N N1    . DT A 1 10 ? -2.49746  -1.07750  6.00301   1.000 180.16519 ? 12 DT A N1    1 
ATOM 195 C C2    . DT A 1 10 ? -2.00153  0.11611   5.53406   1.000 179.51645 ? 12 DT A C2    1 
ATOM 196 O O2    . DT A 1 10 ? -2.49571  1.19569   5.80632   1.000 181.58910 ? 12 DT A O2    1 
ATOM 197 N N3    . DT A 1 10 ? -0.90231  0.00249   4.72414   1.000 177.10062 ? 12 DT A N3    1 
ATOM 198 C C4    . DT A 1 10 ? -0.26074  -1.16423  4.34968   1.000 175.41086 ? 12 DT A C4    1 
ATOM 199 O O4    . DT A 1 10 ? 0.72190   -1.16623  3.61732   1.000 173.31133 ? 12 DT A O4    1 
ATOM 200 C C5    . DT A 1 10 ? -0.82661  -2.37952  4.88022   1.000 177.00045 ? 12 DT A C5    1 
ATOM 201 C C7    . DT A 1 10 ? -0.21401  -3.70562  4.53832   1.000 176.95938 ? 12 DT A C7    1 
ATOM 202 C C6    . DT A 1 10 ? -1.90538  -2.27967  5.67369   1.000 179.18139 ? 12 DT A C6    1 
ATOM 203 P P     . DC A 1 11 ? -7.39913  -0.93049  7.17556   1.000 180.56693 ? 13 DC A P     1 
ATOM 204 O OP1   . DC A 1 11 ? -8.59940  -0.42916  7.87716   1.000 183.97072 ? 13 DC A OP1   1 
ATOM 205 O OP2   . DC A 1 11 ? -7.58249  -1.62772  5.88391   1.000 179.58350 ? 13 DC A OP2   1 
ATOM 206 O "O5'" . DC A 1 11 ? -6.40204  0.30780   7.00004   1.000 179.23351 ? 13 DC A "O5'" 1 
ATOM 207 C "C5'" . DC A 1 11 ? -6.67518  1.53807   7.63930   1.000 181.87826 ? 13 DC A "C5'" 1 
ATOM 208 C "C4'" . DC A 1 11 ? -7.08188  2.59033   6.62544   1.000 183.81224 ? 13 DC A "C4'" 1 
ATOM 209 O "O4'" . DC A 1 11 ? -6.04720  2.72884   5.61932   1.000 181.70686 ? 13 DC A "O4'" 1 
ATOM 210 C "C3'" . DC A 1 11 ? -8.37789  2.30397   5.88196   1.000 184.85134 ? 13 DC A "C3'" 1 
ATOM 211 O "O3'" . DC A 1 11 ? -9.12182  3.50964   5.73945   1.000 188.47184 ? 13 DC A "O3'" 1 
ATOM 212 C "C2'" . DC A 1 11 ? -7.91755  1.73256   4.53644   1.000 181.84892 ? 13 DC A "C2'" 1 
ATOM 213 C "C1'" . DC A 1 11 ? -6.50997  2.30152   4.35369   1.000 179.96856 ? 13 DC A "C1'" 1 
ATOM 214 N N1    . DC A 1 11 ? -5.53370  1.29935   3.81469   1.000 175.57050 ? 13 DC A N1    1 
ATOM 215 C C2    . DC A 1 11 ? -4.42293  1.73020   3.07917   1.000 173.33375 ? 13 DC A C2    1 
ATOM 216 O O2    . DC A 1 11 ? -4.26799  2.94185   2.88128   1.000 175.29507 ? 13 DC A O2    1 
ATOM 217 N N3    . DC A 1 11 ? -3.54985  0.80157   2.60484   1.000 169.69477 ? 13 DC A N3    1 
ATOM 218 C C4    . DC A 1 11 ? -3.75796  -0.49591  2.84193   1.000 169.09516 ? 13 DC A C4    1 
ATOM 219 N N4    . DC A 1 11 ? -2.87555  -1.37791  2.35793   1.000 166.58449 ? 13 DC A N4    1 
ATOM 220 C C5    . DC A 1 11 ? -4.88397  -0.94866  3.58356   1.000 171.76005 ? 13 DC A C5    1 
ATOM 221 C C6    . DC A 1 11 ? -5.73358  -0.02829  4.04824   1.000 174.54707 ? 13 DC A C6    1 
ATOM 222 P P     . DG A 1 12 ? -10.43870 3.57549   4.81983   1.000 183.92284 ? 14 DG A P     1 
ATOM 223 O OP1   . DG A 1 12 ? -11.34706 4.55012   5.46280   1.000 187.86980 ? 14 DG A OP1   1 
ATOM 224 O OP2   . DG A 1 12 ? -10.92856 2.20557   4.53995   1.000 182.37640 ? 14 DG A OP2   1 
ATOM 225 O "O5'" . DG A 1 12 ? -9.90173  4.23262   3.46648   1.000 183.77845 ? 14 DG A "O5'" 1 
ATOM 226 C "C5'" . DG A 1 12 ? -9.11325  5.41677   3.53572   1.000 185.21442 ? 14 DG A "C5'" 1 
ATOM 227 C "C4'" . DG A 1 12 ? -8.47009  5.73584   2.19852   1.000 183.94159 ? 14 DG A "C4'" 1 
ATOM 228 O "O4'" . DG A 1 12 ? -7.40256  4.78863   1.91961   1.000 178.46975 ? 14 DG A "O4'" 1 
ATOM 229 C "C3'" . DG A 1 12 ? -9.40509  5.68006   0.99166   1.000 184.36601 ? 14 DG A "C3'" 1 
ATOM 230 O "O3'" . DG A 1 12 ? -9.06230  6.72209   0.09429   1.000 184.61426 ? 14 DG A "O3'" 1 
ATOM 231 C "C2'" . DG A 1 12 ? -9.08836  4.31181   0.39528   1.000 179.28017 ? 14 DG A "C2'" 1 
ATOM 232 C "C1'" . DG A 1 12 ? -7.58908  4.25715   0.62753   1.000 175.73285 ? 14 DG A "C1'" 1 
ATOM 233 N N9    . DG A 1 12 ? -7.02330  2.91053   0.58840   1.000 171.36061 ? 14 DG A N9    1 
ATOM 234 C C8    . DG A 1 12 ? -7.53171  1.77975   1.17880   1.000 171.25983 ? 14 DG A C8    1 
ATOM 235 N N7    . DG A 1 12 ? -6.80281  0.71601   0.98176   1.000 167.81436 ? 14 DG A N7    1 
ATOM 236 C C5    . DG A 1 12 ? -5.74346  1.16838   0.20594   1.000 164.90249 ? 14 DG A C5    1 
ATOM 237 C C6    . DG A 1 12 ? -4.63422  0.46321   -0.31839  1.000 160.78409 ? 14 DG A C6    1 
ATOM 238 O O6    . DG A 1 12 ? -4.36476  -0.74064  -0.19848  1.000 159.58104 ? 14 DG A O6    1 
ATOM 239 N N1    . DG A 1 12 ? -3.79163  1.29756   -1.04964  1.000 158.39588 ? 14 DG A N1    1 
ATOM 240 C C2    . DG A 1 12 ? -3.99627  2.64254   -1.24566  1.000 160.29112 ? 14 DG A C2    1 
ATOM 241 N N2    . DG A 1 12 ? -3.07342  3.28141   -1.97949  1.000 157.06444 ? 14 DG A N2    1 
ATOM 242 N N3    . DG A 1 12 ? -5.03108  3.31847   -0.75818  1.000 165.01150 ? 14 DG A N3    1 
ATOM 243 C C4    . DG A 1 12 ? -5.86107  2.51886   -0.04328  1.000 166.88830 ? 14 DG A C4    1 
ATOM 244 P P     . DG A 1 13 ? -10.17001 7.38008   -0.86376  1.000 192.05162 ? 15 DG A P     1 
ATOM 245 O OP1   . DG A 1 13 ? -10.61645 8.64606   -0.24032  1.000 195.55652 ? 15 DG A OP1   1 
ATOM 246 O OP2   . DG A 1 13 ? -11.16626 6.33651   -1.18787  1.000 192.15526 ? 15 DG A OP2   1 
ATOM 247 O "O5'" . DG A 1 13 ? -9.35404  7.70977   -2.19928  1.000 186.99541 ? 15 DG A "O5'" 1 
ATOM 248 C "C5'" . DG A 1 13 ? -8.03406  8.24411   -2.11252  1.000 184.28788 ? 15 DG A "C5'" 1 
ATOM 249 C "C4'" . DG A 1 13 ? -7.16328  7.71872   -3.24009  1.000 176.35381 ? 15 DG A "C4'" 1 
ATOM 250 O "O4'" . DG A 1 13 ? -6.68092  6.38716   -2.90393  1.000 173.27125 ? 15 DG A "O4'" 1 
ATOM 251 C "C3'" . DG A 1 13 ? -7.87476  7.58699   -4.58964  1.000 173.86181 ? 15 DG A "C3'" 1 
ATOM 252 O "O3'" . DG A 1 13 ? -7.03723  8.05687   -5.64405  1.000 167.44267 ? 15 DG A "O3'" 1 
ATOM 253 C "C2'" . DG A 1 13 ? -8.12500  6.08740   -4.69915  1.000 173.05865 ? 15 DG A "C2'" 1 
ATOM 254 C "C1'" . DG A 1 13 ? -6.89991  5.52902   -3.99739  1.000 170.34190 ? 15 DG A "C1'" 1 
ATOM 255 N N9    . DG A 1 13 ? -7.09275  4.16854   -3.50362  1.000 171.58142 ? 15 DG A N9    1 
ATOM 256 C C8    . DG A 1 13 ? -8.12664  3.71643   -2.72738  1.000 176.24312 ? 15 DG A C8    1 
ATOM 257 N N7    . DG A 1 13 ? -8.04805  2.44740   -2.44129  1.000 175.48459 ? 15 DG A N7    1 
ATOM 258 C C5    . DG A 1 13 ? -6.88985  2.02485   -3.08004  1.000 170.41787 ? 15 DG A C5    1 
ATOM 259 C C6    . DG A 1 13 ? -6.29154  0.74151   -3.12699  1.000 167.73807 ? 15 DG A C6    1 
ATOM 260 O O6    . DG A 1 13 ? -6.68632  -0.30672  -2.59742  1.000 169.41326 ? 15 DG A O6    1 
ATOM 261 N N1    . DG A 1 13 ? -5.12120  0.74207   -3.88466  1.000 162.58017 ? 15 DG A N1    1 
ATOM 262 C C2    . DG A 1 13 ? -4.59815  1.84894   -4.51280  1.000 159.68298 ? 15 DG A C2    1 
ATOM 263 N N2    . DG A 1 13 ? -3.45938  1.66013   -5.19801  1.000 154.02162 ? 15 DG A N2    1 
ATOM 264 N N3    . DG A 1 13 ? -5.14923  3.05870   -4.47418  1.000 162.05251 ? 15 DG A N3    1 
ATOM 265 C C4    . DG A 1 13 ? -6.28748  3.07168   -3.73950  1.000 167.71240 ? 15 DG A C4    1 
ATOM 266 P P     . DA A 1 14 ? -7.67466  8.45868   -7.06596  1.000 173.25662 ? 16 DA A P     1 
ATOM 267 O OP1   . DA A 1 14 ? -8.20491  9.83435   -6.94066  1.000 174.92942 ? 16 DA A OP1   1 
ATOM 268 O OP2   . DA A 1 14 ? -8.56647  7.36452   -7.51064  1.000 175.16995 ? 16 DA A OP2   1 
ATOM 269 O "O5'" . DA A 1 14 ? -6.42105  8.47574   -8.05933  1.000 165.85354 ? 16 DA A "O5'" 1 
ATOM 270 C "C5'" . DA A 1 14 ? -5.16612  7.95810   -7.62998  1.000 163.44973 ? 16 DA A "C5'" 1 
ATOM 271 C "C4'" . DA A 1 14 ? -4.60029  6.97170   -8.64133  1.000 157.57358 ? 16 DA A "C4'" 1 
ATOM 272 O "O4'" . DA A 1 14 ? -4.59049  5.64104   -8.06364  1.000 159.01928 ? 16 DA A "O4'" 1 
ATOM 273 C "C3'" . DA A 1 14 ? -5.37203  6.85817   -9.95579  1.000 155.56001 ? 16 DA A "C3'" 1 
ATOM 274 O "O3'" . DA A 1 14 ? -4.46312  6.67545   -11.04077 1.000 149.93400 ? 16 DA A "O3'" 1 
ATOM 275 C "C2'" . DA A 1 14 ? -6.23817  5.62262   -9.73851  1.000 159.47861 ? 16 DA A "C2'" 1 
ATOM 276 C "C1'" . DA A 1 14 ? -5.33545  4.75604   -8.87188  1.000 158.63792 ? 16 DA A "C1'" 1 
ATOM 277 N N9    . DA A 1 14 ? -6.07675  3.86214   -7.99510  1.000 164.22094 ? 16 DA A N9    1 
ATOM 278 C C8    . DA A 1 14 ? -7.04434  4.21234   -7.10364  1.000 170.78708 ? 16 DA A C8    1 
ATOM 279 N N7    . DA A 1 14 ? -7.54856  3.20140   -6.44079  1.000 174.41424 ? 16 DA A N7    1 
ATOM 280 C C5    . DA A 1 14 ? -6.86025  2.10862   -6.93429  1.000 170.43411 ? 16 DA A C5    1 
ATOM 281 C C6    . DA A 1 14 ? -6.92807  0.73466   -6.64203  1.000 171.67261 ? 16 DA A C6    1 
ATOM 282 N N6    . DA A 1 14 ? -7.76269  0.21443   -5.73748  1.000 176.84732 ? 16 DA A N6    1 
ATOM 283 N N1    . DA A 1 14 ? -6.10331  -0.08726  -7.31893  1.000 167.10513 ? 16 DA A N1    1 
ATOM 284 C C2    . DA A 1 14 ? -5.26943  0.43462   -8.22581  1.000 160.77929 ? 16 DA A C2    1 
ATOM 285 N N3    . DA A 1 14 ? -5.11565  1.70646   -8.58611  1.000 158.47328 ? 16 DA A N3    1 
ATOM 286 C C4    . DA A 1 14 ? -5.94630  2.49917   -7.89426  1.000 163.95793 ? 16 DA A C4    1 
ATOM 287 P P     . DC A 1 15 ? -5.00886  6.38098   -12.52485 1.000 154.57428 ? 17 DC A P     1 
ATOM 288 O OP1   . DC A 1 15 ? -3.96006  6.82706   -13.46870 1.000 147.78335 ? 17 DC A OP1   1 
ATOM 289 O OP2   . DC A 1 15 ? -6.38460  6.91763   -12.63389 1.000 160.14923 ? 17 DC A OP2   1 
ATOM 290 O "O5'" . DC A 1 15 ? -5.09291  4.78598   -12.59823 1.000 154.92213 ? 17 DC A "O5'" 1 
ATOM 291 C "C5'" . DC A 1 15 ? -3.89919  4.01458   -12.61232 1.000 148.49096 ? 17 DC A "C5'" 1 
ATOM 292 C "C4'" . DC A 1 15 ? -4.19115  2.57574   -12.99498 1.000 149.12770 ? 17 DC A "C4'" 1 
ATOM 293 O "O4'" . DC A 1 15 ? -4.85224  1.90189   -11.88876 1.000 156.12940 ? 17 DC A "O4'" 1 
ATOM 294 C "C3'" . DC A 1 15 ? -5.11785  2.39924   -14.20823 1.000 150.69790 ? 17 DC A "C3'" 1 
ATOM 295 O "O3'" . DC A 1 15 ? -4.63764  1.33958   -15.03794 1.000 148.44254 ? 17 DC A "O3'" 1 
ATOM 296 C "C2'" . DC A 1 15 ? -6.44791  2.03269   -13.55865 1.000 159.31341 ? 17 DC A "C2'" 1 
ATOM 297 C "C1'" . DC A 1 15 ? -5.95519  1.19601   -12.39824 1.000 161.35093 ? 17 DC A "C1'" 1 
ATOM 298 N N1    . DC A 1 15 ? -6.96144  1.00233   -11.32709 1.000 169.13760 ? 17 DC A N1    1 
ATOM 299 C C2    . DC A 1 15 ? -7.26524  -0.29371  -10.91333 1.000 173.79285 ? 17 DC A C2    1 
ATOM 300 O O2    . DC A 1 15 ? -6.67289  -1.24034  -11.44653 1.000 171.47943 ? 17 DC A O2    1 
ATOM 301 N N3    . DC A 1 15 ? -8.19276  -0.47323  -9.94200  1.000 180.42731 ? 17 DC A N3    1 
ATOM 302 C C4    . DC A 1 15 ? -8.80192  0.58455   -9.40129  1.000 182.47940 ? 17 DC A C4    1 
ATOM 303 N N4    . DC A 1 15 ? -9.70972  0.36373   -8.44579  1.000 188.29092 ? 17 DC A N4    1 
ATOM 304 C C5    . DC A 1 15 ? -8.50975  1.91684   -9.81841  1.000 178.26794 ? 17 DC A C5    1 
ATOM 305 C C6    . DC A 1 15 ? -7.59158  2.07786   -10.77590 1.000 171.66337 ? 17 DC A C6    1 
ATOM 306 P P     . DA A 1 16 ? -5.19603  1.14424   -16.53618 1.000 144.41791 ? 18 DA A P     1 
ATOM 307 O OP1   . DA A 1 16 ? -4.26585  1.83424   -17.45685 1.000 140.24530 ? 18 DA A OP1   1 
ATOM 308 O OP2   . DA A 1 16 ? -6.63511  1.48520   -16.57349 1.000 153.21163 ? 18 DA A OP2   1 
ATOM 309 O "O5'" . DA A 1 16 ? -5.10015  -0.43490  -16.76805 1.000 144.34219 ? 18 DA A "O5'" 1 
ATOM 310 C "C5'" . DA A 1 16 ? -3.98539  -1.16200  -16.26695 1.000 142.00378 ? 18 DA A "C5'" 1 
ATOM 311 C "C4'" . DA A 1 16 ? -4.38739  -2.57391  -15.86714 1.000 149.27543 ? 18 DA A "C4'" 1 
ATOM 312 O "O4'" . DA A 1 16 ? -5.26210  -2.53027  -14.70791 1.000 157.53661 ? 18 DA A "O4'" 1 
ATOM 313 C "C3'" . DA A 1 16 ? -5.14270  -3.36695  -16.92976 1.000 153.95606 ? 18 DA A "C3'" 1 
ATOM 314 O "O3'" . DA A 1 16 ? -4.74651  -4.73108  -16.86643 1.000 157.28859 ? 18 DA A "O3'" 1 
ATOM 315 C "C2'" . DA A 1 16 ? -6.60166  -3.18637  -16.51117 1.000 162.68716 ? 18 DA A "C2'" 1 
ATOM 316 C "C1'" . DA A 1 16 ? -6.47496  -3.19876  -14.99646 1.000 165.86751 ? 18 DA A "C1'" 1 
ATOM 317 N N9    . DA A 1 16 ? -7.55179  -2.50418  -14.28999 1.000 171.22715 ? 18 DA A N9    1 
ATOM 318 C C8    . DA A 1 16 ? -7.78716  -1.15767  -14.27582 1.000 168.53723 ? 18 DA A C8    1 
ATOM 319 N N7    . DA A 1 16 ? -8.81102  -0.80530  -13.53560 1.000 174.05461 ? 18 DA A N7    1 
ATOM 320 C C5    . DA A 1 16 ? -9.27646  -2.00180  -13.01604 1.000 180.41887 ? 18 DA A C5    1 
ATOM 321 C C6    . DA A 1 16 ? -10.34661 -2.30650  -12.15019 1.000 186.84860 ? 18 DA A C6    1 
ATOM 322 N N6    . DA A 1 16 ? -11.16578 -1.38039  -11.64227 1.000 188.31881 ? 18 DA A N6    1 
ATOM 323 N N1    . DA A 1 16 ? -10.54228 -3.60236  -11.82651 1.000 191.28768 ? 18 DA A N1    1 
ATOM 324 C C2    . DA A 1 16 ? -9.72179  -4.52602  -12.34307 1.000 190.33133 ? 18 DA A C2    1 
ATOM 325 N N3    . DA A 1 16 ? -8.67928  -4.36079  -13.16168 1.000 184.27427 ? 18 DA A N3    1 
ATOM 326 C C4    . DA A 1 16 ? -8.51043  -3.06164  -13.46501 1.000 179.22436 ? 18 DA A C4    1 
ATOM 327 P P     . DT A 1 17 ? -5.03609  -5.72565  -18.09301 1.000 152.51351 ? 19 DT A P     1 
ATOM 328 O OP1   . DT A 1 17 ? -3.73107  -6.23832  -18.56533 1.000 143.60636 ? 19 DT A OP1   1 
ATOM 329 O OP2   . DT A 1 17 ? -5.94754  -5.03786  -19.03390 1.000 154.72327 ? 19 DT A OP2   1 
ATOM 330 O "O5'" . DT A 1 17 ? -5.83567  -6.93029  -17.41471 1.000 164.17598 ? 19 DT A "O5'" 1 
ATOM 331 C "C5'" . DT A 1 17 ? -6.36989  -6.77287  -16.10726 1.000 168.78800 ? 19 DT A "C5'" 1 
ATOM 332 C "C4'" . DT A 1 17 ? -7.52334  -7.72915  -15.88333 1.000 179.59559 ? 19 DT A "C4'" 1 
ATOM 333 O "O4'" . DT A 1 17 ? -8.58490  -7.04526  -15.16037 1.000 183.36336 ? 19 DT A "O4'" 1 
ATOM 334 C "C3'" . DT A 1 17 ? -8.19105  -8.22671  -17.15603 1.000 185.04306 ? 19 DT A "C3'" 1 
ATOM 335 O "O3'" . DT A 1 17 ? -8.88978  -9.42648  -16.87257 1.000 193.06587 ? 19 DT A "O3'" 1 
ATOM 336 C "C2'" . DT A 1 17 ? -9.16543  -7.09545  -17.41785 1.000 186.04076 ? 19 DT A "C2'" 1 
ATOM 337 C "C1'" . DT A 1 17 ? -9.71234  -6.92643  -16.01076 1.000 188.31029 ? 19 DT A "C1'" 1 
ATOM 338 N N1    . DT A 1 17 ? -10.37397 -5.62319  -15.74960 1.000 185.68397 ? 19 DT A N1    1 
ATOM 339 C C2    . DT A 1 17 ? -11.44245 -5.58698  -14.88612 1.000 189.49842 ? 19 DT A C2    1 
ATOM 340 O O2    . DT A 1 17 ? -11.87902 -6.57793  -14.32472 1.000 193.88055 ? 19 DT A O2    1 
ATOM 341 N N3    . DT A 1 17 ? -11.98183 -4.34606  -14.69484 1.000 187.61697 ? 19 DT A N3    1 
ATOM 342 C C4    . DT A 1 17 ? -11.56880 -3.15869  -15.27258 1.000 182.36769 ? 19 DT A C4    1 
ATOM 343 O O4    . DT A 1 17 ? -12.12073 -2.09060  -15.03898 1.000 182.09969 ? 19 DT A O4    1 
ATOM 344 C C5    . DT A 1 17 ? -10.44272 -3.26343  -16.17077 1.000 176.79185 ? 19 DT A C5    1 
ATOM 345 C C7    . DT A 1 17 ? -9.91040  -2.03871  -16.85722 1.000 168.87798 ? 19 DT A C7    1 
ATOM 346 C C6    . DT A 1 17 ? -9.90431  -4.47807  -16.36329 1.000 178.98754 ? 19 DT A C6    1 
ATOM 347 P P     . DC A 1 18 ? -8.68632  -10.73543 -17.78016 1.000 197.06049 ? 20 DC A P     1 
ATOM 348 O OP1   . DC A 1 18 ? -7.48789  -11.44804 -17.28221 1.000 193.85198 ? 20 DC A OP1   1 
ATOM 349 O OP2   . DC A 1 18 ? -8.75248  -10.32499 -19.19996 1.000 196.97920 ? 20 DC A OP2   1 
ATOM 350 O "O5'" . DC A 1 18 ? -9.99183  -11.60643 -17.46699 1.000 204.80009 ? 20 DC A "O5'" 1 
ATOM 351 C "C5'" . DC A 1 18 ? -10.41336 -11.80131 -16.11776 1.000 205.51114 ? 20 DC A "C5'" 1 
ATOM 352 C "C4'" . DC A 1 18 ? -11.92823 -11.71186 -15.99372 1.000 209.93618 ? 20 DC A "C4'" 1 
ATOM 353 O "O4'" . DC A 1 18 ? -12.33340 -10.32082 -15.84443 1.000 206.81563 ? 20 DC A "O4'" 1 
ATOM 354 C "C3'" . DC A 1 18 ? -12.72099 -12.23955 -17.19552 1.000 214.81820 ? 20 DC A "C3'" 1 
ATOM 355 O "O3'" . DC A 1 18 ? -13.95754 -12.77857 -16.75157 1.000 219.64311 ? 20 DC A "O3'" 1 
ATOM 356 C "C2'" . DC A 1 18 ? -12.97295 -10.95711 -17.97394 1.000 212.23288 ? 20 DC A "C2'" 1 
ATOM 357 C "C1'" . DC A 1 18 ? -13.31806 -10.04227 -16.81363 1.000 209.43748 ? 20 DC A "C1'" 1 
ATOM 358 N N1    . DC A 1 18 ? -13.29562 -8.58955  -17.13918 1.000 205.31867 ? 20 DC A N1    1 
ATOM 359 C C2    . DC A 1 18 ? -14.22155 -7.73196  -16.53159 1.000 205.18535 ? 20 DC A C2    1 
ATOM 360 O O2    . DC A 1 18 ? -15.03813 -8.20509  -15.72925 1.000 208.39824 ? 20 DC A O2    1 
ATOM 361 N N3    . DC A 1 18 ? -14.19193 -6.40998  -16.83882 1.000 201.55918 ? 20 DC A N3    1 
ATOM 362 C C4    . DC A 1 18 ? -13.29016 -5.94980  -17.70992 1.000 197.40119 ? 20 DC A C4    1 
ATOM 363 N N4    . DC A 1 18 ? -13.29114 -4.64300  -17.98787 1.000 193.21897 ? 20 DC A N4    1 
ATOM 364 C C5    . DC A 1 18 ? -12.34944 -6.81141  -18.34085 1.000 197.17522 ? 20 DC A C5    1 
ATOM 365 C C6    . DC A 1 18 ? -12.38646 -8.10926  -18.02843 1.000 201.58201 ? 20 DC A C6    1 
ATOM 366 P P     . DA A 1 19 ? -14.07306 -14.27542 -16.17936 1.000 221.43808 ? 21 DA A P     1 
ATOM 367 O OP1   . DA A 1 19 ? -13.00401 -14.50669 -15.18236 1.000 218.65269 ? 21 DA A OP1   1 
ATOM 368 O OP2   . DA A 1 19 ? -14.20638 -15.17990 -17.34274 1.000 225.64844 ? 21 DA A OP2   1 
ATOM 369 O "O5'" . DA A 1 19 ? -15.47413 -14.25161 -15.40762 1.000 224.81979 ? 21 DA A "O5'" 1 
ATOM 370 C "C5'" . DA A 1 19 ? -15.79761 -13.13852 -14.57401 1.000 221.57087 ? 21 DA A "C5'" 1 
ATOM 371 C "C4'" . DA A 1 19 ? -17.27046 -12.76861 -14.68376 1.000 224.47375 ? 21 DA A "C4'" 1 
ATOM 372 O "O4'" . DA A 1 19 ? -17.40702 -11.40994 -15.18502 1.000 221.93571 ? 21 DA A "O4'" 1 
ATOM 373 C "C3'" . DA A 1 19 ? -18.10104 -13.62815 -15.62331 1.000 229.37146 ? 21 DA A "C3'" 1 
ATOM 374 O "O3'" . DA A 1 19 ? -19.43411 -13.65226 -15.14861 1.000 232.36898 ? 21 DA A "O3'" 1 
ATOM 375 C "C2'" . DA A 1 19 ? -17.99448 -12.85601 -16.93564 1.000 227.57032 ? 21 DA A "C2'" 1 
ATOM 376 C "C1'" . DA A 1 19 ? -18.07946 -11.42211 -16.43274 1.000 223.26084 ? 21 DA A "C1'" 1 
ATOM 377 N N9    . DA A 1 19 ? -17.42579 -10.45147 -17.30200 1.000 218.54304 ? 21 DA A N9    1 
ATOM 378 C C8    . DA A 1 19 ? -16.39090 -10.68475 -18.16150 1.000 216.65373 ? 21 DA A C8    1 
ATOM 379 N N7    . DA A 1 19 ? -15.98806 -9.61645  -18.80665 1.000 212.35913 ? 21 DA A N7    1 
ATOM 380 C C5    . DA A 1 19 ? -16.81479 -8.61057  -18.33359 1.000 211.65342 ? 21 DA A C5    1 
ATOM 381 C C6    . DA A 1 19 ? -16.89793 -7.23572  -18.62553 1.000 208.19666 ? 21 DA A C6    1 
ATOM 382 N N6    . DA A 1 19 ? -16.10017 -6.62444  -19.50510 1.000 203.99303 ? 21 DA A N6    1 
ATOM 383 N N1    . DA A 1 19 ? -17.83624 -6.51169  -17.97657 1.000 209.31229 ? 21 DA A N1    1 
ATOM 384 C C2    . DA A 1 19 ? -18.63411 -7.13144  -17.09835 1.000 213.11479 ? 21 DA A C2    1 
ATOM 385 N N3    . DA A 1 19 ? -18.64735 -8.41582  -16.73995 1.000 216.22371 ? 21 DA A N3    1 
ATOM 386 C C4    . DA A 1 19 ? -17.70439 -9.10702  -17.40198 1.000 215.46104 ? 21 DA A C4    1 
ATOM 387 P P     . DG A 1 20 ? -20.47876 -14.76268 -15.65063 1.000 240.28552 ? 22 DG A P     1 
ATOM 388 O OP1   . DG A 1 20 ? -20.56366 -15.79852 -14.59585 1.000 244.73132 ? 22 DG A OP1   1 
ATOM 389 O OP2   . DG A 1 20 ? -20.12745 -15.16218 -17.03219 1.000 240.43083 ? 22 DG A OP2   1 
ATOM 390 O "O5'" . DG A 1 20 ? -21.85779 -13.95512 -15.69263 1.000 247.55381 ? 22 DG A "O5'" 1 
ATOM 391 C "C5'" . DG A 1 20 ? -22.25769 -13.19225 -14.55860 1.000 247.96100 ? 22 DG A "C5'" 1 
ATOM 392 C "C4'" . DG A 1 20 ? -23.05788 -11.97054 -14.97348 1.000 250.41731 ? 22 DG A "C4'" 1 
ATOM 393 O "O4'" . DG A 1 20 ? -22.20215 -11.03180 -15.68345 1.000 241.56936 ? 22 DG A "O4'" 1 
ATOM 394 C "C3'" . DG A 1 20 ? -24.24054 -12.25236 -15.89790 1.000 260.85350 ? 22 DG A "C3'" 1 
ATOM 395 O "O3'" . DG A 1 20 ? -25.34765 -11.47425 -15.48872 1.000 267.51231 ? 22 DG A "O3'" 1 
ATOM 396 C "C2'" . DG A 1 20 ? -23.72095 -11.81009 -17.26342 1.000 256.03382 ? 22 DG A "C2'" 1 
ATOM 397 C "C1'" . DG A 1 20 ? -22.83386 -10.63928 -16.87988 1.000 245.86385 ? 22 DG A "C1'" 1 
ATOM 398 N N9    . DG A 1 20 ? -21.80523 -10.34840 -17.87580 1.000 237.70135 ? 22 DG A N9    1 
ATOM 399 C C8    . DG A 1 20 ? -20.92077 -11.23847 -18.42896 1.000 233.31988 ? 22 DG A C8    1 
ATOM 400 N N7    . DG A 1 20 ? -20.11329 -10.69972 -19.29916 1.000 227.54477 ? 22 DG A N7    1 
ATOM 401 C C5    . DG A 1 20 ? -20.48889 -9.36304  -19.32623 1.000 226.41301 ? 22 DG A C5    1 
ATOM 402 C C6    . DG A 1 20 ? -19.96433 -8.29313  -20.08679 1.000 222.88824 ? 22 DG A C6    1 
ATOM 403 O O6    . DG A 1 20 ? -19.03922 -8.32135  -20.90777 1.000 220.69214 ? 22 DG A O6    1 
ATOM 404 N N1    . DG A 1 20 ? -20.62800 -7.09403  -19.81857 1.000 224.13481 ? 22 DG A N1    1 
ATOM 405 C C2    . DG A 1 20 ? -21.66583 -6.95701  -18.92447 1.000 231.19632 ? 22 DG A C2    1 
ATOM 406 N N2    . DG A 1 20 ? -22.18279 -5.72446  -18.79611 1.000 233.64441 ? 22 DG A N2    1 
ATOM 407 N N3    . DG A 1 20 ? -22.16552 -7.95622  -18.20503 1.000 236.01469 ? 22 DG A N3    1 
ATOM 408 C C4    . DG A 1 20 ? -21.52916 -9.12584  -18.45688 1.000 233.34605 ? 22 DG A C4    1 
ATOM 409 P P     . DA A 1 21 ? -26.82699 -11.79909 -16.02386 1.000 281.28861 ? 23 DA A P     1 
ATOM 410 O OP1   . DA A 1 21 ? -27.59660 -12.36079 -14.88961 1.000 288.91195 ? 23 DA A OP1   1 
ATOM 411 O OP2   . DA A 1 21 ? -26.72364 -12.56119 -17.28924 1.000 283.44392 ? 23 DA A OP2   1 
ATOM 412 O "O5'" . DA A 1 21 ? -27.40008 -10.35496 -16.38717 1.000 282.79240 ? 23 DA A "O5'" 1 
ATOM 413 C "C5'" . DA A 1 21 ? -26.83720 -9.19688  -15.78016 1.000 274.72259 ? 23 DA A "C5'" 1 
ATOM 414 C "C4'" . DA A 1 21 ? -27.04928 -7.98202  -16.66090 1.000 274.93872 ? 23 DA A "C4'" 1 
ATOM 415 O "O4'" . DA A 1 21 ? -25.88206 -7.77888  -17.50131 1.000 265.29872 ? 23 DA A "O4'" 1 
ATOM 416 C "C3'" . DA A 1 21 ? -28.24537 -8.08554  -17.60461 1.000 286.76301 ? 23 DA A "C3'" 1 
ATOM 417 O "O3'" . DA A 1 21 ? -28.92954 -6.84154  -17.66528 1.000 291.08675 ? 23 DA A "O3'" 1 
ATOM 418 C "C2'" . DA A 1 21 ? -27.60667 -8.44797  -18.94408 1.000 283.08184 ? 23 DA A "C2'" 1 
ATOM 419 C "C1'" . DA A 1 21 ? -26.26779 -7.73012  -18.85760 1.000 269.85308 ? 23 DA A "C1'" 1 
ATOM 420 N N9    . DA A 1 21 ? -25.21928 -8.35717  -19.65969 1.000 262.59834 ? 23 DA A N9    1 
ATOM 421 C C8    . DA A 1 21 ? -24.84155 -9.67043  -19.64101 1.000 261.79500 ? 23 DA A C8    1 
ATOM 422 N N7    . DA A 1 21 ? -23.86499 -9.95354  -20.47163 1.000 254.81653 ? 23 DA A N7    1 
ATOM 423 C C5    . DA A 1 21 ? -23.58296 -8.74143  -21.07859 1.000 250.71967 ? 23 DA A C5    1 
ATOM 424 C C6    . DA A 1 21 ? -22.64393 -8.36613  -22.06185 1.000 243.23550 ? 23 DA A C6    1 
ATOM 425 N N6    . DA A 1 21 ? -21.78202 -9.22097  -22.62395 1.000 238.08077 ? 23 DA A N6    1 
ATOM 426 N N1    . DA A 1 21 ? -22.62546 -7.07315  -22.44518 1.000 241.71559 ? 23 DA A N1    1 
ATOM 427 C C2    . DA A 1 21 ? -23.48803 -6.22071  -21.87979 1.000 247.35241 ? 23 DA A C2    1 
ATOM 428 N N3    . DA A 1 21 ? -24.41302 -6.45553  -20.95029 1.000 254.37257 ? 23 DA A N3    1 
ATOM 429 C C4    . DA A 1 21 ? -24.40756 -7.74657  -20.58811 1.000 255.61775 ? 23 DA A C4    1 
ATOM 430 P P     . DC B 2 1  ? 1.60830   -7.30447  -5.82111  1.000 193.72621 ? 0  DC B P     1 
ATOM 431 O OP1   . DC B 2 1  ? 1.87984   -8.72773  -6.12013  1.000 195.26387 ? 0  DC B OP1   1 
ATOM 432 O OP2   . DC B 2 1  ? 2.38391   -6.59449  -4.77529  1.000 191.57188 ? 0  DC B OP2   1 
ATOM 433 O "O5'" . DC B 2 1  ? 1.66653   -6.45353  -7.17821  1.000 198.80428 ? 0  DC B "O5'" 1 
ATOM 434 C "C5'" . DC B 2 1  ? 0.48271   -5.84238  -7.68472  1.000 198.49963 ? 0  DC B "C5'" 1 
ATOM 435 C "C4'" . DC B 2 1  ? 0.49756   -4.34774  -7.44151  1.000 197.73649 ? 0  DC B "C4'" 1 
ATOM 436 O "O4'" . DC B 2 1  ? -0.83482  -3.88795  -7.04059  1.000 194.04110 ? 0  DC B "O4'" 1 
ATOM 437 C "C3'" . DC B 2 1  ? 1.43119   -3.90860  -6.31519  1.000 195.46769 ? 0  DC B "C3'" 1 
ATOM 438 O "O3'" . DC B 2 1  ? 1.97922   -2.64798  -6.61854  1.000 197.70630 ? 0  DC B "O3'" 1 
ATOM 439 C "C2'" . DC B 2 1  ? 0.46619   -3.81050  -5.15132  1.000 189.67020 ? 0  DC B "C2'" 1 
ATOM 440 C "C1'" . DC B 2 1  ? -0.68648  -3.13512  -5.86086  1.000 190.24087 ? 0  DC B "C1'" 1 
ATOM 441 N N1    . DC B 2 1  ? -1.96971  -3.10623  -5.07899  1.000 185.44301 ? 0  DC B N1    1 
ATOM 442 C C2    . DC B 2 1  ? -2.67388  -1.89709  -4.95778  1.000 184.20558 ? 0  DC B C2    1 
ATOM 443 O O2    . DC B 2 1  ? -2.23356  -0.88660  -5.52254  1.000 187.03765 ? 0  DC B O2    1 
ATOM 444 N N3    . DC B 2 1  ? -3.82405  -1.87326  -4.23511  1.000 180.07115 ? 0  DC B N3    1 
ATOM 445 C C4    . DC B 2 1  ? -4.26203  -2.98716  -3.64419  1.000 177.14884 ? 0  DC B C4    1 
ATOM 446 N N4    . DC B 2 1  ? -5.39896  -2.91953  -2.94194  1.000 173.25827 ? 0  DC B N4    1 
ATOM 447 C C5    . DC B 2 1  ? -3.55345  -4.22386  -3.74713  1.000 178.19697 ? 0  DC B C5    1 
ATOM 448 C C6    . DC B 2 1  ? -2.42118  -4.23617  -4.46257  1.000 182.37224 ? 0  DC B C6    1 
ATOM 449 P P     . DC B 2 2  ? 3.56930   -2.43806  -6.67968  1.000 197.33832 ? 1  DC B P     1 
ATOM 450 O OP1   . DC B 2 2  ? 4.08298   -3.26948  -7.79209  1.000 202.23071 ? 1  DC B OP1   1 
ATOM 451 O OP2   . DC B 2 2  ? 4.11907   -2.61428  -5.31421  1.000 193.73503 ? 1  DC B OP2   1 
ATOM 452 O "O5'" . DC B 2 2  ? 3.70653   -0.89631  -7.07541  1.000 199.16168 ? 1  DC B "O5'" 1 
ATOM 453 C "C5'" . DC B 2 2  ? 2.54000   -0.15803  -7.44494  1.000 198.26251 ? 1  DC B "C5'" 1 
ATOM 454 C "C4'" . DC B 2 2  ? 2.34907   1.03664   -6.53058  1.000 194.98362 ? 1  DC B "C4'" 1 
ATOM 455 O "O4'" . DC B 2 2  ? 1.13740   0.86915   -5.73775  1.000 190.08272 ? 1  DC B "O4'" 1 
ATOM 456 C "C3'" . DC B 2 2  ? 3.47670   1.25822   -5.52649  1.000 193.85500 ? 1  DC B "C3'" 1 
ATOM 457 O "O3'" . DC B 2 2  ? 3.70152   2.63945   -5.37637  1.000 194.12541 ? 1  DC B "O3'" 1 
ATOM 458 C "C2'" . DC B 2 2  ? 2.90630   0.65059   -4.25105  1.000 188.44136 ? 1  DC B "C2'" 1 
ATOM 459 C "C1'" . DC B 2 2  ? 1.44894   1.05885   -4.37465  1.000 186.21844 ? 1  DC B "C1'" 1 
ATOM 460 N N1    . DC B 2 2  ? 0.51458   0.23135   -3.53625  1.000 181.60879 ? 1  DC B N1    1 
ATOM 461 C C2    . DC B 2 2  ? -0.62717  0.81684   -2.96313  1.000 178.00953 ? 1  DC B C2    1 
ATOM 462 O O2    . DC B 2 2  ? -0.85648  2.01706   -3.15698  1.000 178.65928 ? 1  DC B O2    1 
ATOM 463 N N3    . DC B 2 2  ? -1.45221  0.04132   -2.20753  1.000 173.99651 ? 1  DC B N3    1 
ATOM 464 C C4    . DC B 2 2  ? -1.16939  -1.24839  -2.01993  1.000 173.41491 ? 1  DC B C4    1 
ATOM 465 N N4    . DC B 2 2  ? -2.00414  -1.97664  -1.27165  1.000 169.42677 ? 1  DC B N4    1 
ATOM 466 C C5    . DC B 2 2  ? -0.01421  -1.85161  -2.58551  1.000 177.00028 ? 1  DC B C5    1 
ATOM 467 C C6    . DC B 2 2  ? 0.79199   -1.08375  -3.32653  1.000 181.04718 ? 1  DC B C6    1 
ATOM 468 P P     . DG B 2 3  ? 5.12048   3.18435   -4.86286  1.000 202.49290 ? 2  DG B P     1 
ATOM 469 O OP1   . DG B 2 3  ? 6.06641   3.11521   -5.99868  1.000 208.11341 ? 2  DG B OP1   1 
ATOM 470 O OP2   . DG B 2 3  ? 5.44598   2.50017   -3.59238  1.000 198.99001 ? 2  DG B OP2   1 
ATOM 471 O "O5'" . DG B 2 3  ? 4.81082   4.71073   -4.52484  1.000 201.21875 ? 2  DG B "O5'" 1 
ATOM 472 C "C5'" . DG B 2 3  ? 3.49746   5.21147   -4.73387  1.000 199.41884 ? 2  DG B "C5'" 1 
ATOM 473 C "C4'" . DG B 2 3  ? 2.81668   5.52691   -3.41500  1.000 194.18763 ? 2  DG B "C4'" 1 
ATOM 474 O "O4'" . DG B 2 3  ? 2.01815   4.39612   -2.96277  1.000 190.91326 ? 2  DG B "O4'" 1 
ATOM 475 C "C3'" . DG B 2 3  ? 3.76143   5.85854   -2.25240  1.000 192.66083 ? 2  DG B "C3'" 1 
ATOM 476 O "O3'" . DG B 2 3  ? 3.28275   7.00285   -1.59106  1.000 190.30955 ? 2  DG B "O3'" 1 
ATOM 477 C "C2'" . DG B 2 3  ? 3.63833   4.62626   -1.35813  1.000 189.28866 ? 2  DG B "C2'" 1 
ATOM 478 C "C1'" . DG B 2 3  ? 2.17341   4.31770   -1.57123  1.000 186.99370 ? 2  DG B "C1'" 1 
ATOM 479 N N9    . DG B 2 3  ? 1.74234   3.00804   -1.08510  1.000 184.21047 ? 2  DG B N9    1 
ATOM 480 C C8    . DG B 2 3  ? 2.36298   1.80116   -1.26789  1.000 185.43618 ? 2  DG B C8    1 
ATOM 481 N N7    . DG B 2 3  ? 1.73542   0.80218   -0.70857  1.000 182.18171 ? 2  DG B N7    1 
ATOM 482 C C5    . DG B 2 3  ? 0.63515   1.39354   -0.10198  1.000 178.60393 ? 2  DG B C5    1 
ATOM 483 C C6    . DG B 2 3  ? -0.40449  0.81093   0.65881   1.000 174.28174 ? 2  DG B C6    1 
ATOM 484 O O6    . DG B 2 3  ? -0.56066  -0.37941  0.95720   1.000 172.59266 ? 2  DG B O6    1 
ATOM 485 N N1    . DG B 2 3  ? -1.32607  1.76836   1.08943   1.000 171.94387 ? 2  DG B N1    1 
ATOM 486 C C2    . DG B 2 3  ? -1.24388  3.11275   0.81227   1.000 173.55707 ? 2  DG B C2    1 
ATOM 487 N N2    . DG B 2 3  ? -2.22041  3.88724   1.30834   1.000 171.01893 ? 2  DG B N2    1 
ATOM 488 N N3    . DG B 2 3  ? -0.27449  3.66550   0.09961   1.000 177.48595 ? 2  DG B N3    1 
ATOM 489 C C4    . DG B 2 3  ? 0.62554   2.74904   -0.32383  1.000 179.83928 ? 2  DG B C4    1 
ATOM 490 P P     . DA B 2 4  ? 4.27614   7.93822   -0.74855  1.000 196.12911 ? 3  DA B P     1 
ATOM 491 O OP1   . DA B 2 4  ? 5.01862   8.78112   -1.71248  1.000 200.06438 ? 3  DA B OP1   1 
ATOM 492 O OP2   . DA B 2 4  ? 5.01663   7.08770   0.21005   1.000 193.69366 ? 3  DA B OP2   1 
ATOM 493 O "O5'" . DA B 2 4  ? 3.27621   8.85058   0.09763   1.000 196.43367 ? 3  DA B "O5'" 1 
ATOM 494 C "C5'" . DA B 2 4  ? 1.93006   9.01748   -0.34255  1.000 194.49975 ? 3  DA B "C5'" 1 
ATOM 495 C "C4'" . DA B 2 4  ? 0.97042   9.09406   0.83621   1.000 193.23675 ? 3  DA B "C4'" 1 
ATOM 496 O "O4'" . DA B 2 4  ? 0.49197   7.76856   1.18198   1.000 187.63580 ? 3  DA B "O4'" 1 
ATOM 497 C "C3'" . DA B 2 4  ? 1.55395   9.66464   2.11566   1.000 195.30619 ? 3  DA B "C3'" 1 
ATOM 498 O "O3'" . DA B 2 4  ? 0.53901   10.34728  2.82229   1.000 196.04789 ? 3  DA B "O3'" 1 
ATOM 499 C "C2'" . DA B 2 4  ? 2.01952   8.41383   2.86287   1.000 190.06720 ? 3  DA B "C2'" 1 
ATOM 500 C "C1'" . DA B 2 4  ? 0.95366   7.39564   2.47146   1.000 184.11333 ? 3  DA B "C1'" 1 
ATOM 501 N N9    . DA B 2 4  ? 1.43664   6.01689   2.37873   1.000 179.21136 ? 3  DA B N9    1 
ATOM 502 C C8    . DA B 2 4  ? 2.51743   5.57082   1.67113   1.000 182.85796 ? 3  DA B C8    1 
ATOM 503 N N7    . DA B 2 4  ? 2.69765   4.27237   1.73745   1.000 182.32381 ? 3  DA B N7    1 
ATOM 504 C C5    . DA B 2 4  ? 1.65699   3.83104   2.53398   1.000 177.94428 ? 3  DA B C5    1 
ATOM 505 C C6    . DA B 2 4  ? 1.28688   2.54763   2.98357   1.000 175.32504 ? 3  DA B C6    1 
ATOM 506 N N6    . DA B 2 4  ? 1.96373   1.43588   2.67379   1.000 176.85616 ? 3  DA B N6    1 
ATOM 507 N N1    . DA B 2 4  ? 0.19273   2.45050   3.76640   1.000 171.17210 ? 3  DA B N1    1 
ATOM 508 C C2    . DA B 2 4  ? -0.48042  3.56719   4.07411   1.000 169.86132 ? 3  DA B C2    1 
ATOM 509 N N3    . DA B 2 4  ? -0.23052  4.82699   3.71047   1.000 172.03696 ? 3  DA B N3    1 
ATOM 510 C C4    . DA B 2 4  ? 0.86234   4.89068   2.93288   1.000 176.03669 ? 3  DA B C4    1 
ATOM 511 P P     . DC B 2 5  ? 0.91534   11.36705  4.00229   1.000 197.93299 ? 4  DC B P     1 
ATOM 512 O OP1   . DC B 2 5  ? 0.09019   12.58322  3.84128   1.000 202.49889 ? 4  DC B OP1   1 
ATOM 513 O OP2   . DC B 2 5  ? 2.38752   11.48368  4.06159   1.000 199.87463 ? 4  DC B OP2   1 
ATOM 514 O "O5'" . DC B 2 5  ? 0.44083   10.59803  5.31360   1.000 189.98832 ? 4  DC B "O5'" 1 
ATOM 515 C "C5'" . DC B 2 5  ? -0.80557  9.91539   5.31898   1.000 183.55568 ? 4  DC B "C5'" 1 
ATOM 516 C "C4'" . DC B 2 5  ? -0.94095  9.05952   6.56344   1.000 173.41290 ? 4  DC B "C4'" 1 
ATOM 517 O "O4'" . DC B 2 5  ? -0.48540  7.70467   6.29087   1.000 168.85341 ? 4  DC B "O4'" 1 
ATOM 518 C "C3'" . DC B 2 5  ? -0.11998  9.53487   7.75800   1.000 171.86397 ? 4  DC B "C3'" 1 
ATOM 519 O "O3'" . DC B 2 5  ? -0.82253  9.24147   8.95296   1.000 163.46294 ? 4  DC B "O3'" 1 
ATOM 520 C "C2'" . DC B 2 5  ? 1.13975   8.68084   7.63777   1.000 169.26086 ? 4  DC B "C2'" 1 
ATOM 521 C "C1'" . DC B 2 5  ? 0.51893   7.36101   7.22127   1.000 168.07743 ? 4  DC B "C1'" 1 
ATOM 522 N N1    . DC B 2 5  ? 1.45129   6.40746   6.56929   1.000 170.56382 ? 4  DC B N1    1 
ATOM 523 C C2    . DC B 2 5  ? 1.23685   5.04182   6.73598   1.000 168.77420 ? 4  DC B C2    1 
ATOM 524 O O2    . DC B 2 5  ? 0.28472   4.67357   7.43363   1.000 165.10323 ? 4  DC B O2    1 
ATOM 525 N N3    . DC B 2 5  ? 2.07380   4.16412   6.13249   1.000 171.21100 ? 4  DC B N3    1 
ATOM 526 C C4    . DC B 2 5  ? 3.08493   4.61432   5.38787   1.000 175.33200 ? 4  DC B C4    1 
ATOM 527 N N4    . DC B 2 5  ? 3.88647   3.71055   4.81193   1.000 177.84120 ? 4  DC B N4    1 
ATOM 528 C C5    . DC B 2 5  ? 3.31728   6.01075   5.19943   1.000 177.17674 ? 4  DC B C5    1 
ATOM 529 C C6    . DC B 2 5  ? 2.48204   6.86423   5.80472   1.000 174.66043 ? 4  DC B C6    1 
ATOM 530 P P     . DA B 2 6  ? -1.55600  10.40526  9.78337   1.000 173.42977 ? 5  DA B P     1 
ATOM 531 O OP1   . DA B 2 6  ? -2.79044  9.82006   10.35426  1.000 164.40680 ? 5  DA B OP1   1 
ATOM 532 O OP2   . DA B 2 6  ? -1.65454  11.57772  8.88992   1.000 187.54495 ? 5  DA B OP2   1 
ATOM 533 O "O5'" . DA B 2 6  ? -0.52318  10.77461  10.95530  1.000 168.79779 ? 5  DA B "O5'" 1 
ATOM 534 C "C5'" . DA B 2 6  ? 0.39418   9.79532   11.44584  1.000 167.22248 ? 5  DA B "C5'" 1 
ATOM 535 C "C4'" . DA B 2 6  ? -0.33388  8.53855   11.89629  1.000 163.84259 ? 5  DA B "C4'" 1 
ATOM 536 O "O4'" . DA B 2 6  ? -0.04043  7.45042   10.98188  1.000 165.22104 ? 5  DA B "O4'" 1 
ATOM 537 C "C3'" . DA B 2 6  ? 0.06479   8.02263   13.26354  1.000 161.26345 ? 5  DA B "C3'" 1 
ATOM 538 O "O3'" . DA B 2 6  ? -1.00239  7.27567   13.81948  1.000 157.60155 ? 5  DA B "O3'" 1 
ATOM 539 C "C2'" . DA B 2 6  ? 1.25449   7.13076   12.93404  1.000 163.15947 ? 5  DA B "C2'" 1 
ATOM 540 C "C1'" . DA B 2 6  ? 0.82761   6.51844   11.60158  1.000 164.57164 ? 5  DA B "C1'" 1 
ATOM 541 N N9    . DA B 2 6  ? 1.94136   6.26312   10.69565  1.000 168.33722 ? 5  DA B N9    1 
ATOM 542 C C8    . DA B 2 6  ? 2.75006   7.19206   10.10528  1.000 171.96189 ? 5  DA B C8    1 
ATOM 543 N N7    . DA B 2 6  ? 3.67002   6.67538   9.32778   1.000 175.05372 ? 5  DA B N7    1 
ATOM 544 C C5    . DA B 2 6  ? 3.45084   5.31220   9.41580   1.000 173.32542 ? 5  DA B C5    1 
ATOM 545 C C6    . DA B 2 6  ? 4.09478   4.20826   8.82690   1.000 175.14442 ? 5  DA B C6    1 
ATOM 546 N N6    . DA B 2 6  ? 5.13634   4.32348   7.99630   1.000 179.37311 ? 5  DA B N6    1 
ATOM 547 N N1    . DA B 2 6  ? 3.62772   2.97859   9.12580   1.000 172.57369 ? 5  DA B N1    1 
ATOM 548 C C2    . DA B 2 6  ? 2.58521   2.86924   9.95868   1.000 168.45068 ? 5  DA B C2    1 
ATOM 549 N N3    . DA B 2 6  ? 1.89858   3.83163   10.57204  1.000 166.48169 ? 5  DA B N3    1 
ATOM 550 C C4    . DA B 2 6  ? 2.38760   5.03987   10.25573  1.000 169.12278 ? 5  DA B C4    1 
ATOM 551 O "O5'" . DT C 3 1  ? -18.42890 -1.78732  -29.64525 1.000 219.83668 ? 1  DT C "O5'" 1 
ATOM 552 C "C5'" . DT C 3 1  ? -19.44434 -2.54202  -28.99971 1.000 221.29068 ? 1  DT C "C5'" 1 
ATOM 553 C "C4'" . DT C 3 1  ? -20.22094 -1.67427  -28.02831 1.000 226.73697 ? 1  DT C "C4'" 1 
ATOM 554 O "O4'" . DT C 3 1  ? -21.04164 -2.51879  -27.18600 1.000 226.70085 ? 1  DT C "O4'" 1 
ATOM 555 C "C3'" . DT C 3 1  ? -19.36598 -0.89334  -27.05114 1.000 224.10999 ? 1  DT C "C3'" 1 
ATOM 556 O "O3'" . DT C 3 1  ? -20.12891 0.16928   -26.50423 1.000 230.76172 ? 1  DT C "O3'" 1 
ATOM 557 C "C2'" . DT C 3 1  ? -19.07254 -1.95646  -26.00315 1.000 217.76661 ? 1  DT C "C2'" 1 
ATOM 558 C "C1'" . DT C 3 1  ? -20.42366 -2.66421  -25.91555 1.000 221.66825 ? 1  DT C "C1'" 1 
ATOM 559 N N1    . DT C 3 1  ? -20.32715 -4.12065  -25.60091 1.000 215.84105 ? 1  DT C N1    1 
ATOM 560 C C2    . DT C 3 1  ? -21.20406 -4.66610  -24.69807 1.000 217.03647 ? 1  DT C C2    1 
ATOM 561 O O2    . DT C 3 1  ? -22.06290 -4.01808  -24.13017 1.000 222.64141 ? 1  DT C O2    1 
ATOM 562 N N3    . DT C 3 1  ? -21.04271 -6.00649  -24.47963 1.000 211.44642 ? 1  DT C N3    1 
ATOM 563 C C4    . DT C 3 1  ? -20.10903 -6.84019  -25.06307 1.000 204.93428 ? 1  DT C C4    1 
ATOM 564 O O4    . DT C 3 1  ? -20.04330 -8.03604  -24.79998 1.000 200.28627 ? 1  DT C O4    1 
ATOM 565 C C5    . DT C 3 1  ? -19.21771 -6.20492  -26.00272 1.000 204.02424 ? 1  DT C C5    1 
ATOM 566 C C7    . DT C 3 1  ? -18.16105 -7.00652  -26.69914 1.000 197.21831 ? 1  DT C C7    1 
ATOM 567 C C6    . DT C 3 1  ? -19.36812 -4.89087  -26.22431 1.000 209.44499 ? 1  DT C C6    1 
ATOM 568 P P     . DC C 3 2  ? -19.40883 1.38278   -25.73646 1.000 225.79949 ? 2  DC C P     1 
ATOM 569 O OP1   . DC C 3 2  ? -19.69868 2.61635   -26.49656 1.000 232.42290 ? 2  DC C OP1   1 
ATOM 570 O OP2   . DC C 3 2  ? -18.00664 0.99852   -25.46096 1.000 217.42716 ? 2  DC C OP2   1 
ATOM 571 O "O5'" . DC C 3 2  ? -20.18012 1.45557   -24.33950 1.000 228.08354 ? 2  DC C "O5'" 1 
ATOM 572 C "C5'" . DC C 3 2  ? -21.40129 0.74288   -24.16400 1.000 231.22756 ? 2  DC C "C5'" 1 
ATOM 573 C "C4'" . DC C 3 2  ? -21.66727 0.48426   -22.69150 1.000 229.86024 ? 2  DC C "C4'" 1 
ATOM 574 O "O4'" . DC C 3 2  ? -21.59195 -0.94604  -22.42573 1.000 224.18870 ? 2  DC C "O4'" 1 
ATOM 575 C "C3'" . DC C 3 2  ? -20.65778 1.11842   -21.73682 1.000 226.16659 ? 2  DC C "C3'" 1 
ATOM 576 O "O3'" . DC C 3 2  ? -21.26416 1.33604   -20.47806 1.000 228.40718 ? 2  DC C "O3'" 1 
ATOM 577 C "C2'" . DC C 3 2  ? -19.62917 0.01044   -21.62667 1.000 217.26226 ? 2  DC C "C2'" 1 
ATOM 578 C "C1'" . DC C 3 2  ? -20.56307 -1.17785  -21.48435 1.000 217.39771 ? 2  DC C "C1'" 1 
ATOM 579 N N1    . DC C 3 2  ? -19.92650 -2.48214  -21.77314 1.000 210.19087 ? 2  DC C N1    1 
ATOM 580 C C2    . DC C 3 2  ? -20.40494 -3.63518  -21.14462 1.000 207.75921 ? 2  DC C C2    1 
ATOM 581 O O2    . DC C 3 2  ? -21.36136 -3.54377  -20.36098 1.000 211.69905 ? 2  DC C O2    1 
ATOM 582 N N3    . DC C 3 2  ? -19.80841 -4.82097  -21.41885 1.000 201.19667 ? 2  DC C N3    1 
ATOM 583 C C4    . DC C 3 2  ? -18.78063 -4.86688  -22.27186 1.000 197.18752 ? 2  DC C C4    1 
ATOM 584 N N4    . DC C 3 2  ? -18.22049 -6.05123  -22.51592 1.000 190.82574 ? 2  DC C N4    1 
ATOM 585 C C5    . DC C 3 2  ? -18.28057 -3.70160  -22.91461 1.000 199.54823 ? 2  DC C C5    1 
ATOM 586 C C6    . DC C 3 2  ? -18.87415 -2.54232  -22.63568 1.000 205.99857 ? 2  DC C C6    1 
ATOM 587 P P     . DT C 3 3  ? -21.96888 2.73252   -20.11763 1.000 233.86983 ? 3  DT C P     1 
ATOM 588 O OP1   . DT C 3 3  ? -22.98727 3.01297   -21.15323 1.000 240.91125 ? 3  DT C OP1   1 
ATOM 589 O OP2   . DT C 3 3  ? -20.90739 3.72365   -19.82902 1.000 232.00842 ? 3  DT C OP2   1 
ATOM 590 O "O5'" . DT C 3 3  ? -22.71654 2.40592   -18.74324 1.000 234.77096 ? 3  DT C "O5'" 1 
ATOM 591 C "C5'" . DT C 3 3  ? -23.05751 1.05376   -18.43131 1.000 231.24497 ? 3  DT C "C5'" 1 
ATOM 592 C "C4'" . DT C 3 3  ? -22.12593 0.48725   -17.37028 1.000 223.65635 ? 3  DT C "C4'" 1 
ATOM 593 O "O4'" . DT C 3 3  ? -21.43793 -0.67206  -17.88440 1.000 216.85800 ? 3  DT C "O4'" 1 
ATOM 594 C "C3'" . DT C 3 3  ? -21.00789 1.42499   -16.92549 1.000 221.20127 ? 3  DT C "C3'" 1 
ATOM 595 O "O3'" . DT C 3 3  ? -21.38483 2.21391   -15.76393 1.000 224.59261 ? 3  DT C "O3'" 1 
ATOM 596 C "C2'" . DT C 3 3  ? -19.81703 0.49253   -16.63385 1.000 211.96066 ? 3  DT C "C2'" 1 
ATOM 597 C "C1'" . DT C 3 3  ? -20.31448 -0.89335  -17.06759 1.000 209.89512 ? 3  DT C "C1'" 1 
ATOM 598 N N1    . DT C 3 3  ? -19.28174 -1.69223  -17.82011 1.000 203.03684 ? 3  DT C N1    1 
ATOM 599 C C2    . DT C 3 3  ? -19.21663 -3.05930  -17.64429 1.000 197.80158 ? 3  DT C C2    1 
ATOM 600 O O2    . DT C 3 3  ? -19.97635 -3.67886  -16.92133 1.000 198.45353 ? 3  DT C O2    1 
ATOM 601 N N3    . DT C 3 3  ? -18.22502 -3.68031  -18.36696 1.000 191.78661 ? 3  DT C N3    1 
ATOM 602 C C4    . DT C 3 3  ? -17.30981 -3.08076  -19.21555 1.000 190.47395 ? 3  DT C C4    1 
ATOM 603 O O4    . DT C 3 3  ? -16.45571 -3.71770  -19.82140 1.000 184.95243 ? 3  DT C O4    1 
ATOM 604 C C5    . DT C 3 3  ? -17.42858 -1.65160  -19.34070 1.000 196.09081 ? 3  DT C C5    1 
ATOM 605 C C7    . DT C 3 3  ? -16.48809 -0.89564  -20.23270 1.000 195.24637 ? 3  DT C C7    1 
ATOM 606 C C6    . DT C 3 3  ? -18.39018 -1.03277  -18.63988 1.000 202.00842 ? 3  DT C C6    1 
ATOM 607 P P     . DG C 3 4  ? -22.31523 1.64201   -14.57566 1.000 232.75540 ? 4  DG C P     1 
ATOM 608 O OP1   . DG C 3 4  ? -23.72476 1.62762   -15.02746 1.000 239.85883 ? 4  DG C OP1   1 
ATOM 609 O OP2   . DG C 3 4  ? -21.95967 2.43069   -13.37645 1.000 233.55976 ? 4  DG C OP2   1 
ATOM 610 O "O5'" . DG C 3 4  ? -21.79994 0.14946   -14.29760 1.000 224.72095 ? 4  DG C "O5'" 1 
ATOM 611 C "C5'" . DG C 3 4  ? -22.74573 -0.87324  -13.98416 1.000 225.24435 ? 4  DG C "C5'" 1 
ATOM 612 C "C4'" . DG C 3 4  ? -22.14296 -1.94926  -13.09089 1.000 217.70312 ? 4  DG C "C4'" 1 
ATOM 613 O "O4'" . DG C 3 4  ? -21.00664 -2.56639  -13.74806 1.000 210.86257 ? 4  DG C "O4'" 1 
ATOM 614 C "C3'" . DG C 3 4  ? -21.63385 -1.47984  -11.73088 1.000 215.62583 ? 4  DG C "C3'" 1 
ATOM 615 O "O3'" . DG C 3 4  ? -21.89026 -2.49393  -10.77208 1.000 212.32294 ? 4  DG C "O3'" 1 
ATOM 616 C "C2'" . DG C 3 4  ? -20.13566 -1.31473  -11.97732 1.000 209.42598 ? 4  DG C "C2'" 1 
ATOM 617 C "C1'" . DG C 3 4  ? -19.86817 -2.48032  -12.91542 1.000 205.00035 ? 4  DG C "C1'" 1 
ATOM 618 N N9    . DG C 3 4  ? -18.71272 -2.29093  -13.77928 1.000 201.11529 ? 4  DG C N9    1 
ATOM 619 C C8    . DG C 3 4  ? -18.25021 -1.10761  -14.28923 1.000 203.75472 ? 4  DG C C8    1 
ATOM 620 N N7    . DG C 3 4  ? -17.20959 -1.24527  -15.06081 1.000 199.32116 ? 4  DG C N7    1 
ATOM 621 C C5    . DG C 3 4  ? -16.97047 -2.61280  -15.06424 1.000 193.14806 ? 4  DG C C5    1 
ATOM 622 C C6    . DG C 3 4  ? -15.96660 -3.35730  -15.72333 1.000 186.57036 ? 4  DG C C6    1 
ATOM 623 O O6    . DG C 3 4  ? -15.06290 -2.93736  -16.45636 1.000 184.55173 ? 4  DG C O6    1 
ATOM 624 N N1    . DG C 3 4  ? -16.08050 -4.72225  -15.46066 1.000 182.15723 ? 4  DG C N1    1 
ATOM 625 C C2    . DG C 3 4  ? -17.04728 -5.28947  -14.66241 1.000 183.89553 ? 4  DG C C2    1 
ATOM 626 N N2    . DG C 3 4  ? -17.00019 -6.62190  -14.52042 1.000 178.99272 ? 4  DG C N2    1 
ATOM 627 N N3    . DG C 3 4  ? -17.99171 -4.59813  -14.03953 1.000 190.02499 ? 4  DG C N3    1 
ATOM 628 C C4    . DG C 3 4  ? -17.89210 -3.27137  -14.28626 1.000 194.38622 ? 4  DG C C4    1 
ATOM 629 P P     . DA C 3 5  ? -21.89750 -2.16783  -9.19950  1.000 211.43987 ? 5  DA C P     1 
ATOM 630 O OP1   . DA C 3 5  ? -23.30384 -2.22618  -8.74466  1.000 217.38351 ? 5  DA C OP1   1 
ATOM 631 O OP2   . DA C 3 5  ? -21.11007 -0.93769  -8.96396  1.000 211.90391 ? 5  DA C OP2   1 
ATOM 632 O "O5'" . DA C 3 5  ? -21.09886 -3.40142  -8.56735  1.000 202.78549 ? 5  DA C "O5'" 1 
ATOM 633 C "C5'" . DA C 3 5  ? -21.45640 -4.73615  -8.92390  1.000 200.10179 ? 5  DA C "C5'" 1 
ATOM 634 C "C4'" . DA C 3 5  ? -20.23203 -5.63325  -8.95562  1.000 191.33408 ? 5  DA C "C4'" 1 
ATOM 635 O "O4'" . DA C 3 5  ? -19.36871 -5.22373  -10.03888 1.000 189.77360 ? 5  DA C "O4'" 1 
ATOM 636 C "C3'" . DA C 3 5  ? -19.38500 -5.61167  -7.68127  1.000 186.32758 ? 5  DA C "C3'" 1 
ATOM 637 O "O3'" . DA C 3 5  ? -19.31246 -6.92125  -7.12592  1.000 180.96444 ? 5  DA C "O3'" 1 
ATOM 638 C "C2'" . DA C 3 5  ? -18.00938 -5.10059  -8.12987  1.000 182.16225 ? 5  DA C "C2'" 1 
ATOM 639 C "C1'" . DA C 3 5  ? -18.02541 -5.29955  -9.63847  1.000 182.92657 ? 5  DA C "C1'" 1 
ATOM 640 N N9    . DA C 3 5  ? -17.28799 -4.26710  -10.35681 1.000 183.75536 ? 5  DA C N9    1 
ATOM 641 C C8    . DA C 3 5  ? -17.51698 -2.91948  -10.31888 1.000 189.45740 ? 5  DA C C8    1 
ATOM 642 N N7    . DA C 3 5  ? -16.69909 -2.22191  -11.06827 1.000 188.78897 ? 5  DA C N7    1 
ATOM 643 C C5    . DA C 3 5  ? -15.87765 -3.17798  -11.64105 1.000 182.19921 ? 5  DA C C5    1 
ATOM 644 C C6    . DA C 3 5  ? -14.80003 -3.08291  -12.54052 1.000 178.38954 ? 5  DA C C6    1 
ATOM 645 N N6    . DA C 3 5  ? -14.35467 -1.92379  -13.03468 1.000 180.79772 ? 5  DA C N6    1 
ATOM 646 N N1    . DA C 3 5  ? -14.19498 -4.22912  -12.91457 1.000 172.01458 ? 5  DA C N1    1 
ATOM 647 C C2    . DA C 3 5  ? -14.64306 -5.38880  -12.41688 1.000 169.64422 ? 5  DA C C2    1 
ATOM 648 N N3    . DA C 3 5  ? -15.64716 -5.60349  -11.56668 1.000 172.72617 ? 5  DA C N3    1 
ATOM 649 C C4    . DA C 3 5  ? -16.22806 -4.44451  -11.21444 1.000 179.04814 ? 5  DA C C4    1 
ATOM 650 P P     . DT C 3 6  ? -18.34019 -7.23404  -5.88420  1.000 183.02737 ? 6  DT C P     1 
ATOM 651 O OP1   . DT C 3 6  ? -18.91335 -8.38631  -5.15391  1.000 182.19277 ? 6  DT C OP1   1 
ATOM 652 O OP2   . DT C 3 6  ? -18.06431 -5.96637  -5.17164  1.000 186.32179 ? 6  DT C OP2   1 
ATOM 653 O "O5'" . DT C 3 6  ? -16.98808 -7.72364  -6.58000  1.000 178.42686 ? 6  DT C "O5'" 1 
ATOM 654 C "C5'" . DT C 3 6  ? -17.04963 -8.69514  -7.61760  1.000 174.80859 ? 6  DT C "C5'" 1 
ATOM 655 C "C4'" . DT C 3 6  ? -15.66296 -9.05238  -8.12169  1.000 171.27933 ? 6  DT C "C4'" 1 
ATOM 656 O "O4'" . DT C 3 6  ? -15.16501 -7.99228  -8.97381  1.000 172.42939 ? 6  DT C "O4'" 1 
ATOM 657 C "C3'" . DT C 3 6  ? -14.61142 -9.26857  -7.03349  1.000 169.38503 ? 6  DT C "C3'" 1 
ATOM 658 O "O3'" . DT C 3 6  ? -13.91778 -10.48630 -7.26971  1.000 164.52821 ? 6  DT C "O3'" 1 
ATOM 659 C "C2'" . DT C 3 6  ? -13.69195 -8.04970  -7.16164  1.000 170.43436 ? 6  DT C "C2'" 1 
ATOM 660 C "C1'" . DT C 3 6  ? -13.83531 -7.68789  -8.63025  1.000 170.95715 ? 6  DT C "C1'" 1 
ATOM 661 N N1    . DT C 3 6  ? -13.61349 -6.24331  -8.90473  1.000 172.73171 ? 6  DT C N1    1 
ATOM 662 C C2    . DT C 3 6  ? -12.61936 -5.86359  -9.77517  1.000 169.71832 ? 6  DT C C2    1 
ATOM 663 O O2    . DT C 3 6  ? -11.89265 -6.65706  -10.34396 1.000 166.20071 ? 6  DT C O2    1 
ATOM 664 N N3    . DT C 3 6  ? -12.50739 -4.50871  -9.95786  1.000 170.68885 ? 6  DT C N3    1 
ATOM 665 C C4    . DT C 3 6  ? -13.27395 -3.51992  -9.36802  1.000 174.78984 ? 6  DT C C4    1 
ATOM 666 O O4    . DT C 3 6  ? -13.09907 -2.32687  -9.59270  1.000 176.89198 ? 6  DT C O4    1 
ATOM 667 C C5    . DT C 3 6  ? -14.29559 -3.98865  -8.46798  1.000 178.21995 ? 6  DT C C5    1 
ATOM 668 C C7    . DT C 3 6  ? -15.18550 -3.00643  -7.76935  1.000 182.92028 ? 6  DT C C7    1 
ATOM 669 C C6    . DT C 3 6  ? -14.41533 -5.31069  -8.28204  1.000 176.80823 ? 6  DT C C6    1 
ATOM 670 P P     . DG C 3 7  ? -12.73480 -10.95354 -6.28836  1.000 179.12135 ? 7  DG C P     1 
ATOM 671 O OP1   . DG C 3 7  ? -12.79501 -12.42823 -6.20952  1.000 172.44859 ? 7  DG C OP1   1 
ATOM 672 O OP2   . DG C 3 7  ? -12.80568 -10.16957 -5.03586  1.000 181.93834 ? 7  DG C OP2   1 
ATOM 673 O "O5'" . DG C 3 7  ? -11.41382 -10.52723 -7.07751  1.000 177.25401 ? 7  DG C "O5'" 1 
ATOM 674 C "C5'" . DG C 3 7  ? -11.27463 -10.88469 -8.44416  1.000 176.69319 ? 7  DG C "C5'" 1 
ATOM 675 C "C4'" . DG C 3 7  ? -10.00031 -10.31317 -9.03346  1.000 175.18517 ? 7  DG C "C4'" 1 
ATOM 676 O "O4'" . DG C 3 7  ? -10.13484 -8.87817  -9.20070  1.000 178.69132 ? 7  DG C "O4'" 1 
ATOM 677 C "C3'" . DG C 3 7  ? -8.74172  -10.52395 -8.19605  1.000 170.36465 ? 7  DG C "C3'" 1 
ATOM 678 O "O3'" . DG C 3 7  ? -7.65101  -10.82333 -9.06697  1.000 165.85072 ? 7  DG C "O3'" 1 
ATOM 679 C "C2'" . DG C 3 7  ? -8.57053  -9.17213  -7.49592  1.000 172.90577 ? 7  DG C "C2'" 1 
ATOM 680 C "C1'" . DG C 3 7  ? -9.04306  -8.22892  -8.58565  1.000 177.23293 ? 7  DG C "C1'" 1 
ATOM 681 N N9    . DG C 3 7  ? -9.50284  -6.92533  -8.11249  1.000 180.98053 ? 7  DG C N9    1 
ATOM 682 C C8    . DG C 3 7  ? -10.45117 -6.67071  -7.15219  1.000 184.66105 ? 7  DG C C8    1 
ATOM 683 N N7    . DG C 3 7  ? -10.67099 -5.39660  -6.96500  1.000 187.04685 ? 7  DG C N7    1 
ATOM 684 C C5    . DG C 3 7  ? -9.82008  -4.77025  -7.86806  1.000 183.39263 ? 7  DG C C5    1 
ATOM 685 C C6    . DG C 3 7  ? -9.61454  -3.39282  -8.12557  1.000 182.39624 ? 7  DG C C6    1 
ATOM 686 O O6    . DG C 3 7  ? -10.16319 -2.41895  -7.58847  1.000 185.68200 ? 7  DG C O6    1 
ATOM 687 N N1    . DG C 3 7  ? -8.65875  -3.19277  -9.12361  1.000 176.74565 ? 7  DG C N1    1 
ATOM 688 C C2    . DG C 3 7  ? -7.98813  -4.20095  -9.77652  1.000 172.76444 ? 7  DG C C2    1 
ATOM 689 N N2    . DG C 3 7  ? -7.10498  -3.82459  -10.71086 1.000 167.06353 ? 7  DG C N2    1 
ATOM 690 N N3    . DG C 3 7  ? -8.17780  -5.48933  -9.54805  1.000 174.20989 ? 7  DG C N3    1 
ATOM 691 C C4    . DG C 3 7  ? -9.10037  -5.69951  -8.58414  1.000 179.54724 ? 7  DG C C4    1 
ATOM 692 P P     . DT C 3 8  ? -6.14388  -10.89174 -8.51603  1.000 181.44329 ? 8  DT C P     1 
ATOM 693 O OP1   . DT C 3 8  ? -5.36770  -11.72263 -9.46502  1.000 176.34304 ? 8  DT C OP1   1 
ATOM 694 O OP2   . DT C 3 8  ? -6.18264  -11.25050 -7.08128  1.000 177.70765 ? 8  DT C OP2   1 
ATOM 695 O "O5'" . DT C 3 8  ? -5.63534  -9.38288  -8.62744  1.000 181.19749 ? 8  DT C "O5'" 1 
ATOM 696 C "C5'" . DT C 3 8  ? -4.30283  -9.06278  -8.29136  1.000 173.42621 ? 8  DT C "C5'" 1 
ATOM 697 C "C4'" . DT C 3 8  ? -3.83084  -7.86196  -9.08017  1.000 172.13327 ? 8  DT C "C4'" 1 
ATOM 698 O "O4'" . DT C 3 8  ? -4.79264  -6.77965  -8.93459  1.000 175.37521 ? 8  DT C "O4'" 1 
ATOM 699 C "C3'" . DT C 3 8  ? -2.49780  -7.28971  -8.61659  1.000 165.64226 ? 8  DT C "C3'" 1 
ATOM 700 O "O3'" . DT C 3 8  ? -1.78812  -6.75909  -9.72427  1.000 162.31223 ? 8  DT C "O3'" 1 
ATOM 701 C "C2'" . DT C 3 8  ? -2.94019  -6.18567  -7.66957  1.000 168.35183 ? 8  DT C "C2'" 1 
ATOM 702 C "C1'" . DT C 3 8  ? -4.12606  -5.64173  -8.43678  1.000 172.73398 ? 8  DT C "C1'" 1 
ATOM 703 N N1    . DT C 3 8  ? -5.06354  -4.84875  -7.60517  1.000 178.44722 ? 8  DT C N1    1 
ATOM 704 C C2    . DT C 3 8  ? -5.11218  -3.48680  -7.77599  1.000 179.38730 ? 8  DT C C2    1 
ATOM 705 O O2    . DT C 3 8  ? -4.42238  -2.89042  -8.58701  1.000 177.65963 ? 8  DT C O2    1 
ATOM 706 N N3    . DT C 3 8  ? -6.00161  -2.84148  -6.96476  1.000 186.48958 ? 8  DT C N3    1 
ATOM 707 C C4    . DT C 3 8  ? -6.83134  -3.41123  -6.01456  1.000 192.43784 ? 8  DT C C4    1 
ATOM 708 O O4    . DT C 3 8  ? -7.59909  -2.74491  -5.33189  1.000 198.35090 ? 8  DT C O4    1 
ATOM 709 C C5    . DT C 3 8  ? -6.72935  -4.84485  -5.88317  1.000 190.68131 ? 8  DT C C5    1 
ATOM 710 C C7    . DT C 3 8  ? -7.58027  -5.57369  -4.88490  1.000 195.56242 ? 8  DT C C7    1 
ATOM 711 C C6    . DT C 3 8  ? -5.85918  -5.48693  -6.67507  1.000 184.03239 ? 8  DT C C6    1 
ATOM 712 P P     . DG D 4 1  ? 6.13349   8.78499   16.51411  1.000 189.23720 ? 10 DG D P     1 
ATOM 713 O OP1   . DG D 4 1  ? 7.09850   8.43562   15.44800  1.000 191.28625 ? 10 DG D OP1   1 
ATOM 714 O OP2   . DG D 4 1  ? 6.62060   9.08313   17.87976  1.000 189.65737 ? 10 DG D OP2   1 
ATOM 715 O "O5'" . DG D 4 1  ? 5.02012   7.63938   16.62282  1.000 187.81034 ? 10 DG D "O5'" 1 
ATOM 716 C "C5'" . DG D 4 1  ? 4.42133   7.11258   15.44398  1.000 188.02503 ? 10 DG D "C5'" 1 
ATOM 717 C "C4'" . DG D 4 1  ? 3.77811   5.76368   15.72271  1.000 188.05610 ? 10 DG D "C4'" 1 
ATOM 718 O "O4'" . DG D 4 1  ? 3.18370   5.24854   14.50899  1.000 189.12641 ? 10 DG D "O4'" 1 
ATOM 719 C "C3'" . DG D 4 1  ? 4.72926   4.68925   16.25248  1.000 189.79247 ? 10 DG D "C3'" 1 
ATOM 720 O "O3'" . DG D 4 1  ? 4.33409   4.30389   17.57178  1.000 189.13520 ? 10 DG D "O3'" 1 
ATOM 721 C "C2'" . DG D 4 1  ? 4.60276   3.51690   15.26942  1.000 192.01589 ? 10 DG D "C2'" 1 
ATOM 722 C "C1'" . DG D 4 1  ? 3.87637   4.10842   14.06694  1.000 191.78179 ? 10 DG D "C1'" 1 
ATOM 723 N N9    . DG D 4 1  ? 4.75367   4.48348   12.95996  1.000 193.72281 ? 10 DG D N9    1 
ATOM 724 C C8    . DG D 4 1  ? 4.91101   5.73882   12.41807  1.000 193.29692 ? 10 DG D C8    1 
ATOM 725 N N7    . DG D 4 1  ? 5.75768   5.77655   11.42909  1.000 196.00706 ? 10 DG D N7    1 
ATOM 726 C C5    . DG D 4 1  ? 6.18683   4.45605   11.29847  1.000 198.31625 ? 10 DG D C5    1 
ATOM 727 C C6    . DG D 4 1  ? 7.10663   3.89390   10.38678  1.000 202.16092 ? 10 DG D C6    1 
ATOM 728 O O6    . DG D 4 1  ? 7.74164   4.45981   9.49080   1.000 204.29301 ? 10 DG D O6    1 
ATOM 729 N N1    . DG D 4 1  ? 7.25850   2.51872   10.59101  1.000 204.16680 ? 10 DG D N1    1 
ATOM 730 C C2    . DG D 4 1  ? 6.60131   1.79297   11.55556  1.000 202.74678 ? 10 DG D C2    1 
ATOM 731 N N2    . DG D 4 1  ? 6.87465   0.47891   11.60267  1.000 205.82690 ? 10 DG D N2    1 
ATOM 732 N N3    . DG D 4 1  ? 5.73416   2.31460   12.41645  1.000 199.15300 ? 10 DG D N3    1 
ATOM 733 C C4    . DG D 4 1  ? 5.57562   3.65404   12.22859  1.000 197.01956 ? 10 DG D C4    1 
ATOM 734 P P     . DG D 4 2  ? 5.43883   4.01490   18.70461  1.000 194.31790 ? 11 DG D P     1 
ATOM 735 O OP1   . DG D 4 2  ? 4.71934   3.65692   19.94689  1.000 194.05945 ? 11 DG D OP1   1 
ATOM 736 O OP2   . DG D 4 2  ? 6.39669   5.14318   18.70810  1.000 194.36158 ? 11 DG D OP2   1 
ATOM 737 O "O5'" . DG D 4 2  ? 6.21115   2.71994   18.17257  1.000 197.03084 ? 11 DG D "O5'" 1 
ATOM 738 C "C5'" . DG D 4 2  ? 5.50261   1.50606   17.94130  1.000 198.39112 ? 11 DG D "C5'" 1 
ATOM 739 C "C4'" . DG D 4 2  ? 6.43622   0.44903   17.39142  1.000 206.37070 ? 11 DG D "C4'" 1 
ATOM 740 O "O4'" . DG D 4 2  ? 6.83298   0.80868   16.04290  1.000 208.57147 ? 11 DG D "O4'" 1 
ATOM 741 C "C3'" . DG D 4 2  ? 7.72186   0.26982   18.19129  1.000 209.55607 ? 11 DG D "C3'" 1 
ATOM 742 O "O3'" . DG D 4 2  ? 7.99478   -1.10416  18.36594  1.000 213.63337 ? 11 DG D "O3'" 1 
ATOM 743 C "C2'" . DG D 4 2  ? 8.78747   0.96356   17.34213  1.000 213.18215 ? 11 DG D "C2'" 1 
ATOM 744 C "C1'" . DG D 4 2  ? 8.23971   0.81335   15.93026  1.000 213.17175 ? 11 DG D "C1'" 1 
ATOM 745 N N9    . DG D 4 2  ? 8.62409   1.91274   15.04676  1.000 208.34720 ? 11 DG D N9    1 
ATOM 746 C C8    . DG D 4 2  ? 8.24561   3.22883   15.15641  1.000 200.79258 ? 11 DG D C8    1 
ATOM 747 N N7    . DG D 4 2  ? 8.74265   3.99332   14.22499  1.000 201.54747 ? 11 DG D N7    1 
ATOM 748 C C5    . DG D 4 2  ? 9.50297   3.13306   13.44667  1.000 204.84405 ? 11 DG D C5    1 
ATOM 749 C C6    . DG D 4 2  ? 10.27779  3.39547   12.29164  1.000 207.51551 ? 11 DG D C6    1 
ATOM 750 O O6    . DG D 4 2  ? 10.44729  4.47930   11.71129  1.000 207.49969 ? 11 DG D O6    1 
ATOM 751 N N1    . DG D 4 2  ? 10.89062  2.24228   11.81022  1.000 211.11381 ? 11 DG D N1    1 
ATOM 752 C C2    . DG D 4 2  ? 10.76774  0.99415   12.37682  1.000 218.33391 ? 11 DG D C2    1 
ATOM 753 N N2    . DG D 4 2  ? 11.43087  -0.00003  11.77425  1.000 226.20018 ? 11 DG D N2    1 
ATOM 754 N N3    . DG D 4 2  ? 10.04486  0.73443   13.45935  1.000 219.08085 ? 11 DG D N3    1 
ATOM 755 C C4    . DG D 4 2  ? 9.44248   1.84697   13.93919  1.000 210.61584 ? 11 DG D C4    1 
ATOM 756 P P     . DC D 4 3  ? 9.00071   -1.58132  19.52091  1.000 217.30427 ? 12 DC D P     1 
ATOM 757 O OP1   . DC D 4 3  ? 8.39425   -2.74538  20.20664  1.000 216.80411 ? 12 DC D OP1   1 
ATOM 758 O OP2   . DC D 4 3  ? 9.39441   -0.38273  20.29688  1.000 213.24352 ? 12 DC D OP2   1 
ATOM 759 O "O5'" . DC D 4 3  ? 10.27204  -2.07931  18.70297  1.000 226.23738 ? 12 DC D "O5'" 1 
ATOM 760 C "C5'" . DC D 4 3  ? 10.08493  -2.73346  17.46175  1.000 231.54545 ? 12 DC D "C5'" 1 
ATOM 761 C "C4'" . DC D 4 3  ? 11.41604  -3.13725  16.87078  1.000 240.18028 ? 12 DC D "C4'" 1 
ATOM 762 O "O4'" . DC D 4 3  ? 11.78286  -2.20464  15.82246  1.000 240.03966 ? 12 DC D "O4'" 1 
ATOM 763 C "C3'" . DC D 4 3  ? 12.57539  -3.15257  17.85984  1.000 240.78787 ? 12 DC D "C3'" 1 
ATOM 764 O "O3'" . DC D 4 3  ? 13.42718  -4.25514  17.57735  1.000 248.96361 ? 12 DC D "O3'" 1 
ATOM 765 C "C2'" . DC D 4 3  ? 13.26450  -1.80954  17.61034  1.000 238.03007 ? 12 DC D "C2'" 1 
ATOM 766 C "C1'" . DC D 4 3  ? 13.01652  -1.58520  16.12332  1.000 239.52967 ? 12 DC D "C1'" 1 
ATOM 767 N N1    . DC D 4 3  ? 12.91405  -0.13961  15.74985  1.000 230.51693 ? 12 DC D N1    1 
ATOM 768 C C2    . DC D 4 3  ? 13.58636  0.34075   14.61841  1.000 229.26025 ? 12 DC D C2    1 
ATOM 769 O O2    . DC D 4 3  ? 14.26055  -0.44545  13.94146  1.000 236.51299 ? 12 DC D O2    1 
ATOM 770 N N3    . DC D 4 3  ? 13.47381  1.65786   14.29913  1.000 219.69735 ? 12 DC D N3    1 
ATOM 771 C C4    . DC D 4 3  ? 12.73346  2.46824   15.06094  1.000 212.89843 ? 12 DC D C4    1 
ATOM 772 N N4    . DC D 4 3  ? 12.64769  3.75655   14.71561  1.000 207.04822 ? 12 DC D N4    1 
ATOM 773 C C5    . DC D 4 3  ? 12.04607  1.99385   16.21359  1.000 214.37476 ? 12 DC D C5    1 
ATOM 774 C C6    . DC D 4 3  ? 12.16377  0.69928   16.51729  1.000 222.55914 ? 12 DC D C6    1 
ATOM 775 P P     . DT D 4 4  ? 14.54024  -4.73318  18.63402  1.000 250.42781 ? 13 DT D P     1 
ATOM 776 O OP1   . DT D 4 4  ? 14.22847  -6.13197  19.00624  1.000 250.06724 ? 13 DT D OP1   1 
ATOM 777 O OP2   . DT D 4 4  ? 14.66156  -3.71066  19.69849  1.000 244.00097 ? 13 DT D OP2   1 
ATOM 778 O "O5'" . DT D 4 4  ? 15.87895  -4.71105  17.76288  1.000 259.07261 ? 13 DT D "O5'" 1 
ATOM 779 C "C5'" . DT D 4 4  ? 15.97647  -3.79854  16.67588  1.000 261.41026 ? 13 DT D "C5'" 1 
ATOM 780 C "C4'" . DT D 4 4  ? 17.16068  -4.11230  15.78711  1.000 271.22638 ? 13 DT D "C4'" 1 
ATOM 781 O "O4'" . DT D 4 4  ? 17.35558  -3.01701  14.86073  1.000 269.57215 ? 13 DT D "O4'" 1 
ATOM 782 C "C3'" . DT D 4 4  ? 18.48181  -4.24897  16.51589  1.000 274.69933 ? 13 DT D "C3'" 1 
ATOM 783 O "O3'" . DT D 4 4  ? 19.37200  -5.06561  15.77198  1.000 284.09439 ? 13 DT D "O3'" 1 
ATOM 784 C "C2'" . DT D 4 4  ? 18.97173  -2.80657  16.59263  1.000 270.95501 ? 13 DT D "C2'" 1 
ATOM 785 C "C1'" . DT D 4 4  ? 18.39459  -2.16908  15.32378  1.000 266.97162 ? 13 DT D "C1'" 1 
ATOM 786 N N1    . DT D 4 4  ? 17.83275  -0.79249  15.56191  1.000 254.29478 ? 13 DT D N1    1 
ATOM 787 C C2    . DT D 4 4  ? 18.13252  0.23680   14.68758  1.000 246.99566 ? 13 DT D C2    1 
ATOM 788 O O2    . DT D 4 4  ? 18.83112  0.09248   13.69857  1.000 249.43575 ? 13 DT D O2    1 
ATOM 789 N N3    . DT D 4 4  ? 17.56724  1.44665   15.01775  1.000 236.26751 ? 13 DT D N3    1 
ATOM 790 C C4    . DT D 4 4  ? 16.76085  1.72176   16.11138  1.000 232.45376 ? 13 DT D C4    1 
ATOM 791 O O4    . DT D 4 4  ? 16.29854  2.83388   16.32973  1.000 223.66419 ? 13 DT D O4    1 
ATOM 792 C C5    . DT D 4 4  ? 16.49842  0.60551   16.98363  1.000 239.33391 ? 13 DT D C5    1 
ATOM 793 C C7    . DT D 4 4  ? 15.63864  0.78772   18.20040  1.000 234.61060 ? 13 DT D C7    1 
ATOM 794 C C6    . DT D 4 4  ? 17.04317  -0.57673  16.67382  1.000 249.32773 ? 13 DT D C6    1 
ATOM 795 P P     . DG D 4 5  ? 20.80749  -5.45007  16.38140  1.000 274.02884 ? 14 DG D P     1 
ATOM 796 O OP1   . DG D 4 5  ? 21.18420  -6.77814  15.84617  1.000 277.86010 ? 14 DG D OP1   1 
ATOM 797 O OP2   . DG D 4 5  ? 20.73886  -5.24206  17.84558  1.000 267.45641 ? 14 DG D OP2   1 
ATOM 798 O "O5'" . DG D 4 5  ? 21.78244  -4.33962  15.76977  1.000 280.09073 ? 14 DG D "O5'" 1 
ATOM 799 C "C5'" . DG D 4 5  ? 21.71897  -4.03592  14.37999  1.000 281.40401 ? 14 DG D "C5'" 1 
ATOM 800 C "C4'" . DG D 4 5  ? 22.63398  -2.87497  14.02963  1.000 276.42139 ? 14 DG D "C4'" 1 
ATOM 801 O "O4'" . DG D 4 5  ? 21.94925  -1.61881  14.26886  1.000 263.20396 ? 14 DG D "O4'" 1 
ATOM 802 C "C3'" . DG D 4 5  ? 23.93941  -2.81439  14.81871  1.000 281.78314 ? 14 DG D "C3'" 1 
ATOM 803 O "O3'" . DG D 4 5  ? 25.01119  -2.50559  13.94474  1.000 282.07814 ? 14 DG D "O3'" 1 
ATOM 804 C "C2'" . DG D 4 5  ? 23.69546  -1.69485  15.83087  1.000 272.27794 ? 14 DG D "C2'" 1 
ATOM 805 C "C1'" . DG D 4 5  ? 22.74418  -0.77783  15.07634  1.000 260.63165 ? 14 DG D "C1'" 1 
ATOM 806 N N9    . DG D 4 5  ? 21.84937  -0.02731  15.95299  1.000 250.63460 ? 14 DG D N9    1 
ATOM 807 C C8    . DG D 4 5  ? 21.18555  -0.50737  17.05203  1.000 250.51218 ? 14 DG D C8    1 
ATOM 808 N N7    . DG D 4 5  ? 20.43868  0.38143   17.64182  1.000 240.81084 ? 14 DG D N7    1 
ATOM 809 C C5    . DG D 4 5  ? 20.61929  1.53105   16.88676  1.000 233.87648 ? 14 DG D C5    1 
ATOM 810 C C6    . DG D 4 5  ? 20.06251  2.82011   17.05145  1.000 222.78937 ? 14 DG D C6    1 
ATOM 811 O O6    . DG D 4 5  ? 19.27540  3.20640   17.92684  1.000 218.28483 ? 14 DG D O6    1 
ATOM 812 N N1    . DG D 4 5  ? 20.50440  3.70352   16.06771  1.000 222.04056 ? 14 DG D N1    1 
ATOM 813 C C2    . DG D 4 5  ? 21.37586  3.37491   15.05431  1.000 225.46106 ? 14 DG D C2    1 
ATOM 814 N N2    . DG D 4 5  ? 21.68924  4.35828   14.19721  1.000 226.69572 ? 14 DG D N2    1 
ATOM 815 N N3    . DG D 4 5  ? 21.90563  2.16705   14.88935  1.000 233.48939 ? 14 DG D N3    1 
ATOM 816 C C4    . DG D 4 5  ? 21.48370  1.29861   15.83974  1.000 238.92916 ? 14 DG D C4    1 
ATOM 817 P P     . DT D 4 6  ? 26.52767  -2.80843  14.37750  1.000 294.64259 ? 15 DT D P     1 
ATOM 818 O OP1   . DT D 4 6  ? 27.10484  -3.72529  13.36935  1.000 307.74605 ? 15 DT D OP1   1 
ATOM 819 O OP2   . DT D 4 6  ? 26.52857  -3.19373  15.80654  1.000 294.32592 ? 15 DT D OP2   1 
ATOM 820 O "O5'" . DT D 4 6  ? 27.24058  -1.38449  14.24983  1.000 285.76659 ? 15 DT D "O5'" 1 
ATOM 821 C "C5'" . DT D 4 6  ? 27.05299  -0.60181  13.07614  1.000 275.07808 ? 15 DT D "C5'" 1 
ATOM 822 C "C4'" . DT D 4 6  ? 27.24497  0.87197   13.38009  1.000 264.82458 ? 15 DT D "C4'" 1 
ATOM 823 O "O4'" . DT D 4 6  ? 26.08421  1.37108   14.07413  1.000 256.56659 ? 15 DT D "O4'" 1 
ATOM 824 C "C3'" . DT D 4 6  ? 28.43379  1.18287   14.28954  1.000 270.29324 ? 15 DT D "C3'" 1 
ATOM 825 O "O3'" . DT D 4 6  ? 29.55330  1.70513   13.51693  1.000 269.68034 ? 15 DT D "O3'" 1 
ATOM 826 C "C2'" . DT D 4 6  ? 27.88777  2.17671   15.33123  1.000 263.02754 ? 15 DT D "C2'" 1 
ATOM 827 C "C1'" . DT D 4 6  ? 26.46804  2.47236   14.85241  1.000 252.08864 ? 15 DT D "C1'" 1 
ATOM 828 N N1    . DT D 4 6  ? 25.49224  2.62738   15.96971  1.000 247.88710 ? 15 DT D N1    1 
ATOM 829 C C2    . DT D 4 6  ? 24.87946  3.84681   16.17675  1.000 236.88977 ? 15 DT D C2    1 
ATOM 830 O O2    . DT D 4 6  ? 25.08513  4.82540   15.48077  1.000 231.18729 ? 15 DT D O2    1 
ATOM 831 N N3    . DT D 4 6  ? 24.00576  3.87306   17.23614  1.000 233.98703 ? 15 DT D N3    1 
ATOM 832 C C4    . DT D 4 6  ? 23.69891  2.82463   18.08743  1.000 240.52590 ? 15 DT D C4    1 
ATOM 833 O O4    . DT D 4 6  ? 22.90355  2.93687   19.01177  1.000 236.80407 ? 15 DT D O4    1 
ATOM 834 C C5    . DT D 4 6  ? 24.37906  1.58318   17.81429  1.000 252.19919 ? 15 DT D C5    1 
ATOM 835 C C7    . DT D 4 6  ? 24.12510  0.38111   18.67407  1.000 259.33321 ? 15 DT D C7    1 
ATOM 836 C C6    . DT D 4 6  ? 25.23239  1.54588   16.78368  1.000 255.65985 ? 15 DT D C6    1 
ATOM 837 P P     . DC D 4 7  ? 29.81801  3.28545   13.32904  1.000 274.01243 ? 16 DC D P     1 
ATOM 838 O OP1   . DC D 4 7  ? 28.55474  3.93721   12.91733  1.000 263.06493 ? 16 DC D OP1   1 
ATOM 839 O OP2   . DC D 4 7  ? 31.00369  3.40955   12.45331  1.000 277.62837 ? 16 DC D OP2   1 
ATOM 840 O "O5'" . DC D 4 7  ? 30.27867  3.79628   14.77690  1.000 275.45805 ? 16 DC D "O5'" 1 
ATOM 841 C "C5'" . DC D 4 7  ? 31.03129  5.00337   14.91417  1.000 270.91547 ? 16 DC D "C5'" 1 
ATOM 842 C "C4'" . DC D 4 7  ? 30.22323  6.21154   14.46981  1.000 259.11655 ? 16 DC D "C4'" 1 
ATOM 843 O "O4'" . DC D 4 7  ? 28.85068  6.06850   14.91116  1.000 252.61527 ? 16 DC D "O4'" 1 
ATOM 844 C "C3'" . DC D 4 7  ? 30.68880  7.53886   15.04315  1.000 254.04239 ? 16 DC D "C3'" 1 
ATOM 845 O "O3'" . DC D 4 7  ? 30.32812  8.59827   14.16757  1.000 252.31329 ? 16 DC D "O3'" 1 
ATOM 846 C "C2'" . DC D 4 7  ? 29.91686  7.61092   16.35660  1.000 248.73755 ? 16 DC D "C2'" 1 
ATOM 847 C "C1'" . DC D 4 7  ? 28.58591  6.96193   15.98045  1.000 246.45125 ? 16 DC D "C1'" 1 
ATOM 848 N N1    . DC D 4 7  ? 27.97066  6.17896   17.08810  1.000 248.66235 ? 16 DC D N1    1 
ATOM 849 C C2    . DC D 4 7  ? 27.03216  6.77812   17.93877  1.000 241.73682 ? 16 DC D C2    1 
ATOM 850 O O2    . DC D 4 7  ? 26.72689  7.96341   17.76037  1.000 236.43385 ? 16 DC D O2    1 
ATOM 851 N N3    . DC D 4 7  ? 26.48596  6.03432   18.93643  1.000 244.28873 ? 16 DC D N3    1 
ATOM 852 C C4    . DC D 4 7  ? 26.84688  4.75789   19.08931  1.000 253.65117 ? 16 DC D C4    1 
ATOM 853 N N4    . DC D 4 7  ? 26.29007  4.05781   20.08029  1.000 255.96308 ? 16 DC D N4    1 
ATOM 854 C C5    . DC D 4 7  ? 27.79788  4.13909   18.23272  1.000 261.48631 ? 16 DC D C5    1 
ATOM 855 C C6    . DC D 4 7  ? 28.32796  4.87897   17.25955  1.000 258.29884 ? 16 DC D C6    1 
# 
loop_
_atom_site_anisotrop.id 
_atom_site_anisotrop.type_symbol 
_atom_site_anisotrop.pdbx_label_atom_id 
_atom_site_anisotrop.pdbx_label_alt_id 
_atom_site_anisotrop.pdbx_label_comp_id 
_atom_site_anisotrop.pdbx_label_asym_id 
_atom_site_anisotrop.pdbx_label_seq_id 
_atom_site_anisotrop.pdbx_PDB_ins_code 
_atom_site_anisotrop.U[1][1] 
_atom_site_anisotrop.U[2][2] 
_atom_site_anisotrop.U[3][3] 
_atom_site_anisotrop.U[1][2] 
_atom_site_anisotrop.U[1][3] 
_atom_site_anisotrop.U[2][3] 
_atom_site_anisotrop.pdbx_auth_seq_id 
_atom_site_anisotrop.pdbx_auth_comp_id 
_atom_site_anisotrop.pdbx_auth_asym_id 
_atom_site_anisotrop.pdbx_auth_atom_id 
1   O "O5'" . DG A 1  ? 2.20950 6.06381 3.07936 -0.34994 -0.22556 -2.00821 3  DG A "O5'" 
2   C "C5'" . DG A 1  ? 2.19848 6.21927 3.21500 -0.45935 -0.11926 -2.11146 3  DG A "C5'" 
3   C "C4'" . DG A 1  ? 2.14485 6.14850 3.29262 -0.52714 -0.04488 -2.15039 3  DG A "C4'" 
4   O "O4'" . DG A 1  ? 2.15243 6.32407 3.27384 -0.43102 -0.09331 -2.15308 3  DG A "O4'" 
5   C "C3'" . DG A 1  ? 2.07852 5.79882 3.26705 -0.56423 -0.03427 -2.08821 3  DG A "C3'" 
6   O "O3'" . DG A 1  ? 2.05950 5.72532 3.38505 -0.67915 0.08726  -2.14403 3  DG A "O3'" 
7   C "C2'" . DG A 1  ? 2.05951 5.77382 3.17240 -0.44108 -0.13298 -2.02341 3  DG A "C2'" 
8   C "C1'" . DG A 1  ? 2.09772 6.10143 3.21570 -0.39109 -0.13326 -2.08516 3  DG A "C1'" 
9   N N9    . DG A 1  ? 2.13796 6.21072 3.10980 -0.22707 -0.24700 -2.02130 3  DG A N9    
10  C C8    . DG A 1  ? 2.21321 6.25589 3.00744 -0.11497 -0.33531 -1.95554 3  DG A C8    
11  N N7    . DG A 1  ? 2.26738 6.34908 2.93313 0.03427  -0.41368 -1.89677 3  DG A N7    
12  C C5    . DG A 1  ? 2.20851 6.37409 2.98664 0.01665  -0.38181 -1.93058 3  DG A C5    
13  C C6    . DG A 1  ? 2.23191 6.46441 2.94908 0.13999  -0.43181 -1.89220 3  DG A C6    
14  O O6    . DG A 1  ? 2.32151 6.53629 2.86303 0.29785  -0.51085 -1.81354 3  DG A O6    
15  N N1    . DG A 1  ? 2.15631 6.45964 3.03010 0.06604  -0.37085 -1.94970 3  DG A N1    
16  C C2    . DG A 1  ? 2.08714 6.37100 3.13871 -0.10309 -0.26595 -2.02901 3  DG A C2    
17  N N2    . DG A 1  ? 2.04491 6.37474 3.21003 -0.15198 -0.20987 -2.07192 3  DG A N2    
18  N N3    . DG A 1  ? 2.07808 6.27960 3.17852 -0.21309 -0.21154 -2.05896 3  DG A N3    
19  C C4    . DG A 1  ? 2.13127 6.29005 3.09619 -0.14614 -0.27839 -2.00879 3  DG A C4    
20  P P     . DA A 2  ? 2.00487 5.37388 3.40201 -0.73856 0.13876  -2.09191 4  DA A P     
21  O OP1   . DA A 2  ? 2.04646 5.34273 3.52507 -0.86043 0.27768  -2.15446 4  DA A OP1   
22  O OP2   . DA A 2  ? 1.97937 5.18263 3.29108 -0.68749 0.05392  -2.00394 4  DA A OP2   
23  O "O5'" . DA A 2  ? 1.95925 5.33685 3.40224 -0.69594 0.12290  -2.07568 4  DA A "O5'" 
24  C "C5'" . DA A 2  ? 1.99052 5.56963 3.46989 -0.70374 0.16119  -2.15090 4  DA A "C5'" 
25  C "C4'" . DA A 2  ? 1.93974 5.47337 3.46987 -0.67013 0.15277  -2.12120 4  DA A "C4'" 
26  O "O4'" . DA A 2  ? 1.92535 5.61171 3.37068 -0.53596 0.02976  -2.08375 4  DA A "O4'" 
27  C "C3'" . DA A 2  ? 1.88999 5.11917 3.44665 -0.66958 0.16563  -2.02633 4  DA A "C3'" 
28  O "O3'" . DA A 2  ? 1.87752 5.03639 3.53068 -0.71518 0.24906  -2.04384 4  DA A "O3'" 
29  C "C2'" . DA A 2  ? 1.89570 5.02725 3.29689 -0.51130 0.04094  -1.89570 4  DA A "C2'" 
30  C "C1'" . DA A 2  ? 1.90804 5.33816 3.27632 -0.44052 -0.02548 -1.94783 4  DA A "C1'" 
31  N N9    . DA A 2  ? 1.95260 5.40574 3.14562 -0.30341 -0.14602 -1.87480 4  DA A N9    
32  C C8    . DA A 2  ? 1.99328 5.40762 3.08447 -0.28653 -0.18866 -1.85129 4  DA A C8    
33  N N7    . DA A 2  ? 2.05466 5.48047 2.97172 -0.14991 -0.29058 -1.78384 4  DA A N7    
34  C C5    . DA A 2  ? 2.04848 5.53353 2.95639 -0.06784 -0.32025 -1.76097 4  DA A C5    
35  C C6    . DA A 2  ? 2.10945 5.62214 2.85773 0.09118  -0.41475 -1.69249 4  DA A C6    
36  N N6    . DA A 2  ? 2.20380 5.67163 2.75419 0.19784  -0.49441 -1.63227 4  DA A N6    
37  N N1    . DA A 2  ? 2.08341 5.65967 2.87156 0.13839  -0.41940 -1.68795 4  DA A N1    
38  C C2    . DA A 2  ? 2.00491 5.60922 2.97873 0.02824  -0.33214 -1.74949 4  DA A C2    
39  N N3    . DA A 2  ? 1.95658 5.52336 3.08026 -0.12425 -0.23307 -1.81627 4  DA A N3    
40  C C4    . DA A 2  ? 1.98004 5.48992 3.06211 -0.16296 -0.23404 -1.81766 4  DA A C4    
41  P P     . DC A 3  ? 1.86852 4.66965 3.53148 -0.70767 0.30128  -1.93833 5  DC A P     
42  O OP1   . DC A 3  ? 1.88996 4.65546 3.67528 -0.82372 0.43945  -2.01907 5  DC A OP1   
43  O OP2   . DC A 3  ? 1.87098 4.49108 3.46377 -0.68830 0.27128  -1.86233 5  DC A OP2   
44  O "O5'" . DC A 3  ? 1.84622 4.58584 3.43552 -0.57263 0.21546  -1.83391 5  DC A "O5'" 
45  C "C5'" . DC A 3  ? 1.84209 4.82542 3.43114 -0.52842 0.17059  -1.88181 5  DC A "C5'" 
46  C "C4'" . DC A 3  ? 1.83146 4.71504 3.31514 -0.38312 0.07403  -1.76034 5  DC A "C4'" 
47  O "O4'" . DC A 3  ? 1.85799 4.82545 3.19907 -0.28052 -0.04190 -1.71794 5  DC A "O4'" 
48  C "C3'" . DC A 3  ? 1.81871 4.36196 3.27012 -0.34748 0.08353  -1.63378 5  DC A "C3'" 
49  O "O3'" . DC A 3  ? 1.80238 4.28206 3.25044 -0.27959 0.06853  -1.57789 5  DC A "O3'" 
50  C "C2'" . DC A 3  ? 1.83948 4.29302 3.14152 -0.26352 -0.01463 -1.54432 5  DC A "C2'" 
51  C "C1'" . DC A 3  ? 1.86639 4.57278 3.08973 -0.18621 -0.10128 -1.57779 5  DC A "C1'" 
52  N N1    . DC A 3  ? 1.91619 4.62282 2.98915 -0.12266 -0.18539 -1.53738 5  DC A N1    
53  C C2    . DC A 3  ? 1.96781 4.70059 2.87978 0.01589  -0.28796 -1.47141 5  DC A C2    
54  O O2    . DC A 3  ? 1.96034 4.73033 2.86816 0.08316  -0.31061 -1.44929 5  DC A O2    
55  N N3    . DC A 3  ? 2.03684 4.74349 2.79195 0.07397  -0.35496 -1.43377 5  DC A N3    
56  C C4    . DC A 3  ? 2.04125 4.71056 2.80920 -0.00490 -0.32668 -1.46124 5  DC A C4    
57  N N4    . DC A 3  ? 2.11992 4.75498 2.72231 0.05355  -0.39063 -1.42358 5  DC A N4    
58  C C5    . DC A 3  ? 1.97836 4.63209 2.91843 -0.14506 -0.22674 -1.52816 5  DC A C5    
59  C C6    . DC A 3  ? 1.92424 4.59005 3.00561 -0.19704 -0.15724 -1.56291 5  DC A C6    
60  P P     . DA A 4  ? 1.89140 4.11991 3.41212 -0.31018 0.15578  -1.52966 6  DA A P     
61  O OP1   . DA A 4  ? 1.88469 4.21840 3.53680 -0.42094 0.26914  -1.64637 6  DA A OP1   
62  O OP2   . DA A 4  ? 1.94032 3.93141 3.42589 -0.31459 0.16690  -1.45442 6  DA A OP2   
63  O "O5'" . DA A 4  ? 1.89998 4.05981 3.35152 -0.18782 0.08245  -1.43213 6  DA A "O5'" 
64  C "C5'" . DA A 4  ? 1.85999 4.24426 3.29253 -0.13339 0.02701  -1.46936 6  DA A "C5'" 
65  C "C4'" . DA A 4  ? 1.89119 4.21276 3.17032 0.01129  -0.09257 -1.35689 6  DA A "C4'" 
66  O "O4'" . DA A 4  ? 1.91083 4.28050 3.07513 0.04723  -0.16340 -1.34472 6  DA A "O4'" 
67  C "C3'" . DA A 4  ? 1.94082 3.95962 3.16863 0.06479  -0.10233 -1.22732 6  DA A "C3'" 
68  O "O3'" . DA A 4  ? 1.94234 3.95489 3.10939 0.16696  -0.16082 -1.16729 6  DA A "O3'" 
69  C "C2'" . DA A 4  ? 1.98587 3.88418 3.08849 0.09635  -0.16012 -1.16083 6  DA A "C2'" 
70  C "C1'" . DA A 4  ? 1.97876 4.11230 3.00793 0.12901  -0.22421 -1.21775 6  DA A "C1'" 
71  N N9    . DA A 4  ? 2.00384 4.10708 2.95708 0.10940  -0.24731 -1.21451 6  DA A N9    
72  C C8    . DA A 4  ? 1.99439 4.07284 3.02985 0.00200  -0.18086 -1.26468 6  DA A C8    
73  N N7    . DA A 4  ? 2.01898 4.07847 2.95618 0.00778  -0.22146 -1.25097 6  DA A N7    
74  C C5    . DA A 4  ? 2.05984 4.12000 2.82855 0.12850  -0.31751 -1.18659 6  DA A C5    
75  C C6    . DA A 4  ? 2.13022 4.15467 2.71760 0.19348  -0.39084 -1.14305 6  DA A C6    
76  N N6    . DA A 4  ? 2.15241 4.14717 2.71285 0.13736  -0.38148 -1.16139 6  DA A N6    
77  N N1    . DA A 4  ? 2.20194 4.21096 2.62588 0.31998  -0.46950 -1.07968 6  DA A N1    
78  C C2    . DA A 4  ? 2.17791 4.22069 2.63173 0.37629  -0.47861 -1.06227 6  DA A C2    
79  N N3    . DA A 4  ? 2.09204 4.18023 2.71907 0.32059  -0.41741 -1.10072 6  DA A N3    
80  C C4    . DA A 4  ? 2.05004 4.13870 2.82563 0.19533  -0.33561 -1.16267 6  DA A C4    
81  P P     . DG A 5  ? 2.04011 3.78166 3.17572 0.22290  -0.16390 -1.04708 7  DG A P     
82  O OP1   . DG A 5  ? 2.02590 3.81017 3.26183 0.21241  -0.11429 -1.07651 7  DG A OP1   
83  O OP2   . DG A 5  ? 2.06926 3.60050 3.21275 0.17570  -0.12362 -1.00221 7  DG A OP2   
84  O "O5'" . DG A 5  ? 2.06078 3.76214 3.01036 0.35566  -0.28050 -0.95386 7  DG A "O5'" 
85  C "C5'" . DG A 5  ? 2.06882 3.93814 2.91429 0.40195  -0.34847 -0.98451 7  DG A "C5'" 
86  C "C4'" . DG A 5  ? 2.14124 3.83674 2.78753 0.48972  -0.42698 -0.87934 7  DG A "C4'" 
87  O "O4'" . DG A 5  ? 2.17179 3.86864 2.77206 0.44394  -0.42968 -0.90297 7  DG A "O4'" 
88  C "C3'" . DG A 5  ? 2.16912 3.58240 2.78005 0.50501  -0.42055 -0.77198 7  DG A "C3'" 
89  O "O3'" . DG A 5  ? 2.21603 3.53180 2.65093 0.62085  -0.49675 -0.68309 7  DG A "O3'" 
90  C "C2'" . DG A 5  ? 2.20314 3.49080 2.79655 0.43733  -0.39817 -0.75999 7  DG A "C2'" 
91  C "C1'" . DG A 5  ? 2.22867 3.67158 2.73879 0.44578  -0.43860 -0.81295 7  DG A "C1'" 
92  N N9    . DG A 5  ? 2.23173 3.66757 2.78583 0.35266  -0.39980 -0.85551 7  DG A N9    
93  C C8    . DG A 5  ? 2.18673 3.64666 2.91370 0.24345  -0.31431 -0.91863 7  DG A C8    
94  N N7    . DG A 5  ? 2.19933 3.64620 2.92034 0.18181  -0.29817 -0.94448 7  DG A N7    
95  C C5    . DG A 5  ? 2.25981 3.67082 2.79169 0.25110  -0.37712 -0.89681 7  DG A C5    
96  C C6    . DG A 5  ? 2.30443 3.68244 2.73980 0.22741  -0.39668 -0.89825 7  DG A C6    
97  O O6    . DG A 5  ? 2.28485 3.67166 2.79508 0.13825  -0.35062 -0.94384 7  DG A O6    
98  N N1    . DG A 5  ? 2.38994 3.70983 2.61051 0.32204  -0.47460 -0.83909 7  DG A N1    
99  C C2    . DG A 5  ? 2.42573 3.72189 2.53764 0.43036  -0.52694 -0.78408 7  DG A C2    
100 N N2    . DG A 5  ? 2.53388 3.74827 2.41686 0.51683  -0.59084 -0.72940 7  DG A N2    
101 N N3    . DG A 5  ? 2.36987 3.70890 2.58027 0.45405  -0.51342 -0.78245 7  DG A N3    
102 C C4    . DG A 5  ? 2.28835 3.68433 2.70899 0.35856  -0.43774 -0.84091 7  DG A C4    
103 P P     . DC A 6  ? 2.24071 3.29909 2.62381 0.65739  -0.50166 -0.57235 8  DC A P     
104 O OP1   . DC A 6  ? 2.22824 3.32101 2.56746 0.75233  -0.54056 -0.54086 8  DC A OP1   
105 O OP2   . DC A 6  ? 2.20417 3.16982 2.74161 0.56524  -0.42363 -0.57965 8  DC A OP2   
106 O "O5'" . DC A 6  ? 2.32887 3.21348 2.50007 0.69410  -0.55349 -0.49848 8  DC A "O5'" 
107 C "C5'" . DC A 6  ? 2.40980 3.37845 2.43412 0.74103  -0.60449 -0.51749 8  DC A "C5'" 
108 C "C4'" . DC A 6  ? 2.49785 3.30932 2.39470 0.70806  -0.61163 -0.48315 8  DC A "C4'" 
109 O "O4'" . DC A 6  ? 2.45877 3.36865 2.48728 0.60286  -0.56419 -0.56069 8  DC A "O4'" 
110 C "C3'" . DC A 6  ? 2.52340 3.08396 2.37447 0.68699  -0.59814 -0.39877 8  DC A "C3'" 
111 O "O3'" . DC A 6  ? 2.65823 3.05417 2.26757 0.73127  -0.64112 -0.33640 8  DC A "O3'" 
112 C "C2'" . DC A 6  ? 2.47262 3.03975 2.48435 0.56986  -0.53467 -0.44319 8  DC A "C2'" 
113 C "C1'" . DC A 6  ? 2.49302 3.21787 2.49602 0.54398  -0.54129 -0.51858 8  DC A "C1'" 
114 N N1    . DC A 6  ? 2.43063 3.22910 2.60597 0.43306  -0.47733 -0.58907 8  DC A N1    
115 C C2    . DC A 6  ? 2.46822 3.24932 2.58213 0.38318  -0.47735 -0.60929 8  DC A C2    
116 O O2    . DC A 6  ? 2.56217 3.26479 2.47583 0.43136  -0.52841 -0.56977 8  DC A O2    
117 N N3    . DC A 6  ? 2.41166 3.25062 2.67593 0.28529  -0.41727 -0.67095 8  DC A N3    
118 C C4    . DC A 6  ? 2.33793 3.23409 2.79377 0.23954  -0.35416 -0.71023 8  DC A C4    
119 N N4    . DC A 6  ? 2.30048 3.23558 2.88343 0.14787  -0.28990 -0.76943 8  DC A N4    
120 C C5    . DC A 6  ? 2.31088 3.21562 2.82581 0.28681  -0.34949 -0.69058 8  DC A C5    
121 C C6    . DC A 6  ? 2.34982 3.21122 2.72687 0.38189  -0.41442 -0.63012 8  DC A C6    
122 P P     . DC A 7  ? 2.73405 2.87064 2.23651 0.71809  -0.63682 -0.24834 9  DC A P     
123 O OP1   . DC A 7  ? 2.71778 2.78984 2.18836 0.79566  -0.65721 -0.19015 9  DC A OP1   
124 O OP2   . DC A 7  ? 2.67415 2.78492 2.32293 0.61015  -0.58272 -0.26892 9  DC A OP2   
125 O "O5'" . DC A 7  ? 2.89471 2.89283 2.12163 0.74871  -0.67287 -0.21325 9  DC A "O5'" 
126 C "C5'" . DC A 7  ? 2.94560 3.05078 2.12292 0.74270  -0.68416 -0.26791 9  DC A "C5'" 
127 C "C4'" . DC A 7  ? 2.97419 3.01028 2.15278 0.63859  -0.65253 -0.28618 9  DC A "C4'" 
128 O "O4'" . DC A 7  ? 2.83827 3.03907 2.27130 0.55070  -0.60759 -0.36010 9  DC A "O4'" 
129 C "C3'" . DC A 7  ? 3.01934 2.83713 2.12812 0.59039  -0.63291 -0.22452 9  DC A "C3'" 
130 O "O3'" . DC A 7  ? 3.18747 2.84963 2.05684 0.58206  -0.64430 -0.19985 9  DC A "O3'" 
131 C "C2'" . DC A 7  ? 2.89074 2.78484 2.23917 0.48417  -0.57959 -0.26848 9  DC A "C2'" 
132 C "C1'" . DC A 7  ? 2.83809 2.93488 2.30458 0.45966  -0.57086 -0.35243 9  DC A "C1'" 
133 N N1    . DC A 7  ? 2.70006 2.92060 2.42938 0.38539  -0.51565 -0.40814 9  DC A N1    
134 C C2    . DC A 7  ? 2.67856 2.92992 2.48375 0.29423  -0.47804 -0.45450 9  DC A C2    
135 O O2    . DC A 7  ? 2.76738 2.95117 2.42729 0.27215  -0.49389 -0.45018 9  DC A O2    
136 N N3    . DC A 7  ? 2.57267 2.91672 2.59799 0.23441  -0.42078 -0.50280 9  DC A N3    
137 C C4    . DC A 7  ? 2.50033 2.89754 2.66180 0.25861  -0.39841 -0.50659 9  DC A C4    
138 N N4    . DC A 7  ? 2.42687 2.88878 2.78155 0.20009  -0.33228 -0.55379 9  DC A N4    
139 C C5    . DC A 7  ? 2.51215 2.88792 2.60729 0.34554  -0.43827 -0.46196 9  DC A C5    
140 C C6    . DC A 7  ? 2.60767 2.89880 2.48945 0.40837  -0.49744 -0.41342 9  DC A C6    
141 P P     . DT A 8  ? 3.16333 2.58144 1.87805 0.53850  -0.62864 -0.13702 10 DT A P     
142 O OP1   . DT A 8  ? 3.35062 2.59021 1.76996 0.62649  -0.66028 -0.07714 10 DT A OP1   
143 O OP2   . DT A 8  ? 3.03218 2.45914 1.93156 0.49911  -0.60161 -0.12191 10 DT A OP2   
144 O "O5'" . DT A 8  ? 3.21448 2.61119 1.90011 0.43653  -0.60172 -0.17622 10 DT A "O5'" 
145 C "C5'" . DT A 8  ? 3.08176 2.66477 1.98680 0.37143  -0.57805 -0.24854 10 DT A "C5'" 
146 C "C4'" . DT A 8  ? 3.05697 2.59719 2.02383 0.25947  -0.53674 -0.26298 10 DT A "C4'" 
147 O "O4'" . DT A 8  ? 2.88536 2.60213 2.12816 0.20782  -0.50257 -0.31968 10 DT A "O4'" 
148 C "C3'" . DT A 8  ? 3.07794 2.47529 2.00320 0.23765  -0.52269 -0.20807 10 DT A "C3'" 
149 O "O3'" . DT A 8  ? 3.15463 2.45998 1.98767 0.14799  -0.49808 -0.21445 10 DT A "O3'" 
150 C "C2'" . DT A 8  ? 2.89307 2.42267 2.09426 0.22492  -0.49617 -0.22489 10 DT A "C2'" 
151 C "C1'" . DT A 8  ? 2.81491 2.49671 2.16717 0.16784  -0.47128 -0.29824 10 DT A "C1'" 
152 N N1    . DT A 8  ? 2.65848 2.49047 2.27268 0.16481  -0.43937 -0.33381 10 DT A N1    
153 C C2    . DT A 8  ? 2.58355 2.50789 2.35329 0.09255  -0.39498 -0.38753 10 DT A C2    
154 O O2    . DT A 8  ? 2.62125 2.52746 2.33697 0.03009  -0.38521 -0.40924 10 DT A O2    
155 N N3    . DT A 8  ? 2.47425 2.50462 2.45673 0.09580  -0.35734 -0.41620 10 DT A N3    
156 C C4    . DT A 8  ? 2.42799 2.48614 2.48647 0.15697  -0.35978 -0.39942 10 DT A C4    
157 O O4    . DT A 8  ? 2.35140 2.48962 2.58978 0.14927  -0.31512 -0.43046 10 DT A O4    
158 C C5    . DT A 8  ? 2.49021 2.46518 2.39016 0.23051  -0.41302 -0.34355 10 DT A C5    
159 C C7    . DT A 8  ? 2.43976 2.44283 2.40554 0.30030  -0.42112 -0.32253 10 DT A C7    
160 C C6    . DT A 8  ? 2.60512 2.46833 2.29010 0.23362  -0.44920 -0.31243 10 DT A C6    
161 P P     . DG A 9  ? 3.26144 2.35151 1.87516 0.12580  -0.49277 -0.15849 11 DG A P     
162 O OP1   . DG A 9  ? 3.46388 2.39061 1.78746 0.18308  -0.51803 -0.12577 11 DG A OP1   
163 O OP2   . DG A 9  ? 3.16640 2.26466 1.89768 0.14715  -0.48783 -0.12312 11 DG A OP2   
164 O "O5'" . DG A 9  ? 3.27543 2.35914 1.89131 0.00372  -0.45452 -0.19573 11 DG A "O5'" 
165 C "C5'" . DG A 9  ? 3.27554 2.43216 1.90963 -0.04386 -0.44593 -0.25052 11 DG A "C5'" 
166 C "C4'" . DG A 9  ? 3.13321 2.42434 1.97969 -0.13061 -0.40877 -0.29778 11 DG A "C4'" 
167 O "O4'" . DG A 9  ? 2.95374 2.41388 2.06490 -0.09329 -0.40351 -0.31694 11 DG A "O4'" 
168 C "C3'" . DG A 9  ? 3.13288 2.37550 1.97468 -0.19251 -0.38200 -0.28169 11 DG A "C3'" 
169 O "O3'" . DG A 9  ? 3.08865 2.41357 2.00816 -0.28486 -0.34950 -0.33269 11 DG A "O3'" 
170 C "C2'" . DG A 9  ? 2.98311 2.31916 2.03215 -0.13618 -0.38148 -0.26017 11 DG A "C2'" 
171 C "C1'" . DG A 9  ? 2.85997 2.35472 2.10721 -0.11297 -0.37781 -0.30425 11 DG A "C1'" 
172 N N9    . DG A 9  ? 2.74829 2.31809 2.16006 -0.03872 -0.38202 -0.28889 11 DG A N9    
173 C C8    . DG A 9  ? 2.77282 2.28146 2.12438 0.04223  -0.41250 -0.24186 11 DG A C8    
174 N N7    . DG A 9  ? 2.65224 2.25658 2.18805 0.08924  -0.40426 -0.24446 11 DG A N7    
175 C C5    . DG A 9  ? 2.55843 2.28135 2.27814 0.03837  -0.36218 -0.29488 11 DG A C5    
176 C C6    . DG A 9  ? 2.44227 2.27771 2.38457 0.05333  -0.32589 -0.32097 11 DG A C6    
177 O O6    . DG A 9  ? 2.38909 2.24962 2.41913 0.11071  -0.32455 -0.30689 11 DG A O6    
178 N N1    . DG A 9  ? 2.40179 2.31575 2.45810 -0.00797 -0.28235 -0.36955 11 DG A N1    
179 C C2    . DG A 9  ? 2.45032 2.35209 2.42614 -0.07672 -0.27935 -0.39169 11 DG A C2    
180 N N2    . DG A 9  ? 2.40550 2.39453 2.51109 -0.12451 -0.23464 -0.43843 11 DG A N2    
181 N N3    . DG A 9  ? 2.55134 2.35296 2.32358 -0.09805 -0.31251 -0.37079 11 DG A N3    
182 C C4    . DG A 9  ? 2.60954 2.31862 2.25872 -0.03722 -0.35080 -0.32180 11 DG A C4    
183 P P     . DT A 10 ? 3.03858 2.31664 1.88214 -0.37810 -0.31907 -0.33719 12 DT A P     
184 O OP1   . DT A 10 ? 3.24559 2.34971 1.80647 -0.43045 -0.31696 -0.33651 12 DT A OP1   
185 O OP2   . DT A 10 ? 2.98484 2.26649 1.89342 -0.34455 -0.31833 -0.29730 12 DT A OP2   
186 O "O5'" . DT A 10 ? 2.90947 2.36424 1.95072 -0.44258 -0.28702 -0.39858 12 DT A "O5'" 
187 C "C5'" . DT A 10 ? 2.75899 2.36512 2.03703 -0.39808 -0.28208 -0.42135 12 DT A "C5'" 
188 C "C4'" . DT A 10 ? 2.63634 2.35071 2.11081 -0.37700 -0.25845 -0.41430 12 DT A "C4'" 
189 O "O4'" . DT A 10 ? 2.56561 2.29319 2.14551 -0.28466 -0.27196 -0.38167 12 DT A "O4'" 
190 C "C3'" . DT A 10 ? 2.67750 2.34978 2.07188 -0.40857 -0.25097 -0.38973 12 DT A "C3'" 
191 O "O3'" . DT A 10 ? 2.63486 2.42591 2.10982 -0.47733 -0.21631 -0.43349 12 DT A "O3'" 
192 C "C2'" . DT A 10 ? 2.60678 2.28443 2.09722 -0.32102 -0.26044 -0.34044 12 DT A "C2'" 
193 C "C1'" . DT A 10 ? 2.51178 2.26425 2.17171 -0.25738 -0.25951 -0.35156 12 DT A "C1'" 
194 N N1    . DT A 10 ? 2.48114 2.19216 2.17215 -0.16709 -0.28149 -0.30556 12 DT A N1    
195 C C2    . DT A 10 ? 2.37543 2.17792 2.26746 -0.11323 -0.26017 -0.31114 12 DT A C2    
196 O O2    . DT A 10 ? 2.31852 2.22312 2.35791 -0.13048 -0.22164 -0.34873 12 DT A O2    
197 N N3    . DT A 10 ? 2.35432 2.11551 2.25918 -0.03799 -0.28044 -0.27189 12 DT A N3    
198 C C4    . DT A 10 ? 2.42675 2.07052 2.16754 -0.00454 -0.32197 -0.22609 12 DT A C4    
199 O O4    . DT A 10 ? 2.39741 2.02109 2.16655 0.06558  -0.33806 -0.19445 12 DT A O4    
200 C C5    . DT A 10 ? 2.55472 2.09231 2.07818 -0.05830 -0.33969 -0.21947 12 DT A C5    
201 C C7    . DT A 10 ? 2.67715 2.05835 1.98815 -0.02264 -0.37602 -0.16901 12 DT A C7    
202 C C6    . DT A 10 ? 2.57525 2.14923 2.08359 -0.14000 -0.31738 -0.26048 12 DT A C6    
203 P P     . DC A 11 ? 2.41502 2.35595 2.08975 -0.44509 -0.18849 -0.43402 13 DC A P     
204 O OP1   . DC A 11 ? 2.39906 2.46166 2.12933 -0.51490 -0.15695 -0.49079 13 DC A OP1   
205 O OP2   . DC A 11 ? 2.43788 2.33434 2.05113 -0.42482 -0.19809 -0.39076 13 DC A OP2   
206 O "O5'" . DC A 11 ? 2.31509 2.31176 2.18321 -0.35565 -0.18184 -0.42626 13 DC A "O5'" 
207 C "C5'" . DC A 11 ? 2.25791 2.36965 2.28298 -0.36016 -0.14735 -0.47097 13 DC A "C5'" 
208 C "C4'" . DC A 11 ? 2.19151 2.40230 2.39022 -0.29828 -0.11201 -0.46156 13 DC A "C4'" 
209 O "O4'" . DC A 11 ? 2.16737 2.32369 2.41298 -0.21416 -0.12207 -0.41443 13 DC A "O4'" 
210 C "C3'" . DC A 11 ? 2.18589 2.46847 2.36913 -0.31617 -0.10168 -0.45830 13 DC A "C3'" 
211 O "O3'" . DC A 11 ? 2.13512 2.55150 2.47445 -0.28451 -0.05659 -0.48242 13 DC A "O3'" 
212 C "C2'" . DC A 11 ? 2.18221 2.39824 2.32898 -0.25809 -0.12440 -0.39952 13 DC A "C2'" 
213 C "C1'" . DC A 11 ? 2.15254 2.30750 2.37795 -0.18281 -0.12834 -0.37426 13 DC A "C1'" 
214 N N1    . DC A 11 ? 2.17816 2.20522 2.28750 -0.15621 -0.17108 -0.32586 13 DC A N1    
215 C C2    . DC A 11 ? 2.13463 2.12781 2.32345 -0.07369 -0.17403 -0.29199 13 DC A C2    
216 O O2    . DC A 11 ? 2.08526 2.14224 2.43292 -0.02904 -0.13602 -0.30365 13 DC A O2    
217 N N3    . DC A 11 ? 2.16141 2.04544 2.24078 -0.04549 -0.21381 -0.24870 13 DC A N3    
218 C C4    . DC A 11 ? 2.24801 2.04112 2.13572 -0.09335 -0.24494 -0.23647 13 DC A C4    
219 N N4    . DC A 11 ? 2.29355 1.96985 2.06605 -0.05520 -0.27995 -0.19127 13 DC A N4    
220 C C5    . DC A 11 ? 2.30665 2.11717 2.10230 -0.18333 -0.23632 -0.27170 13 DC A C5    
221 C C6    . DC A 11 ? 2.25956 2.19627 2.17615 -0.21308 -0.20173 -0.31672 13 DC A C6    
222 P P     . DG A 12 ? 2.02376 2.56834 2.39612 -0.27009 -0.03832 -0.48220 14 DG A P     
223 O OP1   . DG A 12 ? 1.99695 2.67439 2.46686 -0.27942 0.00328  -0.53101 14 DG A OP1   
224 O OP2   . DG A 12 ? 2.06678 2.58203 2.28066 -0.33786 -0.06941 -0.47592 14 DG A OP2   
225 O "O5'" . DG A 12 ? 1.98892 2.52594 2.46789 -0.15226 -0.02501 -0.43162 14 DG A "O5'" 
226 C "C5'" . DG A 12 ? 1.97425 2.48535 2.57771 -0.08504 0.00848  -0.42828 14 DG A "C5'" 
227 C "C4'" . DG A 12 ? 1.95382 2.41949 2.61564 0.01450  0.01532  -0.37500 14 DG A "C4'" 
228 O "O4'" . DG A 12 ? 1.95496 2.29840 2.52767 0.00764  -0.03189 -0.33911 14 DG A "O4'" 
229 C "C3'" . DG A 12 ? 1.92416 2.47935 2.60156 0.06749  0.02206  -0.35009 14 DG A "C3'" 
230 O "O3'" . DG A 12 ? 1.89393 2.44017 2.68039 0.17681  0.06285  -0.32041 14 DG A "O3'" 
231 C "C2'" . DG A 12 ? 1.92571 2.40750 2.47861 0.03801  -0.03184 -0.31469 14 DG A "C2'" 
232 C "C1'" . DG A 12 ? 1.93171 2.27064 2.47470 0.05147  -0.04911 -0.29345 14 DG A "C1'" 
233 N N9    . DG A 12 ? 1.96132 2.19276 2.35685 0.00943  -0.10197 -0.26857 14 DG A N9    
234 C C8    . DG A 12 ? 2.01784 2.22599 2.26326 -0.08129 -0.12998 -0.28599 14 DG A C8    
235 N N7    . DG A 12 ? 2.06055 2.14111 2.17453 -0.09130 -0.16856 -0.25301 14 DG A N7    
236 C C5    . DG A 12 ? 2.01251 2.04666 2.20637 -0.00240 -0.17124 -0.21267 14 DG A C5    
237 C C6    . DG A 12 ? 2.02669 1.93866 2.14371 0.03444  -0.20609 -0.16670 14 DG A C6    
238 O O6    . DG A 12 ? 2.10300 1.90850 2.05187 0.00106  -0.24078 -0.14852 14 DG A O6    
239 N N1    . DG A 12 ? 1.95368 1.86575 2.19887 0.12089  -0.19249 -0.14162 14 DG A N1    
240 C C2    . DG A 12 ? 1.89410 1.89080 2.30543 0.16576  -0.14465 -0.15750 14 DG A C2    
241 N N2    . DG A 12 ? 1.83379 1.79820 2.33574 0.24140  -0.12957 -0.13164 14 DG A N2    
242 N N3    . DG A 12 ? 1.89885 1.99745 2.37339 0.14006  -0.10931 -0.19677 14 DG A N3    
243 C C4    . DG A 12 ? 1.95127 2.07275 2.31697 0.05567  -0.12832 -0.22316 14 DG A C4    
244 P P     . DG A 13 ? 1.92301 2.59901 2.77507 0.26386  0.10002  -0.31020 15 DG A P     
245 O OP1   . DG A 13 ? 1.92037 2.65094 2.85894 0.29517  0.16108  -0.34494 15 DG A OP1   
246 O OP2   . DG A 13 ? 1.91585 2.69811 2.68707 0.21600  0.06243  -0.31603 15 DG A OP2   
247 O "O5'" . DG A 13 ? 1.87358 2.46392 2.76747 0.36952  0.11146  -0.25095 15 DG A "O5'" 
248 C "C5'" . DG A 13 ? 1.87160 2.32379 2.80671 0.39296  0.13072  -0.23799 15 DG A "C5'" 
249 C "C4'" . DG A 13 ? 1.80915 2.17093 2.72055 0.43778  0.10200  -0.18305 15 DG A "C4'" 
250 O "O4'" . DG A 13 ? 1.82310 2.13206 2.62836 0.35701  0.03471  -0.17819 15 DG A "O4'" 
251 C "C3'" . DG A 13 ? 1.75474 2.18389 2.66733 0.51570  0.10108  -0.14328 15 DG A "C3'" 
252 O "O3'" . DG A 13 ? 1.68996 2.02609 2.64601 0.60586  0.12326  -0.09729 15 DG A "O3'" 
253 C "C2'" . DG A 13 ? 1.77574 2.22380 2.57591 0.44106  0.03263  -0.13560 15 DG A "C2'" 
254 C "C1'" . DG A 13 ? 1.80404 2.11751 2.55066 0.37943  -0.00060 -0.13634 15 DG A "C1'" 
255 N N9    . DG A 13 ? 1.86917 2.16782 2.48233 0.28333  -0.05495 -0.14608 15 DG A N9    
256 C C8    . DG A 13 ? 1.92015 2.30290 2.47339 0.20020  -0.06235 -0.18850 15 DG A C8    
257 N N7    . DG A 13 ? 1.97859 2.29818 2.39085 0.12174  -0.10526 -0.18784 15 DG A N7    
258 C C5    . DG A 13 ? 1.96826 2.15996 2.34687 0.16306  -0.13147 -0.13922 15 DG A C5    
259 C C6    . DG A 13 ? 2.02613 2.09335 2.25382 0.12373  -0.17626 -0.11392 15 DG A C6    
260 O O6    . DG A 13 ? 2.10906 2.13819 2.18969 0.03860  -0.19735 -0.12993 15 DG A O6    
261 N N1    . DG A 13 ? 1.98605 1.95852 2.23274 0.19556  -0.19097 -0.06600 15 DG A N1    
262 C C2    . DG A 13 ? 1.89471 1.88565 2.28687 0.28454  -0.16215 -0.04831 15 DG A C2    
263 N N2    . DG A 13 ? 1.85624 1.75180 2.24408 0.33878  -0.18035 -0.00584 15 DG A N2    
264 N N3    . DG A 13 ? 1.84928 1.93659 2.37139 0.31960  -0.11383 -0.07127 15 DG A N3    
265 C C4    . DG A 13 ? 1.89301 2.07889 2.40041 0.25919  -0.10280 -0.11494 15 DG A C4    
266 P P     . DA A 14 ? 1.73328 2.12876 2.72092 0.72362  0.14921  -0.05585 16 DA A P     
267 O OP1   . DA A 14 ? 1.71902 2.14939 2.77812 0.79948  0.22608  -0.07210 16 DA A OP1   
268 O OP2   . DA A 14 ? 1.74154 2.25244 2.66169 0.69289  0.09693  -0.04999 16 DA A OP2   
269 O "O5'" . DA A 14 ? 1.68311 1.93656 2.68200 0.78089  0.14907  -0.00485 16 DA A "O5'" 
270 C "C5'" . DA A 14 ? 1.70003 1.83852 2.67179 0.71902  0.11626  -0.00504 16 DA A "C5'" 
271 C "C4'" . DA A 14 ? 1.66201 1.74598 2.57909 0.73405  0.06428  0.04485  16 DA A "C4'" 
272 O "O4'" . DA A 14 ? 1.71421 1.79930 2.52850 0.63843  -0.00344 0.03540  16 DA A "O4'" 
273 C "C3'" . DA A 14 ? 1.61477 1.76578 2.53002 0.81260  0.06425  0.08491  16 DA A "C3'" 
274 O "O3'" . DA A 14 ? 1.57618 1.62974 2.49088 0.86844  0.05433  0.13517  16 DA A "O3'" 
275 C "C2'" . DA A 14 ? 1.66333 1.90849 2.48764 0.73354  0.00707  0.07190  16 DA A "C2'" 
276 C "C1'" . DA A 14 ? 1.71159 1.85472 2.46121 0.63998  -0.03822 0.06060  16 DA A "C1'" 
277 N N9    . DA A 14 ? 1.79334 1.99428 2.45203 0.53694  -0.07176 0.02449  16 DA A N9    
278 C C8    . DA A 14 ? 1.83535 2.14297 2.51081 0.49262  -0.05136 -0.02503 16 DA A C8    
279 N N7    . DA A 14 ? 1.90867 2.23953 2.47874 0.39238  -0.08557 -0.05215 16 DA A N7    
280 C C5    . DA A 14 ? 1.92862 2.14959 2.39750 0.37350  -0.12921 -0.01565 16 DA A C5    
281 C C6    . DA A 14 ? 2.01653 2.17777 2.32848 0.28373  -0.17013 -0.01881 16 DA A C6    
282 N N6    . DA A 14 ? 2.09294 2.30280 2.32365 0.18543  -0.17336 -0.06523 16 DA A N6    
283 N N1    . DA A 14 ? 2.02680 2.06511 2.25733 0.29901  -0.20243 0.02711  16 DA A N1    
284 C C2    . DA A 14 ? 1.93449 1.92760 2.24679 0.39370  -0.19775 0.07086  16 DA A C2    
285 N N3    . DA A 14 ? 1.84095 1.87985 2.30047 0.47749  -0.15904 0.07623  16 DA A N3    
286 C C4    . DA A 14 ? 1.85161 1.99917 2.37887 0.46363  -0.12422 0.03210  16 DA A C4    
287 P P     . DC A 15 ? 1.62538 1.72832 2.51941 0.93756  0.04033  0.17831  17 DC A P     
288 O OP1   . DC A 15 ? 1.59429 1.57396 2.44685 0.91741  0.02662  0.17142  17 DC A OP1   
289 O OP2   . DC A 15 ? 1.63515 1.88970 2.56009 0.98515  0.07288  0.16335  17 DC A OP2   
290 O "O5'" . DC A 15 ? 1.65919 1.77516 2.45199 0.86629  -0.03249 0.19264  17 DC A "O5'" 
291 C "C5'" . DC A 15 ? 1.64021 1.62439 2.37737 0.83177  -0.07326 0.21514  17 DC A "C5'" 
292 C "C4'" . DC A 15 ? 1.68630 1.67510 2.30477 0.77810  -0.13113 0.23239  17 DC A "C4'" 
293 O "O4'" . DC A 15 ? 1.78631 1.82173 2.32417 0.67177  -0.15256 0.18749  17 DC A "O4'" 
294 C "C3'" . DC A 15 ? 1.67219 1.76391 2.28974 0.82776  -0.13050 0.25598  17 DC A "C3'" 
295 O "O3'" . DC A 15 ? 1.69696 1.71238 2.23079 0.82065  -0.17233 0.29666  17 DC A "O3'" 
296 C "C2'" . DC A 15 ? 1.74730 1.98402 2.32188 0.75165  -0.13493 0.20679  17 DC A "C2'" 
297 C "C1'" . DC A 15 ? 1.83868 1.97686 2.31506 0.64242  -0.16731 0.18326  17 DC A "C1'" 
298 N N1    . DC A 15 ? 1.91709 2.15432 2.35505 0.55177  -0.16416 0.12542  17 DC A N1    
299 C C2    . DC A 15 ? 2.03491 2.24297 2.32546 0.44295  -0.19710 0.10735  17 DC A C2    
300 O O2    . DC A 15 ? 2.07667 2.17007 2.26869 0.43030  -0.22747 0.14252  17 DC A O2    
301 N N3    . DC A 15 ? 2.10302 2.39877 2.35363 0.35443  -0.19000 0.05131  17 DC A N3    
302 C C4    . DC A 15 ? 2.05216 2.47026 2.41097 0.37713  -0.15617 0.01588  17 DC A C4    
303 N N4    . DC A 15 ? 2.11014 2.61737 2.42669 0.28634  -0.15056 -0.04072 17 DC A N4    
304 C C5    . DC A 15 ? 1.94193 2.38527 2.44617 0.49365  -0.12102 0.03616  17 DC A C5    
305 C C6    . DC A 15 ? 1.88025 2.22647 2.41569 0.57517  -0.12419 0.09003  17 DC A C6    
306 P P     . DA A 16 ? 1.61980 1.71033 2.15709 0.88682  -0.17442 0.33295  18 DA A P     
307 O OP1   . DA A 16 ? 1.58711 1.57379 2.16779 0.85708  -0.16745 0.31666  18 DA A OP1   
308 O OP2   . DA A 16 ? 1.65531 1.94256 2.22347 0.89252  -0.15263 0.29871  18 DA A OP2   
309 O "O5'" . DA A 16 ? 1.68938 1.71744 2.07753 0.80363  -0.22583 0.34520  18 DA A "O5'" 
310 C "C5'" . DA A 16 ? 1.74543 1.60293 2.04714 0.75808  -0.25710 0.35967  18 DA A "C5'" 
311 C "C4'" . DA A 16 ? 1.90616 1.72762 2.03801 0.64627  -0.28860 0.34236  18 DA A "C4'" 
312 O "O4'" . DA A 16 ? 1.98930 1.89565 2.10072 0.56352  -0.27643 0.28332  18 DA A "O4'" 
313 C "C3'" . DA A 16 ? 1.96845 1.85055 2.03063 0.62859  -0.29756 0.35341  18 DA A "C3'" 
314 O "O3'" . DA A 16 ? 2.11842 1.85398 2.00386 0.55549  -0.32648 0.36658  18 DA A "O3'" 
315 C "C2'" . DA A 16 ? 2.00953 2.08382 2.08802 0.57185  -0.27605 0.29434  18 DA A "C2'" 
316 C "C1'" . DA A 16 ? 2.08113 2.10051 2.12058 0.49720  -0.27524 0.25537  18 DA A "C1'" 
317 N N9    . DA A 16 ? 2.06803 2.25869 2.17913 0.47154  -0.24789 0.19939  18 DA A N9    
318 C C8    . DA A 16 ? 1.94534 2.24557 2.21274 0.55650  -0.21675 0.19251  18 DA A C8    
319 N N7    . DA A 16 ? 1.95811 2.40310 2.25207 0.51382  -0.19664 0.13783  18 DA A N7    
320 C C5    . DA A 16 ? 2.09201 2.52325 2.23984 0.38473  -0.21515 0.10353  18 DA A C5    
321 C C6    . DA A 16 ? 2.15303 2.69792 2.24844 0.28028  -0.20496 0.03797  18 DA A C6    
322 N N6    . DA A 16 ? 2.08126 2.79491 2.27909 0.29818  -0.17788 -0.00395 18 DA A N6    
323 N N1    . DA A 16 ? 2.29147 2.76153 2.21506 0.15662  -0.21884 0.01607  18 DA A N1    
324 C C2    . DA A 16 ? 2.37772 2.66759 2.18642 0.14691  -0.24192 0.06045  18 DA A C2    
325 N N3    . DA A 16 ? 2.32411 2.50451 2.17298 0.24337  -0.25820 0.12457  18 DA A N3    
326 C C4    . DA A 16 ? 2.17321 2.43739 2.19912 0.35751  -0.24385 0.14165  18 DA A C4    
327 P P     . DT A 17 ? 2.09515 1.81809 1.88159 0.54021  -0.33842 0.39229  19 DT A P     
328 O OP1   . DT A 17 ? 2.06707 1.59808 1.79124 0.58518  -0.36423 0.45052  19 DT A OP1   
329 O OP2   . DT A 17 ? 2.01574 1.94009 1.92294 0.59613  -0.31902 0.38579  19 DT A OP2   
330 O "O5'" . DT A 17 ? 2.31240 2.01362 1.91193 0.39514  -0.33650 0.34528  19 DT A "O5'" 
331 C "C5'" . DT A 17 ? 2.36125 2.10655 1.94538 0.32072  -0.32329 0.29044  19 DT A "C5'" 
332 C "C4'" . DT A 17 ? 2.52791 2.32805 1.96785 0.18753  -0.30748 0.23653  19 DT A "C4'" 
333 O "O4'" . DT A 17 ? 2.48135 2.47692 2.00870 0.14972  -0.28516 0.17388  19 DT A "O4'" 
334 C "C3'" . DT A 17 ? 2.57394 2.47077 1.98608 0.17391  -0.30138 0.23694  19 DT A "C3'" 
335 O "O3'" . DT A 17 ? 2.75302 2.61183 1.97077 0.03003  -0.28465 0.19179  19 DT A "O3'" 
336 C "C2'" . DT A 17 ? 2.43233 2.60594 2.03043 0.22568  -0.28469 0.20397  19 DT A "C2'" 
337 C "C1'" . DT A 17 ? 2.45209 2.66874 2.03410 0.14413  -0.26968 0.14460  19 DT A "C1'" 
338 N N1    . DT A 17 ? 2.28602 2.71870 2.05044 0.20680  -0.25295 0.11538  19 DT A N1    
339 C C2    . DT A 17 ? 2.29011 2.86749 2.04248 0.11834  -0.23305 0.04383  19 DT A C2    
340 O O2    . DT A 17 ? 2.41173 2.94560 2.00924 -0.01620 -0.22604 0.00076  19 DT A O2    
341 N N3    . DT A 17 ? 2.14851 2.91381 2.06627 0.19327  -0.21657 0.02354  19 DT A N3    
342 C C4    . DT A 17 ? 2.01569 2.81961 2.09384 0.34405  -0.21191 0.06740  19 DT A C4    
343 O O4    . DT A 17 ? 1.91997 2.87800 2.12099 0.40714  -0.18942 0.04611  19 DT A O4    
344 C C5    . DT A 17 ? 1.99891 2.63952 2.07886 0.42299  -0.23017 0.13931  19 DT A C5    
345 C C7    . DT A 17 ? 1.84445 2.49450 2.07765 0.57969  -0.21814 0.18809  19 DT A C7    
346 C C6    . DT A 17 ? 2.13224 2.60566 2.06281 0.35212  -0.25250 0.15941  19 DT A C6    
347 P P     . DC A 18 ? 2.91413 2.62671 1.94657 -0.02108 -0.28410 0.21638  20 DC A P     
348 O OP1   . DC A 18 ? 3.02482 2.43947 1.90120 -0.01843 -0.29918 0.26294  20 DC A OP1   
349 O OP2   . DC A 18 ? 2.82792 2.67194 1.98445 0.06947  -0.29322 0.24747  20 DC A OP2   
350 O "O5'" . DC A 18 ? 3.03416 2.83007 1.91724 -0.18971 -0.24627 0.13444  20 DC A "O5'" 
351 C "C5'" . DC A 18 ? 3.08277 2.84677 1.87894 -0.29116 -0.22649 0.08070  20 DC A "C5'" 
352 C "C4'" . DC A 18 ? 3.03974 3.07084 1.86604 -0.39304 -0.19445 -0.00891 20 DC A "C4'" 
353 O "O4'" . DC A 18 ? 2.83730 3.11589 1.90486 -0.30071 -0.20473 -0.02252 20 DC A "O4'" 
354 C "C3'" . DC A 18 ? 3.06213 3.24334 1.85663 -0.44416 -0.17649 -0.03821 20 DC A "C3'" 
355 O "O3'" . DC A 18 ? 3.11176 3.42632 1.80735 -0.60404 -0.13508 -0.13309 20 DC A "O3'" 
356 C "C2'" . DC A 18 ? 2.85298 3.30430 1.90661 -0.30212 -0.19761 -0.02251 20 DC A "C2'" 
357 C "C1'" . DC A 18 ? 2.74497 3.30274 1.90996 -0.28991 -0.19493 -0.05670 20 DC A "C1'" 
358 N N1    . DC A 18 ? 2.55096 3.29161 1.95861 -0.13144 -0.21100 -0.03036 20 DC A N1    
359 C C2    . DC A 18 ? 2.43047 3.40785 1.95779 -0.12710 -0.19641 -0.08649 20 DC A C2    
360 O O2    . DC A 18 ? 2.47891 3.52156 1.91772 -0.26032 -0.17400 -0.15940 20 DC A O2    
361 N N3    . DC A 18 ? 2.27158 3.38915 1.99761 0.02370  -0.20251 -0.05969 20 DC A N3    
362 C C4    . DC A 18 ? 2.22263 3.25038 2.02733 0.15737  -0.22036 0.01652  20 DC A C4    
363 N N4    . DC A 18 ? 2.07163 3.21779 2.05203 0.30186  -0.21585 0.04018  20 DC A N4    
364 C C5    . DC A 18 ? 2.33043 3.13449 2.02684 0.14975  -0.23886 0.07123  20 DC A C5    
365 C C6    . DC A 18 ? 2.49688 3.16525 1.99706 0.00808  -0.23445 0.04688  20 DC A C6    
366 P P     . DA A 19 ? 3.31931 3.38775 1.70658 -0.78587 -0.09112 -0.17127 21 DA A P     
367 O OP1   . DA A 19 ? 3.42639 3.18000 1.70141 -0.76221 -0.10295 -0.12018 21 DA A OP1   
368 O OP2   . DA A 19 ? 3.42248 3.46033 1.69080 -0.83947 -0.07195 -0.17202 21 DA A OP2   
369 O "O5'" . DA A 19 ? 3.28892 3.58588 1.66734 -0.92763 -0.05095 -0.28286 21 DA A "O5'" 
370 C "C5'" . DA A 19 ? 3.12896 3.60230 1.68742 -0.87369 -0.06629 -0.30426 21 DA A "C5'" 
371 C "C4'" . DA A 19 ? 3.00579 3.85835 1.66484 -0.94044 -0.04239 -0.40122 21 DA A "C4'" 
372 O "O4'" . DA A 19 ? 2.79547 3.91276 1.72431 -0.77577 -0.07614 -0.37765 21 DA A "O4'" 
373 C "C3'" . DA A 19 ? 3.05660 4.04426 1.61420 -1.05663 -0.00774 -0.46214 21 DA A "C3'" 
374 O "O3'" . DA A 19 ? 3.00560 4.26092 1.56244 -1.18528 0.02952  -0.57414 21 DA A "O3'" 
375 C "C2'" . DA A 19 ? 2.89878 4.09002 1.65783 -0.89660 -0.04433 -0.41573 21 DA A "C2'" 
376 C "C1'" . DA A 19 ? 2.70736 4.07660 1.69894 -0.76028 -0.07252 -0.40246 21 DA A "C1'" 
377 N N9    . DA A 19 ? 2.57083 3.98363 1.74918 -0.56093 -0.11245 -0.31997 21 DA A N9    
378 C C8    . DA A 19 ? 2.62002 3.83487 1.77698 -0.47871 -0.13573 -0.23581 21 DA A C8    
379 N N7    . DA A 19 ? 2.47457 3.77407 1.82006 -0.30155 -0.16414 -0.17620 21 DA A N7    
380 C C5    . DA A 19 ? 2.32855 3.89087 1.82245 -0.25910 -0.15758 -0.22183 21 DA A C5    
381 C C6    . DA A 19 ? 2.15635 3.89607 1.85810 -0.08903 -0.16939 -0.19432 21 DA A C6    
382 N N6    . DA A 19 ? 2.09254 3.76553 1.89274 0.06815  -0.18988 -0.11295 21 DA A N6    
383 N N1    . DA A 19 ? 2.06021 4.03892 1.85378 -0.08584 -0.15414 -0.25437 21 DA A N1    
384 C C2    . DA A 19 ? 2.11908 4.16590 1.81241 -0.24877 -0.13142 -0.33906 21 DA A C2    
385 N N3    . DA A 19 ? 2.27604 4.16754 1.77194 -0.42381 -0.11549 -0.37483 21 DA A N3    
386 C C4    . DA A 19 ? 2.38097 4.02488 1.78068 -0.41638 -0.12879 -0.31067 21 DA A C4    
387 P P     . DG A 20 ? 3.11332 4.48281 1.53364 -1.36800 0.08932  -0.66477 22 DG A P     
388 O OP1   . DG A 20 ? 3.31634 4.40617 1.57615 -1.50968 0.14708  -0.67740 22 DG A OP1   
389 O OP2   . DG A 20 ? 3.13072 4.48665 1.51791 -1.33130 0.07863  -0.62947 22 DG A OP2   
390 O "O5'" . DG A 20 ? 2.97624 4.81244 1.61724 -1.35874 0.09795  -0.74542 22 DG A "O5'" 
391 C "C5'" . DG A 20 ? 2.91415 4.86251 1.64473 -1.34991 0.09462  -0.77915 22 DG A "C5'" 
392 C "C4'" . DG A 20 ? 2.72052 5.11394 1.68026 -1.23754 0.06794  -0.81849 22 DG A "C4'" 
393 O "O4'" . DG A 20 ? 2.56371 4.94539 1.66944 -1.02625 0.01187  -0.72354 22 DG A "O4'" 
394 C "C3'" . DG A 20 ? 2.71384 5.43078 1.76664 -1.27836 0.10388  -0.87617 22 DG A "C3'" 
395 O "O3'" . DG A 20 ? 2.62506 5.69593 1.84326 -1.25711 0.11621  -0.93986 22 DG A "O3'" 
396 C "C2'" . DG A 20 ? 2.59955 5.41862 1.70996 -1.13162 0.05411  -0.82806 22 DG A "C2'" 
397 C "C1'" . DG A 20 ? 2.46396 5.18128 1.69646 -0.94650 0.00262  -0.74304 22 DG A "C1'" 
398 N N9    . DG A 20 ? 2.38870 4.95690 1.68597 -0.78564 -0.03446 -0.63395 22 DG A N9    
399 C C8    . DG A 20 ? 2.47818 4.75079 1.63612 -0.81758 -0.03709 -0.57740 22 DG A C8    
400 N N7    . DG A 20 ? 2.39152 4.59914 1.65501 -0.64800 -0.07330 -0.48452 22 DG A N7    
401 C C5    . DG A 20 ? 2.22069 4.68390 1.69807 -0.49358 -0.09155 -0.47828 22 DG A C5    
402 C C6    . DG A 20 ? 2.10563 4.60875 1.75436 -0.28043 -0.12254 -0.39658 22 DG A C6    
403 O O6    . DG A 20 ? 2.13357 4.46247 1.78926 -0.18879 -0.14395 -0.31389 22 DG A O6    
404 N N1    . DG A 20 ? 1.97735 4.74659 1.79216 -0.17056 -0.12257 -0.41888 22 DG A N1    
405 C C2    . DG A 20 ? 1.99193 4.97684 1.81563 -0.25593 -0.10056 -0.50959 22 DG A C2    
406 N N2    . DG A 20 ? 1.88999 5.11103 1.87641 -0.11789 -0.10201 -0.51558 22 DG A N2    
407 N N3    . DG A 20 ? 2.11052 5.07285 1.78411 -0.46145 -0.07416 -0.58961 22 DG A N3    
408 C C4    . DG A 20 ? 2.22532 4.91424 1.72652 -0.57103 -0.06910 -0.56815 22 DG A C4    
409 P P     . DA A 21 ? 2.64285 6.08192 1.96292 -1.33573 0.16970  -1.02104 23 DA A P     
410 O OP1   . DA A 21 ? 2.76238 6.17368 2.04129 -1.49880 0.23249  -1.07751 23 DA A OP1   
411 O OP2   . DA A 21 ? 2.68988 6.11693 1.96277 -1.36168 0.17710  -1.00871 23 DA A OP2   
412 O "O5'" . DA A 21 ? 2.44903 6.31109 1.98470 -1.15401 0.13321  -1.04015 23 DA A "O5'" 
413 C "C5'" . DA A 21 ? 2.33511 6.17483 1.92826 -1.01316 0.08313  -1.00542 23 DA A "C5'" 
414 C "C4'" . DA A 21 ? 2.17003 6.34505 1.93133 -0.80019 0.04062  -0.99207 23 DA A "C4'" 
415 O "O4'" . DA A 21 ? 2.11597 6.09939 1.86479 -0.66863 -0.00837 -0.89596 23 DA A "O4'" 
416 C "C3'" . DA A 21 ? 2.15579 6.71710 2.02280 -0.79572 0.07528  -1.04861 23 DA A "C3'" 
417 O "O3'" . DA A 21 ? 2.03871 6.95571 2.06555 -0.62931 0.06519  -1.06960 23 DA A "O3'" 
418 C "C2'" . DA A 21 ? 2.14518 6.63590 1.97474 -0.73815 0.04862  -0.99522 23 DA A "C2'" 
419 C "C1'" . DA A 21 ? 2.06682 6.31152 1.87484 -0.58946 -0.01740 -0.90167 23 DA A "C1'" 
420 N N9    . DA A 21 ? 2.10302 6.04527 1.82925 -0.58011 -0.03171 -0.81970 23 DA A N9    
421 C C8    . DA A 21 ? 2.24370 5.92974 1.77358 -0.75981 -0.01133 -0.83244 23 DA A C8    
422 N N7    . DA A 21 ? 2.24584 5.69348 1.74255 -0.69483 -0.03145 -0.74399 23 DA A N7    
423 C C5    . DA A 21 ? 2.09539 5.64964 1.78117 -0.46229 -0.06631 -0.67006 23 DA A C5    
424 C C6    . DA A 21 ? 2.02709 5.43770 1.77706 -0.29749 -0.09693 -0.56350 23 DA A C6    
425 N N6    . DA A 21 ? 2.09372 5.22460 1.72767 -0.34198 -0.10273 -0.51080 23 DA A N6    
426 N N1    . DA A 21 ? 1.89947 5.45661 1.82801 -0.08322 -0.11685 -0.51349 23 DA A N1    
427 C C2    . DA A 21 ? 1.84575 5.67388 1.87864 -0.03136 -0.10788 -0.56439 23 DA A C2    
428 N N3    . DA A 21 ? 1.88975 5.88880 1.88644 -0.16791 -0.08439 -0.66397 23 DA A N3    
429 C C4    . DA A 21 ? 2.01394 5.86280 1.83557 -0.38661 -0.06438 -0.71407 23 DA A C4    
430 P P     . DC B 1  ? 1.33638 4.18367 1.84066 -0.13439 -0.05026 -1.24330 0  DC B P     
431 O OP1   . DC B 1  ? 1.34636 4.21684 1.85593 -0.11437 -0.01821 -1.30755 0  DC B OP1   
432 O OP2   . DC B 1  ? 1.35513 4.03513 1.88861 -0.14394 -0.12246 -1.20230 0  DC B OP2   
433 O "O5'" . DC B 1  ? 1.31266 4.41165 1.82935 -0.13216 -0.03411 -1.17843 0  DC B "O5'" 
434 C "C5'" . DC B 1  ? 1.29929 4.46567 1.77711 -0.14904 -0.00583 -1.14430 0  DC B "C5'" 
435 C "C4'" . DC B 1  ? 1.28235 4.41340 1.81733 -0.16470 -0.05034 -1.02865 0  DC B "C4'" 
436 O "O4'" . DC B 1  ? 1.26951 4.33480 1.76837 -0.18883 -0.03791 -1.02464 0  DC B "O4'" 
437 C "C3'" . DC B 1  ? 1.27853 4.25834 1.89001 -0.16744 -0.11360 -0.99600 0  DC B "C3'" 
438 O "O3'" . DC B 1  ? 1.25852 4.29217 1.96125 -0.16639 -0.14157 -0.86970 0  DC B "O3'" 
439 C "C2'" . DC B 1  ? 1.28488 4.07081 1.85092 -0.19257 -0.12597 -1.03083 0  DC B "C2'" 
440 C "C1'" . DC B 1  ? 1.26116 4.15928 1.80785 -0.20471 -0.08970 -0.98543 0  DC B "C1'" 
441 N N1    . DC B 1  ? 1.26365 4.02638 1.75595 -0.22811 -0.07849 -1.02038 0  DC B N1    
442 C C2    . DC B 1  ? 1.24017 4.00128 1.75753 -0.24892 -0.09012 -0.94309 0  DC B C2    
443 O O2    . DC B 1  ? 1.21922 4.08016 1.80719 -0.24430 -0.10495 -0.83984 0  DC B O2    
444 N N3    . DC B 1  ? 1.24639 3.88145 1.71405 -0.27050 -0.07997 -0.97482 0  DC B N3    
445 C C4    . DC B 1  ? 1.28163 3.76695 1.68227 -0.26762 -0.05754 -1.06047 0  DC B C4    
446 N N4    . DC B 1  ? 1.29723 3.63313 1.65266 -0.28536 -0.04605 -1.07075 0  DC B N4    
447 C C5    . DC B 1  ? 1.30616 3.76871 1.69579 -0.24324 -0.04535 -1.11813 0  DC B C5    
448 C C6    . DC B 1  ? 1.29308 3.91034 1.72589 -0.22584 -0.05583 -1.10758 0  DC B C6    
449 P P     . DC B 2  ? 1.21226 4.26926 2.01644 -0.14642 -0.17943 -0.80980 1  DC B P     
450 O OP1   . DC B 2  ? 1.23074 4.43983 2.01327 -0.12079 -0.14095 -0.84176 1  DC B OP1   
451 O OP2   . DC B 2  ? 1.22091 4.09151 2.04862 -0.15651 -0.23724 -0.84340 1  DC B OP2   
452 O "O5'" . DC B 2  ? 1.19117 4.29453 2.08153 -0.14933 -0.19384 -0.66391 1  DC B "O5'" 
453 C "C5'" . DC B 2  ? 1.18040 4.31477 2.03790 -0.16382 -0.16811 -0.62271 1  DC B "C5'" 
454 C "C4'" . DC B 2  ? 1.15776 4.17535 2.07538 -0.18441 -0.21024 -0.54883 1  DC B "C4'" 
455 O "O4'" . DC B 2  ? 1.15364 4.06813 2.00050 -0.20956 -0.20614 -0.61231 1  DC B "O4'" 
456 C "C3'" . DC B 2  ? 1.15615 4.05627 2.15317 -0.18670 -0.27469 -0.52528 1  DC B "C3'" 
457 O "O3'" . DC B 2  ? 1.13883 4.01584 2.22121 -0.19397 -0.30483 -0.40846 1  DC B "O3'" 
458 C "C2'" . DC B 2  ? 1.16888 3.89484 2.09619 -0.21029 -0.29968 -0.62443 1  DC B "C2'" 
459 C "C1'" . DC B 2  ? 1.15588 3.89249 2.02708 -0.22789 -0.26392 -0.62431 1  DC B "C1'" 
460 N N1    . DC B 2  ? 1.17838 3.77658 1.94535 -0.24726 -0.25738 -0.73975 1  DC B N1    
461 C C2    . DC B 2  ? 1.17270 3.68373 1.90711 -0.27414 -0.25632 -0.73358 1  DC B C2    
462 O O2    . DC B 2  ? 1.14297 3.70499 1.94028 -0.28132 -0.26100 -0.63293 1  DC B O2    
463 N N3    . DC B 2  ? 1.20921 3.56364 1.83823 -0.28938 -0.24611 -0.83525 1  DC B N3    
464 C C4    . DC B 2  ? 1.25259 3.52655 1.80984 -0.27534 -0.23426 -0.93176 1  DC B C4    
465 N N4    . DC B 2  ? 1.30470 3.37978 1.75297 -0.28176 -0.21305 -1.00681 1  DC B N4    
466 C C5    . DC B 2  ? 1.25127 3.62664 1.84730 -0.24925 -0.23705 -0.94226 1  DC B C5    
467 C C6    . DC B 2  ? 1.21244 3.75288 1.91366 -0.23725 -0.24987 -0.84741 1  DC B C6    
468 P P     . DG B 3  ? 1.22788 4.04486 2.42106 -0.18929 -0.36748 -0.33700 2  DG B P     
469 O OP1   . DG B 3  ? 1.23513 4.19082 2.48142 -0.15936 -0.34402 -0.29201 2  DG B OP1   
470 O OP2   . DG B 3  ? 1.24444 3.90232 2.41395 -0.20471 -0.41976 -0.41356 2  DG B OP2   
471 O "O5'" . DG B 3  ? 1.21012 3.97436 2.46091 -0.20634 -0.39313 -0.23187 2  DG B "O5'" 
472 C "C5'" . DG B 3  ? 1.19739 3.98065 2.39897 -0.21919 -0.35682 -0.22266 2  DG B "C5'" 
473 C "C4'" . DG B 3  ? 1.19240 3.81744 2.36840 -0.25283 -0.39535 -0.24390 2  DG B "C4'" 
474 O "O4'" . DG B 3  ? 1.20563 3.77177 2.27643 -0.26550 -0.37825 -0.36807 2  DG B "O4'" 
475 C "C3'" . DG B 3  ? 1.20409 3.68152 2.43463 -0.26876 -0.47549 -0.21979 2  DG B "C3'" 
476 O "O3'" . DG B 3  ? 1.19570 3.58788 2.44731 -0.29441 -0.50362 -0.15580 2  DG B "O3'" 
477 C "C2'" . DG B 3  ? 1.23437 3.58167 2.37606 -0.28396 -0.49631 -0.34891 2  DG B "C2'" 
478 C "C1'" . DG B 3  ? 1.22783 3.59847 2.27861 -0.29307 -0.43955 -0.40997 2  DG B "C1'" 
479 N N9    . DG B 3  ? 1.26392 3.53220 2.20304 -0.29960 -0.42896 -0.54779 2  DG B N9    
480 C C8    . DG B 3  ? 1.28858 3.56336 2.19379 -0.27970 -0.42132 -0.62664 2  DG B C8    
481 N N7    . DG B 3  ? 1.33247 3.46921 2.12039 -0.28843 -0.40750 -0.74212 2  DG B N7    
482 C C5    . DG B 3  ? 1.33917 3.36687 2.08010 -0.31709 -0.40710 -0.74020 2  DG B C5    
483 C C6    . DG B 3  ? 1.39537 3.22318 2.00337 -0.33322 -0.38763 -0.82925 2  DG B C6    
484 O O6    . DG B 3  ? 1.45388 3.14792 1.95593 -0.32038 -0.36215 -0.91889 2  DG B O6    
485 N N1    . DG B 3  ? 1.38621 3.15692 1.98996 -0.36216 -0.39145 -0.79143 2  DG B N1    
486 C C2    . DG B 3  ? 1.33728 3.21172 2.04538 -0.36820 -0.40448 -0.66994 2  DG B C2    
487 N N2    . DG B 3  ? 1.35637 3.11319 2.02838 -0.38760 -0.39129 -0.63285 2  DG B N2    
488 N N3    . DG B 3  ? 1.27985 3.34811 2.11570 -0.35315 -0.42435 -0.58485 2  DG B N3    
489 C C4    . DG B 3  ? 1.29132 3.41175 2.13000 -0.32592 -0.42177 -0.62368 2  DG B C4    
490 P P     . DA B 4  ? 1.28166 3.55817 2.61218 -0.30885 -0.58216 -0.07248 3  DA B P     
491 O OP1   . DA B 4  ? 1.26325 3.65325 2.68504 -0.27737 -0.56501 0.02646  3  DA B OP1   
492 O OP2   . DA B 4  ? 1.30492 3.44532 2.60923 -0.32431 -0.64327 -0.14260 3  DA B OP2   
493 O "O5'" . DA B 4  ? 1.33347 3.49749 2.63262 -0.34857 -0.59968 -0.03980 3  DA B "O5'" 
494 C "C5'" . DA B 4  ? 1.30053 3.53406 2.55551 -0.35108 -0.53756 -0.05188 3  DA B "C5'" 
495 C "C4'" . DA B 4  ? 1.39760 3.39650 2.54802 -0.38691 -0.54723 -0.09215 3  DA B "C4'" 
496 O "O4'" . DA B 4  ? 1.40453 3.29062 2.43415 -0.38663 -0.52426 -0.22686 3  DA B "O4'" 
497 C "C3'" . DA B 4  ? 1.53818 3.23110 2.65145 -0.40521 -0.60928 -0.05141 3  DA B "C3'" 
498 O "O3'" . DA B 4  ? 1.63421 3.14167 2.67306 -0.42657 -0.59454 -0.03033 3  DA B "O3'" 
499 C "C2'" . DA B 4  ? 1.57022 3.06420 2.58728 -0.40464 -0.63379 -0.16294 3  DA B "C2'" 
500 C "C1'" . DA B 4  ? 1.49787 3.06190 2.43571 -0.39887 -0.57108 -0.27258 3  DA B "C1'" 
501 N N9    . DA B 4  ? 1.44574 3.01937 2.34410 -0.38448 -0.57132 -0.37947 3  DA B N9    
502 C C8    . DA B 4  ? 1.40133 3.15887 2.38758 -0.36228 -0.58565 -0.37653 3  DA B C8    
503 N N7    . DA B 4  ? 1.42794 3.14988 2.34964 -0.35226 -0.57768 -0.48659 3  DA B N7    
504 C C5    . DA B 4  ? 1.49181 2.99522 2.27404 -0.36966 -0.55802 -0.56838 3  DA B C5    
505 C C6    . DA B 4  ? 1.54529 2.91111 2.20515 -0.37027 -0.54202 -0.69925 3  DA B C6    
506 N N6    . DA B 4  ? 1.54317 2.97506 2.20151 -0.35198 -0.54323 -0.77286 3  DA B N6    
507 N N1    . DA B 4  ? 1.60294 2.75867 2.14214 -0.38972 -0.52295 -0.75074 3  DA B N1    
508 C C2    . DA B 4  ? 1.60833 2.69573 2.14990 -0.40650 -0.51821 -0.67503 3  DA B C2    
509 N N3    . DA B 4  ? 1.56269 2.76294 2.21099 -0.40781 -0.53132 -0.55121 3  DA B N3    
510 C C4    . DA B 4  ? 1.50383 2.91416 2.27061 -0.38912 -0.55236 -0.50359 3  DA B C4    
511 P P     . DC B 5  ? 1.76383 2.98272 2.77400 -0.44930 -0.65001 0.04625  4  DC B P     
512 O OP1   . DC B 5  ? 1.79785 3.05852 2.83767 -0.45886 -0.62232 0.13590  4  DC B OP1   
513 O OP2   . DC B 5  ? 1.76011 2.98590 2.84831 -0.44422 -0.71490 0.09376  4  DC B OP2   
514 O "O5'" . DC B 5  ? 1.83898 2.70232 2.67738 -0.46641 -0.65573 -0.05800 4  DC B "O5'" 
515 C "C5'" . DC B 5  ? 1.79665 2.63609 2.54154 -0.46723 -0.59627 -0.14819 4  DC B "C5'" 
516 C "C4'" . DC B 5  ? 1.83119 2.33544 2.42226 -0.48075 -0.61287 -0.25065 4  DC B "C4'" 
517 O "O4'" . DC B 5  ? 1.75743 2.32768 2.33054 -0.46576 -0.61392 -0.35376 4  DC B "O4'" 
518 C "C3'" . DC B 5  ? 1.92702 2.12946 2.47357 -0.49976 -0.68242 -0.21194 4  DC B "C3'" 
519 O "O3'" . DC B 5  ? 1.98303 1.85463 2.37320 -0.51882 -0.67696 -0.27783 4  DC B "O3'" 
520 C "C2'" . DC B 5  ? 1.86674 2.11379 2.45060 -0.48769 -0.72801 -0.25246 4  DC B "C2'" 
521 C "C1'" . DC B 5  ? 1.83999 2.17795 2.36823 -0.47357 -0.67721 -0.37670 4  DC B "C1'" 
522 N N1    . DC B 5  ? 1.79302 2.30603 2.38161 -0.45194 -0.68997 -0.42364 4  DC B N1    
523 C C2    . DC B 5  ? 1.82053 2.27360 2.31852 -0.44565 -0.67116 -0.55241 4  DC B C2    
524 O O2    . DC B 5  ? 1.88208 2.13730 2.25379 -0.45891 -0.64649 -0.62295 4  DC B O2    
525 N N3    . DC B 5  ? 1.78131 2.39199 2.33193 -0.42469 -0.67867 -0.59529 4  DC B N3    
526 C C4    . DC B 5  ? 1.71680 2.53813 2.40689 -0.40977 -0.70267 -0.51335 4  DC B C4    
527 N N4    . DC B 5  ? 1.68395 2.65176 2.42144 -0.38765 -0.70521 -0.55835 4  DC B N4    
528 C C5    . DC B 5  ? 1.68501 2.57481 2.47209 -0.41621 -0.72329 -0.38084 4  DC B C5    
529 C C6    . DC B 5  ? 1.72490 2.45570 2.45571 -0.43762 -0.71665 -0.34104 4  DC B C6    
530 P P     . DA B 6  ? 2.20718 1.84857 2.53379 -0.54138 -0.67071 -0.20876 5  DA B P     
531 O OP1   . DA B 6  ? 2.19541 1.66370 2.38760 -0.54818 -0.62008 -0.29933 5  DA B OP1   
532 O OP2   . DA B 6  ? 2.26098 2.14740 2.71747 -0.53502 -0.65396 -0.09041 5  DA B OP2   
533 O "O5'" . DA B 6  ? 2.26738 1.60301 2.54316 -0.56251 -0.75133 -0.17405 5  DA B "O5'" 
534 C "C5'" . DA B 6  ? 2.29815 1.52826 2.52730 -0.55170 -0.78392 -0.24122 5  DA B "C5'" 
535 C "C4'" . DA B 6  ? 2.32197 1.48578 2.41753 -0.51736 -0.69175 -0.35577 5  DA B "C4'" 
536 O "O4'" . DA B 6  ? 2.25237 1.61909 2.40618 -0.51626 -0.70615 -0.43670 5  DA B "O4'" 
537 C "C3'" . DA B 6  ? 2.38828 1.37179 2.36719 -0.47292 -0.62906 -0.36669 5  DA B "C3'" 
538 O "O3'" . DA B 6  ? 2.38324 1.33066 2.27424 -0.45360 -0.52418 -0.43265 5  DA B "O3'" 
539 C "C2'" . DA B 6  ? 2.37021 1.43516 2.39395 -0.46563 -0.66848 -0.39960 5  DA B "C2'" 
540 C "C1'" . DA B 6  ? 2.29099 1.57743 2.38455 -0.48523 -0.68268 -0.47051 5  DA B "C1'" 
541 N N9    . DA B 6  ? 2.23102 1.70928 2.45574 -0.49065 -0.75848 -0.47012 5  DA B N9    
542 C C8    . DA B 6  ? 2.18088 1.79121 2.56168 -0.51175 -0.84679 -0.38201 5  DA B C8    
543 N N7    . DA B 6  ? 2.11270 1.93938 2.59917 -0.49391 -0.86755 -0.38819 5  DA B N7    
544 C C5    . DA B 6  ? 2.13034 1.92889 2.52635 -0.47697 -0.82444 -0.50575 5  DA B C5    
545 C C6    . DA B 6  ? 2.08936 2.04210 2.52323 -0.45498 -0.82002 -0.56879 5  DA B C6    
546 N N6    . DA B 6  ? 2.01445 2.19773 2.60318 -0.44278 -0.86214 -0.52408 5  DA B N6    
547 N N1    . DA B 6  ? 2.13090 2.00071 2.42540 -0.43930 -0.74455 -0.65362 5  DA B N1    
548 C C2    . DA B 6  ? 2.19434 1.86951 2.33651 -0.44416 -0.67237 -0.66687 5  DA B C2    
549 N N3    . DA B 6  ? 2.22654 1.76716 2.33185 -0.45693 -0.66096 -0.62181 5  DA B N3    
550 C C4    . DA B 6  ? 2.20043 1.79516 2.43030 -0.47289 -0.74421 -0.54535 5  DA B C4    
551 O "O5'" . DT C 1  ? 3.04865 3.30415 1.99999 1.65653  -0.87390 -0.93505 1  DT C "O5'" 
552 C "C5'" . DT C 1  ? 2.96149 3.38636 2.06019 1.64353  -0.87304 -1.00247 1  DT C "C5'" 
553 C "C4'" . DT C 1  ? 3.02845 3.45098 2.13554 1.67636  -0.91056 -1.04382 1  DT C "C4'" 
554 O "O4'" . DT C 1  ? 2.91646 3.51398 2.18317 1.64052  -0.90578 -1.09698 1  DT C "O4'" 
555 C "C3'" . DT C 1  ? 3.08458 3.35442 2.07616 1.66283  -0.92108 -0.98712 1  DT C "C3'" 
556 O "O3'" . DT C 1  ? 3.18643 3.42521 2.15626 1.72565  -0.96367 -1.03383 1  DT C "O3'" 
557 C "C2'" . DT C 1  ? 2.94671 3.30816 2.01927 1.54607  -0.89073 -0.95823 1  DT C "C2'" 
558 C "C1'" . DT C 1  ? 2.86154 3.43815 2.12270 1.60568  -0.89908 -1.07545 1  DT C "C1'" 
559 N N1    . DT C 1  ? 2.69650 3.41945 2.08503 1.52557  -0.85684 -1.08058 1  DT C N1    
560 C C2    . DT C 1  ? 2.60913 3.49352 2.14375 1.49200  -0.85578 -1.14556 1  DT C C2    
561 O O2    . DT C 1  ? 2.66004 3.57574 2.22358 1.52038  -0.88982 -1.19776 1  DT C O2    
562 N N3    . DT C 1  ? 2.46286 3.46658 2.10456 1.40911  -0.80916 -1.14542 1  DT C N3    
563 C C4    . DT C 1  ? 2.39584 3.37760 2.01313 1.36273  -0.76911 -1.08589 1  DT C C4    
564 O O4    . DT C 1  ? 2.26417 3.36025 1.98555 1.29098  -0.72826 -1.09142 1  DT C O4    
565 C C5    . DT C 1  ? 2.49252 3.30587 1.95360 1.39159  -0.77691 -1.01235 1  DT C C5    
566 C C7    . DT C 1  ? 2.42944 3.20874 1.85522 1.32544  -0.73981 -0.93108 1  DT C C7    
567 C C6    . DT C 1  ? 2.63623 3.32924 1.99248 1.46719  -0.81760 -1.01398 1  DT C C6    
568 P P     . DC C 2  ? 3.24272 3.28557 2.05106 1.68456  -0.97897 -0.95766 2  DC C P     
569 O OP1   . DC C 2  ? 3.39378 3.32809 2.10914 1.79083  -1.01137 -0.98457 2  DC C OP1   
570 O OP2   . DC C 2  ? 3.18962 3.14552 1.92610 1.54398  -0.94010 -0.83147 2  DC C OP2   
571 O "O5'" . DC C 2  ? 3.22573 3.34328 2.09712 1.66189  -0.99635 -1.00874 2  DC C "O5'" 
572 C "C5'" . DC C 2  ? 3.13343 3.46478 2.18738 1.69862  -1.00753 -1.10811 2  DC C "C5'" 
573 C "C4'" . DC C 2  ? 3.08813 3.46663 2.17889 1.58665  -0.98390 -1.12743 2  DC C "C4'" 
574 O "O4'" . DC C 2  ? 2.92947 3.44710 2.14157 1.49687  -0.93488 -1.13653 2  DC C "O4'" 
575 C "C3'" . DC C 2  ? 3.16091 3.34885 2.08355 1.48528  -0.96237 -1.04542 2  DC C "C3'" 
576 O "O3'" . DC C 2  ? 3.17540 3.38323 2.11980 1.42531  -0.94669 -1.09669 2  DC C "O3'" 
577 C "C2'" . DC C 2  ? 3.04416 3.24171 1.96911 1.36883  -0.91198 -0.97319 2  DC C "C2'" 
578 C "C1'" . DC C 2  ? 2.90780 3.32442 2.02791 1.35804  -0.88861 -1.06287 2  DC C "C1'" 
579 N N1    . DC C 2  ? 2.77143 3.26236 1.95251 1.28892  -0.84745 -1.02413 2  DC C N1    
580 C C2    . DC C 2  ? 2.63925 3.28805 1.96660 1.21514  -0.80436 -1.07699 2  DC C C2    
581 O O2    . DC C 2  ? 2.63882 3.35969 2.04508 1.20275  -0.79675 -1.15352 2  DC C O2    
582 N N3    . DC C 2  ? 2.51652 3.23053 1.89750 1.15438  -0.76760 -1.04013 2  DC C N3    
583 C C4    . DC C 2  ? 2.52394 3.15059 1.81771 1.15895  -0.77153 -0.95195 2  DC C C4    
584 N N4    . DC C 2  ? 2.40206 3.09586 1.75260 1.09397  -0.73381 -0.91554 2  DC C N4    
585 C C5    . DC C 2  ? 2.65636 3.11982 1.80575 1.22243  -0.80895 -0.89412 2  DC C C5    
586 C C6    . DC C 2  ? 2.77671 3.17677 1.87352 1.28859  -0.84614 -0.93403 2  DC C C6    
587 P P     . DT C 3  ? 3.29301 3.42003 2.17295 1.49284  -0.98692 -1.13846 3  DT C P     
588 O OP1   . DT C 3  ? 3.31835 3.54916 2.28602 1.63670  -1.04366 -1.20362 3  DT C OP1   
589 O OP2   . DT C 3  ? 3.40962 3.31377 2.09188 1.46317  -0.99352 -1.04632 3  DT C OP2   
590 O "O5'" . DT C 3  ? 3.24898 3.45498 2.21628 1.39523  -0.93835 -1.20874 3  DT C "O5'" 
591 C "C5'" . DT C 3  ? 3.09682 3.46854 2.22089 1.32139  -0.88847 -1.24911 3  DT C "C5'" 
592 C "C4'" . DT C 3  ? 3.04038 3.34766 2.10989 1.16892  -0.82476 -1.19503 3  DT C "C4'" 
593 O "O4'" . DT C 3  ? 2.91759 3.29052 2.03150 1.12953  -0.80404 -1.14959 3  DT C "O4'" 
594 C "C3'" . DT C 3  ? 3.15008 3.24099 2.01357 1.12353  -0.83169 -1.10365 3  DT C "C3'" 
595 O "O3'" . DT C 3  ? 3.23491 3.24953 2.04906 1.07913  -0.81403 -1.13647 3  DT C "O3'" 
596 C "C2'" . DT C 3  ? 3.05287 3.12075 1.87992 1.00027  -0.78912 -1.01892 3  DT C "C2'" 
597 C "C1'" . DT C 3  ? 2.89915 3.16638 1.90952 0.99952  -0.76364 -1.07020 3  DT C "C1'" 
598 N N1    . DT C 3  ? 2.81698 3.08798 1.80951 0.97403  -0.75973 -0.98669 3  DT C N1    
599 C C2    . DT C 3  ? 2.66853 3.06844 1.77859 0.89759  -0.71250 -0.99683 3  DT C C2    
600 O O2    . DT C 3  ? 2.59739 3.11100 1.83195 0.85120  -0.67229 -1.07026 3  DT C O2    
601 N N3    . DT C 3  ? 2.60563 2.99401 1.68737 0.87579  -0.71113 -0.91249 3  DT C N3    
602 C C4    . DT C 3  ? 2.67290 2.93409 1.63014 0.91461  -0.74572 -0.81646 3  DT C C4    
603 O O4    . DT C 3  ? 2.60528 2.86534 1.55672 0.88146  -0.73460 -0.73960 3  DT C O4    
604 C C5    . DT C 3  ? 2.82671 2.95420 1.66965 0.99157  -0.79030 -0.80943 3  DT C C5    
605 C C7    . DT C 3  ? 2.90640 2.88657 1.62551 1.02961  -0.81894 -0.70581 3  DT C C7    
606 C C6    . DT C 3  ? 2.89215 3.03032 1.75293 1.01990  -0.79801 -0.89495 3  DT C C6    
607 P P     . DG C 4  ? 3.25628 3.38256 2.20480 0.99505  -0.75181 -1.22378 4  DG C P     
608 O OP1   . DG C 4  ? 3.24626 3.52023 2.34706 1.09033  -0.77258 -1.32088 4  DG C OP1   
609 O OP2   . DG C 4  ? 3.35707 3.33504 2.18210 0.91347  -0.72707 -1.20194 4  DG C OP2   
610 O "O5'" . DG C 4  ? 3.09591 3.31649 2.12598 0.88429  -0.69560 -1.19987 4  DG C "O5'" 
611 C "C5'" . DG C 4  ? 2.98028 3.37826 2.19972 0.85628  -0.65344 -1.27741 4  DG C "C5'" 
612 C "C4'" . DG C 4  ? 2.86860 3.28839 2.11473 0.71216  -0.58580 -1.24699 4  DG C "C4'" 
613 O "O4'" . DG C 4  ? 2.80516 3.20694 1.99971 0.68821  -0.59303 -1.16403 4  DG C "O4'" 
614 C "C3'" . DG C 4  ? 2.92620 3.20941 2.05719 0.59671  -0.54661 -1.21704 4  DG C "C3'" 
615 O "O3'" . DG C 4  ? 2.81955 3.18866 2.05909 0.49156  -0.47993 -1.24378 4  DG C "O3'" 
616 C "C2'" . DG C 4  ? 2.94859 3.09643 1.91221 0.55210  -0.56478 -1.10324 4  DG C "C2'" 
617 C "C1'" . DG C 4  ? 2.82102 3.08956 1.87850 0.56855  -0.56623 -1.08290 4  DG C "C1'" 
618 N N9    . DG C 4  ? 2.84326 3.02088 1.77732 0.58931  -0.60598 -0.98104 4  DG C N9    
619 C C8    . DG C 4  ? 2.97365 3.00764 1.76046 0.65766  -0.65988 -0.92511 4  DG C C8    
620 N N7    . DG C 4  ? 2.96036 2.93957 1.67336 0.65932  -0.68167 -0.82493 4  DG C N7    
621 C C5    . DG C 4  ? 2.80905 2.90634 1.62335 0.58818  -0.64180 -0.81865 4  DG C C5    
622 C C6    . DG C 4  ? 2.72725 2.83195 1.52962 0.55304  -0.63946 -0.72612 4  DG C C6    
623 O O6    . DG C 4  ? 2.76670 2.77283 1.47261 0.57439  -0.66841 -0.62464 4  DG C O6    
624 N N1    . DG C 4  ? 2.58267 2.82532 1.51317 0.48239  -0.59228 -0.75546 4  DG C N1    
625 C C2    . DG C 4  ? 2.52267 2.87997 1.58454 0.44980  -0.54929 -0.85674 4  DG C C2    
626 N N2    . DG C 4  ? 2.37999 2.85885 1.56207 0.38366  -0.50434 -0.86506 4  DG C N2    
627 N N3    . DG C 4  ? 2.59589 2.94702 1.67717 0.47830  -0.54731 -0.93760 4  DG C N3    
628 C C4    . DG C 4  ? 2.73849 2.95806 1.68924 0.54718  -0.59581 -0.91544 4  DG C C4    
629 P P     . DA C 5  ? 2.85593 3.13541 2.04241 0.37890  -0.42869 -1.24932 5  DA C P     
630 O OP1   . DA C 5  ? 2.84708 3.23383 2.17867 0.40830  -0.40725 -1.34360 5  DA C OP1   
631 O OP2   . DA C 5  ? 2.99219 3.08086 1.97834 0.36684  -0.45572 -1.19329 5  DA C OP2   
632 O "O5'" . DA C 5  ? 2.72881 3.03511 1.94100 0.24693  -0.37483 -1.19660 5  DA C "O5'" 
633 C "C5'" . DA C 5  ? 2.57857 3.05900 1.96539 0.24702  -0.35056 -1.22082 5  DA C "C5'" 
634 C "C4'" . DA C 5  ? 2.48428 2.95086 1.83468 0.15844  -0.33134 -1.13564 5  DA C "C4'" 
635 O "O4'" . DA C 5  ? 2.52871 2.92254 1.75928 0.20924  -0.38416 -1.07157 5  DA C "O4'" 
636 C "C3'" . DA C 5  ? 2.49465 2.84171 1.74324 0.02339  -0.29410 -1.07384 5  DA C "C3'" 
637 O "O3'" . DA C 5  ? 2.34443 2.80345 1.72794 -0.05738 -0.23984 -1.06514 5  DA C "O3'" 
638 C "C2'" . DA C 5  ? 2.55592 2.75488 1.61053 -0.00093 -0.33251 -0.97151 5  DA C "C2'" 
639 C "C1'" . DA C 5  ? 2.52705 2.80335 1.61997 0.10522  -0.37615 -0.97020 5  DA C "C1'" 
640 N N9    . DA C 5  ? 2.63677 2.78346 1.56164 0.15707  -0.43422 -0.90427 5  DA C N9    
641 C C8    . DA C 5  ? 2.77974 2.81781 1.60098 0.21698  -0.46945 -0.91654 5  DA C C8    
642 N N7    . DA C 5  ? 2.84992 2.78396 1.53924 0.26317  -0.52006 -0.83372 5  DA C N7    
643 C C5    . DA C 5  ? 2.74543 2.72532 1.45200 0.22661  -0.51619 -0.76189 5  DA C C5    
644 C C6    . DA C 5  ? 2.74771 2.66410 1.36618 0.24442  -0.55089 -0.64736 5  DA C C6    
645 N N6    . DA C 5  ? 2.86411 2.64697 1.35841 0.30864  -0.59718 -0.58117 5  DA C N6    
646 N N1    . DA C 5  ? 2.62343 2.61508 1.29726 0.19244  -0.53163 -0.59663 5  DA C N1    
647 C C2    . DA C 5  ? 2.50839 2.62436 1.31294 0.13213  -0.48399 -0.65862 5  DA C C2    
648 N N3    . DA C 5  ? 2.49081 2.67528 1.39672 0.11383  -0.44649 -0.76148 5  DA C N3    
649 C C4    . DA C 5  ? 2.61462 2.72541 1.46299 0.16108  -0.46449 -0.80825 5  DA C C4    
650 P P     . DT C 6  ? 2.41311 2.79573 1.74537 -0.19642 -0.19791 -0.98815 6  DT C P     
651 O OP1   . DT C 6  ? 2.28413 2.82521 1.81315 -0.24895 -0.13289 -1.02169 6  DT C OP1   
652 O OP2   . DT C 6  ? 2.56967 2.77487 1.73484 -0.21792 -0.21694 -0.96858 6  DT C OP2   
653 O "O5'" . DT C 6  ? 2.38955 2.73992 1.64994 -0.23189 -0.21502 -0.88700 6  DT C "O5'" 
654 C "C5'" . DT C 6  ? 2.26331 2.74671 1.63191 -0.19038 -0.21659 -0.89346 6  DT C "C5'" 
655 C "C4'" . DT C 6  ? 2.26534 2.69529 1.54721 -0.23649 -0.23117 -0.78270 6  DT C "C4'" 
656 O "O4'" . DT C 6  ? 2.38619 2.68077 1.48458 -0.17175 -0.29993 -0.74115 6  DT C "O4'" 
657 C "C3'" . DT C 6  ? 2.27221 2.64242 1.52125 -0.36752 -0.18733 -0.68911 6  DT C "C3'" 
658 O "O3'" . DT C 6  ? 2.15043 2.61147 1.48942 -0.42778 -0.14935 -0.62515 6  DT C "O3'" 
659 C "C2'" . DT C 6  ? 2.41709 2.60454 1.45410 -0.36209 -0.23711 -0.60953 6  DT C "C2'" 
660 C "C1'" . DT C 6  ? 2.45736 2.62215 1.41609 -0.24235 -0.30877 -0.62479 6  DT C "C1'" 
661 N N1    . DT C 6  ? 2.60478 2.59829 1.35995 -0.18483 -0.37094 -0.60068 6  DT C N1    
662 C C2    . DT C 6  ? 2.62208 2.55584 1.27059 -0.13471 -0.41789 -0.50557 6  DT C C2    
663 O O2    . DT C 6  ? 2.54134 2.53662 1.23692 -0.15065 -0.40824 -0.43537 6  DT C O2    
664 N N3    . DT C 6  ? 2.67496 2.58028 1.23016 -0.12275 -0.43076 -0.48106 6  DT C N3    
665 C C4    . DT C 6  ? 2.77062 2.59595 1.27465 -0.10314 -0.43678 -0.55074 6  DT C C4    
666 O O4    . DT C 6  ? 2.87716 2.57070 1.27324 -0.04027 -0.47511 -0.50844 6  DT C O4    
667 C C5    . DT C 6  ? 2.78716 2.62705 1.35734 -0.15184 -0.39862 -0.65642 6  DT C C5    
668 C C7    . DT C 6  ? 2.86562 2.66081 1.42373 -0.12357 -0.39355 -0.73930 6  DT C C7    
669 C C6    . DT C 6  ? 2.69055 2.62396 1.40339 -0.17049 -0.37124 -0.67239 6  DT C C6    
670 P P     . DG C 7  ? 2.34774 2.77412 1.68394 -0.57559 -0.08259 -0.50360 7  DG C P     
671 O OP1   . DG C 7  ? 2.15655 2.73601 1.65969 -0.62040 -0.01778 -0.50271 7  DG C OP1   
672 O OP2   . DG C 7  ? 2.43126 2.76825 1.71331 -0.63364 -0.05795 -0.49940 7  DG C OP2   
673 O "O5'" . DG C 7  ? 2.41455 2.71960 1.60070 -0.58018 -0.12338 -0.37737 7  DG C "O5'" 
674 C "C5'" . DG C 7  ? 2.39291 2.74080 1.57982 -0.49836 -0.16868 -0.37304 7  DG C "C5'" 
675 C "C4'" . DG C 7  ? 2.46702 2.67619 1.51304 -0.49764 -0.20107 -0.23704 7  DG C "C4'" 
676 O "O4'" . DG C 7  ? 2.60542 2.68515 1.49889 -0.41939 -0.25962 -0.24566 7  DG C "O4'" 
677 C "C3'" . DG C 7  ? 2.43587 2.56060 1.47661 -0.63894 -0.14243 -0.09553 7  DG C "C3'" 
678 O "O3'" . DG C 7  ? 2.39089 2.47476 1.43592 -0.63061 -0.15438 0.00990  7  DG C "O3'" 
679 C "C2'" . DG C 7  ? 2.56484 2.52868 1.47611 -0.65065 -0.15823 -0.06637 7  DG C "C2'" 
680 C "C1'" . DG C 7  ? 2.66620 2.59373 1.47411 -0.49686 -0.23811 -0.11668 7  DG C "C1'" 
681 N N9    . DG C 7  ? 2.78452 2.61161 1.48032 -0.46189 -0.26644 -0.15642 7  DG C N9    
682 C C8    . DG C 7  ? 2.81670 2.66792 1.53165 -0.48375 -0.24942 -0.25901 7  DG C C8    
683 N N7    . DG C 7  ? 2.92335 2.66328 1.52029 -0.43907 -0.28311 -0.27476 7  DG C N7    
684 C C5    . DG C 7  ? 2.94166 2.58383 1.44260 -0.38367 -0.32297 -0.17266 7  DG C C5    
685 C C6    . DG C 7  ? 3.01588 2.52350 1.39085 -0.32164 -0.36401 -0.13425 7  DG C C6    
686 O O6    . DG C 7  ? 3.10706 2.54219 1.40582 -0.30515 -0.37853 -0.18516 7  DG C O6    
687 N N1    . DG C 7  ? 2.96217 2.42655 1.32682 -0.27509 -0.38225 -0.02807 7  DG C N1    
688 C C2    . DG C 7  ? 2.85550 2.39397 1.31479 -0.28394 -0.36343 0.02784  7  DG C C2    
689 N N2    . DG C 7  ? 2.78968 2.29456 1.26342 -0.22889 -0.37341 0.11121  7  DG C N2    
690 N N3    . DG C 7  ? 2.80559 2.45406 1.35953 -0.34219 -0.33104 -0.00392 7  DG C N3    
691 C C4    . DG C 7  ? 2.85135 2.54875 1.42186 -0.39246 -0.31177 -0.10206 7  DG C C4    
692 P P     . DT C 8  ? 2.60463 2.58009 1.70930 -0.73759 -0.13393 0.12625  8  DT C P     
693 O OP1   . DT C 8  ? 2.49161 2.51373 1.69489 -0.70940 -0.14499 0.16110  8  DT C OP1   
694 O OP2   . DT C 8  ? 2.52793 2.52321 1.70095 -0.84378 -0.10035 0.09921  8  DT C OP2   
695 O "O5'" . DT C 8  ? 2.69518 2.50378 1.68571 -0.66849 -0.17283 0.16646  8  DT C "O5'" 
696 C "C5'" . DT C 8  ? 2.60358 2.33275 1.65308 -0.69798 -0.18690 0.20685  8  DT C "C5'" 
697 C "C4'" . DT C 8  ? 2.65526 2.27450 1.61051 -0.61608 -0.21746 0.24859  8  DT C "C4'" 
698 O "O4'" . DT C 8  ? 2.75456 2.32494 1.58396 -0.54057 -0.22444 0.22689  8  DT C "O4'" 
699 C "C3'" . DT C 8  ? 2.60208 2.13293 1.55865 -0.68637 -0.24981 0.26901  8  DT C "C3'" 
700 O "O3'" . DT C 8  ? 2.58586 2.06687 1.51439 -0.62386 -0.27173 0.30799  8  DT C "O3'" 
701 C "C2'" . DT C 8  ? 2.69711 2.13534 1.56415 -0.69551 -0.24579 0.25708  8  DT C "C2'" 
702 C "C1'" . DT C 8  ? 2.78020 2.22318 1.55973 -0.56583 -0.23839 0.25444  8  DT C "C1'" 
703 N N1    . DT C 8  ? 2.90462 2.29594 1.57962 -0.56875 -0.23795 0.22089  8  DT C N1    
704 C C2    . DT C 8  ? 2.98444 2.27731 1.55416 -0.50249 -0.26665 0.23078  8  DT C C2    
705 O O2    . DT C 8  ? 2.97645 2.23070 1.54310 -0.44261 -0.28635 0.26834  8  DT C O2    
706 N N3    . DT C 8  ? 3.13510 2.36212 1.58853 -0.52770 -0.27482 0.18830  8  DT C N3    
707 C C4    . DT C 8  ? 3.19870 2.46854 1.64452 -0.60810 -0.24781 0.13034  8  DT C C4    
708 O O4    . DT C 8  ? 3.31865 2.54262 1.67516 -0.61388 -0.25161 0.07624  8  DT C O4    
709 C C5    . DT C 8  ? 3.09413 2.48442 1.66647 -0.68125 -0.20946 0.12658  8  DT C C5    
710 C C7    . DT C 8  ? 3.11274 2.59330 1.72444 -0.76960 -0.16259 0.05851  8  DT C C7    
711 C C6    . DT C 8  ? 2.96104 2.39658 1.63478 -0.66044 -0.21177 0.17428  8  DT C C6    
712 P P     . DG D 1  ? 2.78563 2.81771 1.58681 0.33205  -0.78394 -0.82461 10 DG D P     
713 O OP1   . DG D 1  ? 2.81284 2.85124 1.60393 0.30367  -0.76902 -0.85468 10 DG D OP1   
714 O OP2   . DG D 1  ? 2.76284 2.87346 1.56983 0.32947  -0.77927 -0.81210 10 DG D OP2   
715 O "O5'" . DG D 1  ? 2.73397 2.77347 1.62850 0.41221  -0.83147 -0.81946 10 DG D "O5'" 
716 C "C5'" . DG D 1  ? 2.75142 2.72836 1.66432 0.42919  -0.84881 -0.83696 10 DG D "C5'" 
717 C "C4'" . DG D 1  ? 2.69958 2.71368 1.73202 0.50559  -0.90449 -0.84535 10 DG D "C4'" 
718 O "O4'" . DG D 1  ? 2.72778 2.67613 1.78205 0.51922  -0.92518 -0.87158 10 DG D "O4'" 
719 C "C3'" . DG D 1  ? 2.65057 2.78262 1.77806 0.53583  -0.92313 -0.86804 10 DG D "C3'" 
720 O "O3'" . DG D 1  ? 2.59023 2.80568 1.79037 0.58780  -0.95504 -0.83469 10 DG D "O3'" 
721 C "C2'" . DG D 1  ? 2.65503 2.77252 1.86820 0.56954  -0.95910 -0.91547 10 DG D "C2'" 
722 C "C1'" . DG D 1  ? 2.71698 2.71700 1.85284 0.54071  -0.94401 -0.91849 10 DG D "C1'" 
723 N N9    . DG D 1  ? 2.77217 2.75493 1.83348 0.48838  -0.90070 -0.94380 10 DG D N9    
724 C C8    . DG D 1  ? 2.82514 2.75511 1.76415 0.42627  -0.85455 -0.92309 10 DG D C8    
725 N N7    . DG D 1  ? 2.87155 2.80782 1.76802 0.39406  -0.82816 -0.95015 10 DG D N7    
726 C C5    . DG D 1  ? 2.84848 2.84240 1.84425 0.43818  -0.85495 -0.99527 10 DG D C5    
727 C C6    . DG D 1  ? 2.88340 2.91232 1.88547 0.43542  -0.84332 -1.04190 10 DG D C6    
728 O O6    . DG D 1  ? 2.94342 2.96207 1.85672 0.39327  -0.80743 -1.04765 10 DG D O6    
729 N N1    . DG D 1  ? 2.84628 2.93208 1.97906 0.49362  -0.88261 -1.08826 10 DG D N1    
730 C C2    . DG D 1  ? 2.78295 2.89075 2.02976 0.54641  -0.93245 -1.08621 10 DG D C2    
731 N N2    . DG D 1  ? 2.75717 2.92237 2.14095 0.59855  -0.97325 -1.14089 10 DG D N2    
732 N N3    . DG D 1  ? 2.75057 2.83077 1.98556 0.55090  -0.94532 -1.03612 10 DG D N3    
733 C C4    . DG D 1  ? 2.78690 2.80854 1.89041 0.49523  -0.90172 -0.99391 10 DG D C4    
734 P P     . DG D 2  ? 2.58830 2.96044 1.83445 0.59626  -0.94759 -0.82351 11 DG D P     
735 O OP1   . DG D 2  ? 2.52833 2.98963 1.85541 0.65665  -0.97969 -0.76935 11 DG D OP1   
736 O OP2   . DG D 2  ? 2.63101 2.99084 1.76302 0.52260  -0.89042 -0.82747 11 DG D OP2   
737 O "O5'" . DG D 2  ? 2.56238 3.00498 1.91891 0.62294  -0.97503 -0.86908 11 DG D "O5'" 
738 C "C5'" . DG D 2  ? 2.52798 2.98036 2.02962 0.68578  -1.03906 -0.87974 11 DG D "C5'" 
739 C "C4'" . DG D 2  ? 2.57331 3.09206 2.17576 0.70055  -1.05794 -0.93589 11 DG D "C4'" 
740 O "O4'" . DG D 2  ? 2.67303 3.08214 2.16960 0.65206  -1.01945 -0.99385 11 DG D "O4'" 
741 C "C3'" . DG D 2  ? 2.54708 3.22175 2.19335 0.69450  -1.02449 -0.91262 11 DG D "C3'" 
742 O "O3'" . DG D 2  ? 2.49375 3.25426 2.36907 0.73444  -1.01876 -0.88034 11 DG D "O3'" 
743 C "C2'" . DG D 2  ? 2.65875 3.28619 2.15502 0.63085  -0.97749 -0.97020 11 DG D "C2'" 
744 C "C1'" . DG D 2  ? 2.71508 3.19942 2.18505 0.62362  -0.98237 -1.01946 11 DG D "C1'" 
745 N N9    . DG D 2  ? 2.73706 3.12772 2.05145 0.55275  -0.92065 -1.02094 11 DG D N9    
746 C C8    . DG D 2  ? 2.70754 3.02173 1.89993 0.50187  -0.88524 -0.97595 11 DG D C8    
747 N N7    . DG D 2  ? 2.77128 3.02586 1.86075 0.44362  -0.84230 -0.98224 11 DG D N7    
748 C C5    . DG D 2  ? 2.78469 3.07938 1.91908 0.45875  -0.84433 -1.03294 11 DG D C5    
749 C C6    . DG D 2  ? 2.84930 3.12252 1.91283 0.42087  -0.80970 -1.05752 11 DG D C6    
750 O O6    . DG D 2  ? 2.90761 3.12111 1.85533 0.36337  -0.77380 -1.03641 11 DG D O6    
751 N N1    . DG D 2  ? 2.84644 3.18268 1.99224 0.46045  -0.82384 -1.11481 11 DG D N1    
752 C C2    . DG D 2  ? 2.86583 3.27304 2.15682 0.52587  -0.87041 -1.14867 11 DG D C2    
753 N N2    . DG D 2  ? 2.92349 3.38298 2.28810 0.55780  -0.87910 -1.21330 11 DG D N2    
754 N N3    . DG D 2  ? 2.84177 3.27397 2.20834 0.56075  -0.90982 -1.12249 11 DG D N3    
755 C C4    . DG D 2  ? 2.78437 3.15874 2.05933 0.52534  -0.89147 -1.06264 11 DG D C4    
756 P P     . DC D 3  ? 2.43536 3.38820 2.43301 0.74925  -0.98226 -0.81137 12 DC D P     
757 O OP1   . DC D 3  ? 2.32012 3.34846 2.56899 0.81009  -0.99089 -0.72390 12 DC D OP1   
758 O OP2   . DC D 3  ? 2.42121 3.43019 2.25088 0.71597  -0.96673 -0.79960 12 DC D OP2   
759 O "O5'" . DC D 3  ? 2.53462 3.50974 2.55163 0.72930  -0.95578 -0.87404 12 DC D "O5'" 
760 C "C5'" . DC D 3  ? 2.62124 3.49190 2.68453 0.73792  -0.97206 -0.94425 12 DC D "C5'" 
761 C "C4'" . DC D 3  ? 2.70950 3.63201 2.78425 0.72413  -0.93909 -0.99510 12 DC D "C4'" 
762 O "O4'" . DC D 3  ? 2.81153 3.64544 2.66344 0.67673  -0.93592 -1.08048 12 DC D "O4'" 
763 C "C3'" . DC D 3  ? 2.64668 3.73958 2.76258 0.71682  -0.89770 -0.93750 12 DC D "C3'" 
764 O "O3'" . DC D 3  ? 2.67336 3.83630 2.94982 0.74101  -0.87312 -0.94596 12 DC D "O3'" 
765 C "C2'" . DC D 3  ? 2.69918 3.77482 2.57006 0.65382  -0.88227 -0.98296 12 DC D "C2'" 
766 C "C1'" . DC D 3  ? 2.80696 3.73275 2.56133 0.63715  -0.89782 -1.07712 12 DC D "C1'" 
767 N N1    . DC D 3  ? 2.80145 3.64213 2.31502 0.58382  -0.90225 -1.11275 12 DC D N1    
768 C C2    . DC D 3  ? 2.84411 3.61678 2.24996 0.53748  -0.85599 -1.14388 12 DC D C2    
769 O O2    . DC D 3  ? 2.90387 3.72132 2.36122 0.56022  -0.85720 -1.20225 12 DC D O2    
770 N N3    . DC D 3  ? 2.80644 3.47459 2.06647 0.47110  -0.81412 -1.10551 12 DC D N3    
771 C C4    . DC D 3  ? 2.75058 3.37262 1.96599 0.45145  -0.81464 -1.05260 12 DC D C4    
772 N N4    . DC D 3  ? 2.75281 3.27425 1.83983 0.38654  -0.77940 -1.02318 12 DC D N4    
773 C C5    . DC D 3  ? 2.71717 3.40375 2.02434 0.50120  -0.85478 -1.02730 12 DC D C5    
774 C C6    . DC D 3  ? 2.73384 3.53379 2.18861 0.56635  -0.89945 -1.05318 12 DC D C6    
775 P P     . DT D 4  ? 2.58248 3.94467 2.98797 0.75343  -0.83095 -0.86794 13 DT D P     
776 O OP1   . DT D 4  ? 2.46597 3.88272 3.15273 0.81541  -0.83119 -0.80699 13 DT D OP1   
777 O OP2   . DT D 4  ? 2.51261 3.96043 2.79788 0.72502  -0.82496 -0.81640 13 DT D OP2   
778 O "O5'" . DT D 4  ? 2.71010 4.09120 3.04228 0.72457  -0.79758 -0.93900 13 DT D "O5'" 
779 C "C5'" . DT D 4  ? 2.85204 4.11662 2.96375 0.67930  -0.80434 -1.02951 13 DT D "C5'" 
780 C "C4'" . DT D 4  ? 2.97110 4.26561 3.06867 0.67129  -0.77157 -1.08838 13 DT D "C4'" 
781 O "O4'" . DT D 4  ? 3.05640 4.26567 2.92043 0.62163  -0.77240 -1.15783 13 DT D "O4'" 
782 C "C3'" . DT D 4  ? 2.93814 4.40708 3.09211 0.66156  -0.72744 -1.03630 13 DT D "C3'" 
783 O "O3'" . DT D 4  ? 3.01838 4.52222 3.25369 0.68289  -0.69818 -1.07634 13 DT D "O3'" 
784 C "C2'" . DT D 4  ? 2.96420 4.43917 2.89169 0.59321  -0.72024 -1.04875 13 DT D "C2'" 
785 C "C1'" . DT D 4  ? 3.02676 4.33221 2.78474 0.57194  -0.74233 -1.13316 13 DT D "C1'" 
786 N N1    . DT D 4  ? 2.95236 4.18456 2.52512 0.52368  -0.76323 -1.13177 13 DT D N1    
787 C C2    . DT D 4  ? 2.94787 4.10835 2.32849 0.47461  -0.75785 -1.18382 13 DT D C2    
788 O O2    . DT D 4  ? 2.99084 4.14836 2.33822 0.46892  -0.73358 -1.22568 13 DT D O2    
789 N N3    . DT D 4  ? 2.88132 3.93574 2.16004 0.42230  -0.74370 -1.12946 13 DT D N3    
790 C C4    . DT D 4  ? 2.82652 3.87972 2.12595 0.42891  -0.76489 -1.08306 13 DT D C4    
791 O O4    . DT D 4  ? 2.77980 3.73279 1.98562 0.38219  -0.74971 -1.04458 13 DT D O4    
792 C C5    . DT D 4  ? 2.81836 4.00103 2.27421 0.49644  -0.80351 -1.07272 13 DT D C5    
793 C C7    . DT D 4  ? 2.73672 3.94664 2.23077 0.51545  -0.82517 -1.01170 13 DT D C7    
794 C C6    . DT D 4  ? 2.87393 4.11985 2.47954 0.53246  -0.78495 -1.07372 13 DT D C6    
795 P P     . DG D 5  ? 2.79732 4.48888 3.12565 0.68302  -0.64846 -1.02293 14 DG D P     
796 O OP1   . DG D 5  ? 2.77746 4.48712 3.29283 0.73794  -0.62876 -1.04506 14 DG D OP1   
797 O OP2   . DG D 5  ? 2.65445 4.46878 3.03890 0.67911  -0.64825 -0.92394 14 DG D OP2   
798 O "O5'" . DG D 5  ? 2.94477 4.64472 3.05268 0.61982  -0.62680 -1.07011 14 DG D "O5'" 
799 C "C5'" . DG D 5  ? 3.04647 4.62590 3.01971 0.60909  -0.63174 -1.16208 14 DG D "C5'" 
800 C "C4'" . DG D 5  ? 3.03764 4.64717 2.81794 0.54504  -0.60922 -1.17857 14 DG D "C4'" 
801 O "O4'" . DG D 5  ? 2.95222 4.47917 2.56916 0.49555  -0.63787 -1.17574 14 DG D "O4'" 
802 C "C3'" . DG D 5  ? 3.03108 4.81861 2.85679 0.52095  -0.57048 -1.11910 14 DG D "C3'" 
803 O "O3'" . DG D 5  ? 3.05353 4.87536 2.78879 0.49572  -0.53694 -1.15496 14 DG D "O3'" 
804 C "C2'" . DG D 5  ? 2.93637 4.74343 2.66553 0.46782  -0.58969 -1.07556 14 DG D "C2'" 
805 C "C1'" . DG D 5  ? 2.90543 4.53610 2.46128 0.44155  -0.62162 -1.13114 14 DG D "C1'" 
806 N N9    . DG D 5  ? 2.81189 4.39841 2.31268 0.42079  -0.65496 -1.10259 14 DG D N9    
807 C C8    . DG D 5  ? 2.75539 4.38647 2.37648 0.45583  -0.67283 -1.04711 14 DG D C8    
808 N N7    . DG D 5  ? 2.68031 4.26054 2.20886 0.43201  -0.70053 -1.03580 14 DG D N7    
809 C C5    . DG D 5  ? 2.68553 4.17176 2.02896 0.37440  -0.70038 -1.08546 14 DG D C5    
810 C C6    . DG D 5  ? 2.63072 3.96954 1.86473 0.31829  -0.68830 -1.05078 14 DG D C6    
811 O O6    . DG D 5  ? 2.58401 3.89219 1.81763 0.31914  -0.70299 -1.01480 14 DG D O6    
812 N N1    . DG D 5  ? 2.69467 3.92596 1.81590 0.26123  -0.65861 -1.06085 14 DG D N1    
813 C C2    . DG D 5  ? 2.73019 3.99775 1.83855 0.26091  -0.63804 -1.09696 14 DG D C2    
814 N N2    . DG D 5  ? 2.81616 3.98512 1.81214 0.20694  -0.61377 -1.09402 14 DG D N2    
815 N N3    . DG D 5  ? 2.75640 4.15715 1.95799 0.31434  -0.64299 -1.13491 14 DG D N3    
816 C C4    . DG D 5  ? 2.75312 4.24840 2.07670 0.36698  -0.67309 -1.12364 14 DG D C4    
817 P P     . DT D 6  ? 3.12239 5.13426 2.93842 0.48723  -0.48886 -1.10729 15 DT D P     
818 O OP1   . DT D 6  ? 3.26172 5.28717 3.14405 0.53498  -0.45754 -1.15140 15 DT D OP1   
819 O OP2   . DT D 6  ? 3.03174 5.16274 2.98857 0.49890  -0.49135 -1.02608 15 DT D OP2   
820 O "O5'" . DT D 6  ? 3.06409 5.09924 2.69449 0.40489  -0.47981 -1.10752 15 DT D "O5'" 
821 C "C5'" . DT D 6  ? 3.02435 4.94213 2.48522 0.37787  -0.48433 -1.16614 15 DT D "C5'" 
822 C "C4'" . DT D 6  ? 2.94704 4.85552 2.25958 0.29591  -0.49343 -1.14950 15 DT D "C4'" 
823 O "O4'" . DT D 6  ? 2.88562 4.70022 2.16253 0.28471  -0.53670 -1.14356 15 DT D "O4'" 
824 C "C3'" . DT D 6  ? 2.94637 5.02416 2.29936 0.25055  -0.47107 -1.09404 15 DT D "C3'" 
825 O "O3'" . DT D 6  ? 2.94527 5.07692 2.22443 0.21035  -0.43659 -1.09909 15 DT D "O3'" 
826 C "C2'" . DT D 6  ? 2.88305 4.93521 2.17559 0.20049  -0.50722 -1.07433 15 DT D "C2'" 
827 C "C1'" . DT D 6  ? 2.83644 4.69803 2.04375 0.21638  -0.54281 -1.11531 15 DT D "C1'" 
828 N N1    . DT D 6  ? 2.78472 4.61861 2.01525 0.22298  -0.58007 -1.09362 15 DT D N1    
829 C C2    . DT D 6  ? 2.72674 4.40614 1.86786 0.17106  -0.58427 -1.06858 15 DT D C2    
830 O O2    . DT D 6  ? 2.72291 4.29668 1.76448 0.11921  -0.56798 -1.06881 15 DT D O2    
831 N N3    . DT D 6  ? 2.68354 4.34491 1.86198 0.18698  -0.60915 -1.04053 15 DT D N3    
832 C C4    . DT D 6  ? 2.68280 4.47696 1.97912 0.24898  -0.63296 -1.02961 15 DT D C4    
833 O O4    . DT D 6  ? 2.63140 4.41348 1.95260 0.26368  -0.65288 -0.99847 15 DT D O4    
834 C C5    . DT D 6  ? 2.74847 4.66195 2.17200 0.29582  -0.61247 -1.02500 15 DT D C5    
835 C C7    . DT D 6  ? 2.74210 4.75778 2.35360 0.36144  -0.61126 -0.96817 15 DT D C7    
836 C C6    . DT D 6  ? 2.80369 4.71780 2.19242 0.28015  -0.58296 -1.05467 15 DT D C6    
837 P P     . DC D 7  ? 3.06579 5.15661 2.18883 0.12186  -0.44325 -1.09976 16 DC D P     
838 O OP1   . DC D 7  ? 3.02636 4.93221 2.03670 0.11645  -0.47757 -1.13550 16 DC D OP1   
839 O OP2   . DC D 7  ? 3.09356 5.26462 2.19043 0.10398  -0.39977 -1.09385 16 DC D OP2   
840 O "O5'" . DC D 7  ? 3.03148 5.23740 2.19726 0.06901  -0.45676 -1.05517 16 DC D "O5'" 
841 C "C5'" . DC D 7  ? 2.98537 5.23056 2.07763 -0.01563 -0.45486 -1.04347 16 DC D "C5'" 
842 C "C4'" . DC D 7  ? 2.94343 4.98629 1.91553 -0.05781 -0.47212 -1.05737 16 DC D "C4'" 
843 O "O4'" . DC D 7  ? 2.90667 4.80333 1.88823 -0.02146 -0.49963 -1.05833 16 DC D "O4'" 
844 C "C3'" . DC D 7  ? 2.89255 4.92993 1.82997 -0.14460 -0.47950 -1.03535 16 DC D "C3'" 
845 O "O3'" . DC D 7  ? 2.95945 4.83535 1.79195 -0.18186 -0.47869 -1.04203 16 DC D "O3'" 
846 C "C2'" . DC D 7  ? 2.82385 4.82011 1.80693 -0.13620 -0.50862 -1.02128 16 DC D "C2'" 
847 C "C1'" . DC D 7  ? 2.84462 4.69838 1.82104 -0.06706 -0.51948 -1.03396 16 DC D "C1'" 
848 N N1    . DC D 7  ? 2.82511 4.73366 1.88927 -0.01732 -0.53935 -1.02063 16 DC D N1    
849 C C2    . DC D 7  ? 2.77850 4.57898 1.82743 -0.02476 -0.56219 -1.00462 16 DC D C2    
850 O O2    . DC D 7  ? 2.78923 4.44126 1.75292 -0.07301 -0.56764 -1.00624 16 DC D O2    
851 N N3    . DC D 7  ? 2.75895 4.63368 1.88924 0.02540  -0.57841 -0.98710 16 DC D N3    
852 C C4    . DC D 7  ? 2.78643 4.83495 2.01621 0.08013  -0.57677 -0.98475 16 DC D C4    
853 N N4    . DC D 7  ? 2.75751 4.89410 2.07383 0.13206  -0.59624 -0.95983 16 DC D N4    
854 C C5    . DC D 7  ? 2.84472 4.99735 2.09321 0.08871  -0.55639 -1.00592 16 DC D C5    
855 C C6    . DC D 7  ? 2.85887 4.93606 2.01924 0.03950  -0.53590 -1.02350 16 DC D C6    
# 
